data_5WLQ
# 
_entry.id   5WLQ 
# 
_audit_conform.dict_name       mmcif_pdbx.dic 
_audit_conform.dict_version    5.379 
_audit_conform.dict_location   http://mmcif.pdb.org/dictionaries/ascii/mmcif_pdbx.dic 
# 
loop_
_database_2.database_id 
_database_2.database_code 
_database_2.pdbx_database_accession 
_database_2.pdbx_DOI 
PDB   5WLQ         pdb_00005wlq 10.2210/pdb5wlq/pdb 
WWPDB D_1000229222 ?            ?                   
# 
_pdbx_database_status.status_code                     REL 
_pdbx_database_status.status_code_sf                  REL 
_pdbx_database_status.status_code_mr                  ? 
_pdbx_database_status.entry_id                        5WLQ 
_pdbx_database_status.recvd_initial_deposition_date   2017-07-27 
_pdbx_database_status.SG_entry                        N 
_pdbx_database_status.deposit_site                    RCSB 
_pdbx_database_status.process_site                    RCSB 
_pdbx_database_status.status_code_cs                  ? 
_pdbx_database_status.methods_development_category    ? 
_pdbx_database_status.pdb_format_compatible           Y 
_pdbx_database_status.status_code_nmr_data            ? 
# 
loop_
_audit_author.name 
_audit_author.pdbx_ordinal 
_audit_author.identifier_ORCID 
'Andreas, M.P.' 1 ? 
'Ajay, G.'      2 ? 
'Gellings, J.'  3 ? 
'Rayment, I.'   4 ? 
# 
_citation.abstract                  ? 
_citation.abstract_id_CAS           ? 
_citation.book_id_ISBN              ? 
_citation.book_publisher            ? 
_citation.book_publisher_city       ? 
_citation.book_title                ? 
_citation.coordinate_linkage        ? 
_citation.country                   US 
_citation.database_id_Medline       ? 
_citation.details                   ? 
_citation.id                        primary 
_citation.journal_abbrev            'J. Struct. Biol.' 
_citation.journal_id_ASTM           JSBIEM 
_citation.journal_id_CSD            0803 
_citation.journal_id_ISSN           1095-8657 
_citation.journal_full              ? 
_citation.journal_issue             ? 
_citation.journal_volume            200 
_citation.language                  ? 
_citation.page_first                219 
_citation.page_last                 228 
_citation.title                     
;Design considerations in coiled-coil fusion constructs for the structural determination of a problematic region of the human cardiac myosin rod.
;
_citation.year                      2017 
_citation.database_id_CSD           ? 
_citation.pdbx_database_id_DOI      10.1016/j.jsb.2017.07.006 
_citation.pdbx_database_id_PubMed   28743637 
_citation.unpublished_flag          ? 
# 
loop_
_citation_author.citation_id 
_citation_author.name 
_citation_author.ordinal 
_citation_author.identifier_ORCID 
primary 'Andreas, M.P.'  1 ? 
primary 'Ajay, G.'       2 ? 
primary 'Gellings, J.A.' 3 ? 
primary 'Rayment, I.'    4 ? 
# 
_cell.angle_alpha                  90.00 
_cell.angle_alpha_esd              ? 
_cell.angle_beta                   90.00 
_cell.angle_beta_esd               ? 
_cell.angle_gamma                  120.00 
_cell.angle_gamma_esd              ? 
_cell.entry_id                     5WLQ 
_cell.details                      ? 
_cell.formula_units_Z              ? 
_cell.length_a                     141.756 
_cell.length_a_esd                 ? 
_cell.length_b                     141.756 
_cell.length_b_esd                 ? 
_cell.length_c                     87.381 
_cell.length_c_esd                 ? 
_cell.volume                       ? 
_cell.volume_esd                   ? 
_cell.Z_PDB                        12 
_cell.reciprocal_angle_alpha       ? 
_cell.reciprocal_angle_beta        ? 
_cell.reciprocal_angle_gamma       ? 
_cell.reciprocal_angle_alpha_esd   ? 
_cell.reciprocal_angle_beta_esd    ? 
_cell.reciprocal_angle_gamma_esd   ? 
_cell.reciprocal_length_a          ? 
_cell.reciprocal_length_b          ? 
_cell.reciprocal_length_c          ? 
_cell.reciprocal_length_a_esd      ? 
_cell.reciprocal_length_b_esd      ? 
_cell.reciprocal_length_c_esd      ? 
_cell.pdbx_unique_axis             ? 
# 
_symmetry.entry_id                         5WLQ 
_symmetry.cell_setting                     ? 
_symmetry.Int_Tables_number                178 
_symmetry.space_group_name_Hall            ? 
_symmetry.space_group_name_H-M             'P 61 2 2' 
_symmetry.pdbx_full_space_group_name_H-M   ? 
# 
loop_
_entity.id 
_entity.type 
_entity.src_method 
_entity.pdbx_description 
_entity.formula_weight 
_entity.pdbx_number_of_molecules 
_entity.pdbx_ec 
_entity.pdbx_mutation 
_entity.pdbx_fragment 
_entity.details 
1 polymer     man 'Capsid assembly scaffolding protein,Myosin-7,Microtubule-associated protein RP/EB family member 1' 20781.934 1 
? ? 'UNP P13848 residues 2-48 UNP Q15691 residues 208-256, UNP P12883 residues 1677-1755' ? 
2 non-polymer syn 'SULFATE ION'                                                                                       96.063    1 
? ? ?                                                                                     ? 
3 non-polymer syn 'trimethylamine oxide'                                                                              75.110    4 
? ? ?                                                                                     ? 
4 water       nat water                                                                                               18.015    8 
? ? ?                                                                                     ? 
# 
_entity_name_com.entity_id   1 
_entity_name_com.name        
;Gene product 7,gp7,Head morphogenesis protein,Protein p7,Scaffold protein,Myosin heavy chain 7,Myosin heavy chain slow isoform,MyHC-slow,Myosin heavy chain,cardiac muscle beta isoform,MyHC-beta,APC-binding protein EB1,End-binding protein 1,EB1
;
# 
_entity_poly.entity_id                      1 
_entity_poly.type                           'polypeptide(L)' 
_entity_poly.nstd_linkage                   no 
_entity_poly.nstd_monomer                   no 
_entity_poly.pdbx_seq_one_letter_code       
;GGSGPLKPEEHEDILNKLLDPELAQSERTEALQQLRVNYGSFVSEYNDLTKRNNLLQAELEELRAVVEQTERSRKLAEQE
LIETSERVQLLHSQNTSLINQKKKMDADLSQLQTEVEEAVQECRNAEEKAEDLEKERDFYFGKLRNIELICQENEGENDP
VLQRIVDILYATDEGFVIPD
;
_entity_poly.pdbx_seq_one_letter_code_can   
;GGSGPLKPEEHEDILNKLLDPELAQSERTEALQQLRVNYGSFVSEYNDLTKRNNLLQAELEELRAVVEQTERSRKLAEQE
LIETSERVQLLHSQNTSLINQKKKMDADLSQLQTEVEEAVQECRNAEEKAEDLEKERDFYFGKLRNIELICQENEGENDP
VLQRIVDILYATDEGFVIPD
;
_entity_poly.pdbx_strand_id                 A 
_entity_poly.pdbx_target_identifier         ? 
# 
loop_
_entity_poly_seq.entity_id 
_entity_poly_seq.num 
_entity_poly_seq.mon_id 
_entity_poly_seq.hetero 
1 1   GLY n 
1 2   GLY n 
1 3   SER n 
1 4   GLY n 
1 5   PRO n 
1 6   LEU n 
1 7   LYS n 
1 8   PRO n 
1 9   GLU n 
1 10  GLU n 
1 11  HIS n 
1 12  GLU n 
1 13  ASP n 
1 14  ILE n 
1 15  LEU n 
1 16  ASN n 
1 17  LYS n 
1 18  LEU n 
1 19  LEU n 
1 20  ASP n 
1 21  PRO n 
1 22  GLU n 
1 23  LEU n 
1 24  ALA n 
1 25  GLN n 
1 26  SER n 
1 27  GLU n 
1 28  ARG n 
1 29  THR n 
1 30  GLU n 
1 31  ALA n 
1 32  LEU n 
1 33  GLN n 
1 34  GLN n 
1 35  LEU n 
1 36  ARG n 
1 37  VAL n 
1 38  ASN n 
1 39  TYR n 
1 40  GLY n 
1 41  SER n 
1 42  PHE n 
1 43  VAL n 
1 44  SER n 
1 45  GLU n 
1 46  TYR n 
1 47  ASN n 
1 48  ASP n 
1 49  LEU n 
1 50  THR n 
1 51  LYS n 
1 52  ARG n 
1 53  ASN n 
1 54  ASN n 
1 55  LEU n 
1 56  LEU n 
1 57  GLN n 
1 58  ALA n 
1 59  GLU n 
1 60  LEU n 
1 61  GLU n 
1 62  GLU n 
1 63  LEU n 
1 64  ARG n 
1 65  ALA n 
1 66  VAL n 
1 67  VAL n 
1 68  GLU n 
1 69  GLN n 
1 70  THR n 
1 71  GLU n 
1 72  ARG n 
1 73  SER n 
1 74  ARG n 
1 75  LYS n 
1 76  LEU n 
1 77  ALA n 
1 78  GLU n 
1 79  GLN n 
1 80  GLU n 
1 81  LEU n 
1 82  ILE n 
1 83  GLU n 
1 84  THR n 
1 85  SER n 
1 86  GLU n 
1 87  ARG n 
1 88  VAL n 
1 89  GLN n 
1 90  LEU n 
1 91  LEU n 
1 92  HIS n 
1 93  SER n 
1 94  GLN n 
1 95  ASN n 
1 96  THR n 
1 97  SER n 
1 98  LEU n 
1 99  ILE n 
1 100 ASN n 
1 101 GLN n 
1 102 LYS n 
1 103 LYS n 
1 104 LYS n 
1 105 MET n 
1 106 ASP n 
1 107 ALA n 
1 108 ASP n 
1 109 LEU n 
1 110 SER n 
1 111 GLN n 
1 112 LEU n 
1 113 GLN n 
1 114 THR n 
1 115 GLU n 
1 116 VAL n 
1 117 GLU n 
1 118 GLU n 
1 119 ALA n 
1 120 VAL n 
1 121 GLN n 
1 122 GLU n 
1 123 CYS n 
1 124 ARG n 
1 125 ASN n 
1 126 ALA n 
1 127 GLU n 
1 128 GLU n 
1 129 LYS n 
1 130 ALA n 
1 131 GLU n 
1 132 ASP n 
1 133 LEU n 
1 134 GLU n 
1 135 LYS n 
1 136 GLU n 
1 137 ARG n 
1 138 ASP n 
1 139 PHE n 
1 140 TYR n 
1 141 PHE n 
1 142 GLY n 
1 143 LYS n 
1 144 LEU n 
1 145 ARG n 
1 146 ASN n 
1 147 ILE n 
1 148 GLU n 
1 149 LEU n 
1 150 ILE n 
1 151 CYS n 
1 152 GLN n 
1 153 GLU n 
1 154 ASN n 
1 155 GLU n 
1 156 GLY n 
1 157 GLU n 
1 158 ASN n 
1 159 ASP n 
1 160 PRO n 
1 161 VAL n 
1 162 LEU n 
1 163 GLN n 
1 164 ARG n 
1 165 ILE n 
1 166 VAL n 
1 167 ASP n 
1 168 ILE n 
1 169 LEU n 
1 170 TYR n 
1 171 ALA n 
1 172 THR n 
1 173 ASP n 
1 174 GLU n 
1 175 GLY n 
1 176 PHE n 
1 177 VAL n 
1 178 ILE n 
1 179 PRO n 
1 180 ASP n 
# 
loop_
_entity_src_gen.entity_id 
_entity_src_gen.pdbx_src_id 
_entity_src_gen.pdbx_alt_source_flag 
_entity_src_gen.pdbx_seq_type 
_entity_src_gen.pdbx_beg_seq_num 
_entity_src_gen.pdbx_end_seq_num 
_entity_src_gen.gene_src_common_name 
_entity_src_gen.gene_src_genus 
_entity_src_gen.pdbx_gene_src_gene 
_entity_src_gen.gene_src_species 
_entity_src_gen.gene_src_strain 
_entity_src_gen.gene_src_tissue 
_entity_src_gen.gene_src_tissue_fraction 
_entity_src_gen.gene_src_details 
_entity_src_gen.pdbx_gene_src_fragment 
_entity_src_gen.pdbx_gene_src_scientific_name 
_entity_src_gen.pdbx_gene_src_ncbi_taxonomy_id 
_entity_src_gen.pdbx_gene_src_variant 
_entity_src_gen.pdbx_gene_src_cell_line 
_entity_src_gen.pdbx_gene_src_atcc 
_entity_src_gen.pdbx_gene_src_organ 
_entity_src_gen.pdbx_gene_src_organelle 
_entity_src_gen.pdbx_gene_src_cell 
_entity_src_gen.pdbx_gene_src_cellular_location 
_entity_src_gen.host_org_common_name 
_entity_src_gen.pdbx_host_org_scientific_name 
_entity_src_gen.pdbx_host_org_ncbi_taxonomy_id 
_entity_src_gen.host_org_genus 
_entity_src_gen.pdbx_host_org_gene 
_entity_src_gen.pdbx_host_org_organ 
_entity_src_gen.host_org_species 
_entity_src_gen.pdbx_host_org_tissue 
_entity_src_gen.pdbx_host_org_tissue_fraction 
_entity_src_gen.pdbx_host_org_strain 
_entity_src_gen.pdbx_host_org_variant 
_entity_src_gen.pdbx_host_org_cell_line 
_entity_src_gen.pdbx_host_org_atcc 
_entity_src_gen.pdbx_host_org_culture_collection 
_entity_src_gen.pdbx_host_org_cell 
_entity_src_gen.pdbx_host_org_organelle 
_entity_src_gen.pdbx_host_org_cellular_location 
_entity_src_gen.pdbx_host_org_vector_type 
_entity_src_gen.pdbx_host_org_vector 
_entity_src_gen.host_org_details 
_entity_src_gen.expression_system_id 
_entity_src_gen.plasmid_name 
_entity_src_gen.plasmid_details 
_entity_src_gen.pdbx_description 
1 1 sample 'Biological sequence' 1   51  ?     ? ?             ? ? ? ? ? ? 'Bacillus phage phi29' 10756 ? ? ? ? ? ? ? ? 
'Escherichia coli' 562 ? ? ? ? ? ? ? ? ? ? ? ? ? ? ? ? ? ? ? ? ? 
1 2 sample 'Biological sequence' 52  130 Human ? 'MYH7, MYHCB' ? ? ? ? ? ? 'Homo sapiens'         9606  ? ? ? ? ? ? ? ? 
'Escherichia coli' 562 ? ? ? ? ? ? ? ? ? ? ? ? ? ? ? ? ? ? ? ? ? 
1 3 sample 'Biological sequence' 131 180 Human ? MAPRE1        ? ? ? ? ? ? 'Homo sapiens'         9606  ? ? ? ? ? ? ? ? 
'Escherichia coli' 562 ? ? ? ? ? ? ? ? ? ? ? ? ? ? ? ? ? ? ? ? ? 
# 
loop_
_struct_ref.id 
_struct_ref.db_name 
_struct_ref.db_code 
_struct_ref.pdbx_db_accession 
_struct_ref.pdbx_db_isoform 
_struct_ref.entity_id 
_struct_ref.pdbx_seq_one_letter_code 
_struct_ref.pdbx_align_begin 
1 UNP SCAF_BPPH2  P13848 ? 1 PLKPEEHEDILNKLLDPELAQSERTEALQQLRVNYGSFVSEYNDLTK                                 2    
2 UNP MYH7_HUMAN  P12883 ? 1 RNNLLQAELEELRAVVEQTERSRKLAEQELIETSERVQLLHSQNTSLINQKKKMDADLSQLQTEVEEAVQECRNAEEKA 1677 
3 UNP MARE1_HUMAN Q15691 ? 1 EDLEKERDFYFGKLRNIELICQENEGENDPVLQRIVDILYATDEGFVIPD                              208  
# 
loop_
_struct_ref_seq.align_id 
_struct_ref_seq.ref_id 
_struct_ref_seq.pdbx_PDB_id_code 
_struct_ref_seq.pdbx_strand_id 
_struct_ref_seq.seq_align_beg 
_struct_ref_seq.pdbx_seq_align_beg_ins_code 
_struct_ref_seq.seq_align_end 
_struct_ref_seq.pdbx_seq_align_end_ins_code 
_struct_ref_seq.pdbx_db_accession 
_struct_ref_seq.db_align_beg 
_struct_ref_seq.pdbx_db_align_beg_ins_code 
_struct_ref_seq.db_align_end 
_struct_ref_seq.pdbx_db_align_end_ins_code 
_struct_ref_seq.pdbx_auth_seq_align_beg 
_struct_ref_seq.pdbx_auth_seq_align_end 
1 1 5WLQ A 5   ? 51  ? P13848 2    ? 48   ? 2    48   
2 2 5WLQ A 52  ? 130 ? P12883 1677 ? 1755 ? 1677 1755 
3 3 5WLQ A 131 ? 180 ? Q15691 208  ? 257  ? 1756 1805 
# 
loop_
_struct_ref_seq_dif.align_id 
_struct_ref_seq_dif.pdbx_pdb_id_code 
_struct_ref_seq_dif.mon_id 
_struct_ref_seq_dif.pdbx_pdb_strand_id 
_struct_ref_seq_dif.seq_num 
_struct_ref_seq_dif.pdbx_pdb_ins_code 
_struct_ref_seq_dif.pdbx_seq_db_name 
_struct_ref_seq_dif.pdbx_seq_db_accession_code 
_struct_ref_seq_dif.db_mon_id 
_struct_ref_seq_dif.pdbx_seq_db_seq_num 
_struct_ref_seq_dif.details 
_struct_ref_seq_dif.pdbx_auth_seq_num 
_struct_ref_seq_dif.pdbx_ordinal 
1 5WLQ GLY A 1 ? UNP P13848 ? ? 'expression tag' -2 1 
1 5WLQ GLY A 2 ? UNP P13848 ? ? 'expression tag' -1 2 
1 5WLQ SER A 3 ? UNP P13848 ? ? 'expression tag' 0  3 
1 5WLQ GLY A 4 ? UNP P13848 ? ? 'expression tag' 1  4 
# 
loop_
_chem_comp.id 
_chem_comp.type 
_chem_comp.mon_nstd_flag 
_chem_comp.name 
_chem_comp.pdbx_synonyms 
_chem_comp.formula 
_chem_comp.formula_weight 
ALA 'L-peptide linking' y ALANINE                ? 'C3 H7 N O2'     89.093  
ARG 'L-peptide linking' y ARGININE               ? 'C6 H15 N4 O2 1' 175.209 
ASN 'L-peptide linking' y ASPARAGINE             ? 'C4 H8 N2 O3'    132.118 
ASP 'L-peptide linking' y 'ASPARTIC ACID'        ? 'C4 H7 N O4'     133.103 
CYS 'L-peptide linking' y CYSTEINE               ? 'C3 H7 N O2 S'   121.158 
GLN 'L-peptide linking' y GLUTAMINE              ? 'C5 H10 N2 O3'   146.144 
GLU 'L-peptide linking' y 'GLUTAMIC ACID'        ? 'C5 H9 N O4'     147.129 
GLY 'peptide linking'   y GLYCINE                ? 'C2 H5 N O2'     75.067  
HIS 'L-peptide linking' y HISTIDINE              ? 'C6 H10 N3 O2 1' 156.162 
HOH non-polymer         . WATER                  ? 'H2 O'           18.015  
ILE 'L-peptide linking' y ISOLEUCINE             ? 'C6 H13 N O2'    131.173 
LEU 'L-peptide linking' y LEUCINE                ? 'C6 H13 N O2'    131.173 
LYS 'L-peptide linking' y LYSINE                 ? 'C6 H15 N2 O2 1' 147.195 
MET 'L-peptide linking' y METHIONINE             ? 'C5 H11 N O2 S'  149.211 
PHE 'L-peptide linking' y PHENYLALANINE          ? 'C9 H11 N O2'    165.189 
PRO 'L-peptide linking' y PROLINE                ? 'C5 H9 N O2'     115.130 
SER 'L-peptide linking' y SERINE                 ? 'C3 H7 N O3'     105.093 
SO4 non-polymer         . 'SULFATE ION'          ? 'O4 S -2'        96.063  
THR 'L-peptide linking' y THREONINE              ? 'C4 H9 N O3'     119.119 
TMO non-polymer         . 'trimethylamine oxide' ? 'C3 H9 N O'      75.110  
TYR 'L-peptide linking' y TYROSINE               ? 'C9 H11 N O3'    181.189 
VAL 'L-peptide linking' y VALINE                 ? 'C5 H11 N O2'    117.146 
# 
_exptl.absorpt_coefficient_mu     ? 
_exptl.absorpt_correction_T_max   ? 
_exptl.absorpt_correction_T_min   ? 
_exptl.absorpt_correction_type    ? 
_exptl.absorpt_process_details    ? 
_exptl.entry_id                   5WLQ 
_exptl.crystals_number            1 
_exptl.details                    ? 
_exptl.method                     'X-RAY DIFFRACTION' 
_exptl.method_details             ? 
# 
_exptl_crystal.colour                      ? 
_exptl_crystal.density_diffrn              ? 
_exptl_crystal.density_Matthews            6.3 
_exptl_crystal.density_method              ? 
_exptl_crystal.density_percent_sol         80.4 
_exptl_crystal.description                 ? 
_exptl_crystal.F_000                       ? 
_exptl_crystal.id                          1 
_exptl_crystal.preparation                 ? 
_exptl_crystal.size_max                    ? 
_exptl_crystal.size_mid                    ? 
_exptl_crystal.size_min                    ? 
_exptl_crystal.size_rad                    ? 
_exptl_crystal.colour_lustre               ? 
_exptl_crystal.colour_modifier             ? 
_exptl_crystal.colour_primary              ? 
_exptl_crystal.density_meas                ? 
_exptl_crystal.density_meas_esd            ? 
_exptl_crystal.density_meas_gt             ? 
_exptl_crystal.density_meas_lt             ? 
_exptl_crystal.density_meas_temp           ? 
_exptl_crystal.density_meas_temp_esd       ? 
_exptl_crystal.density_meas_temp_gt        ? 
_exptl_crystal.density_meas_temp_lt        ? 
_exptl_crystal.pdbx_crystal_image_url      ? 
_exptl_crystal.pdbx_crystal_image_format   ? 
_exptl_crystal.pdbx_mosaicity              ? 
_exptl_crystal.pdbx_mosaicity_esd          ? 
# 
_exptl_crystal_grow.apparatus       ? 
_exptl_crystal_grow.atmosphere      ? 
_exptl_crystal_grow.crystal_id      1 
_exptl_crystal_grow.details         ? 
_exptl_crystal_grow.method          'VAPOR DIFFUSION, HANGING DROP' 
_exptl_crystal_grow.method_ref      ? 
_exptl_crystal_grow.pH              9.0 
_exptl_crystal_grow.pressure        ? 
_exptl_crystal_grow.pressure_esd    ? 
_exptl_crystal_grow.seeding         ? 
_exptl_crystal_grow.seeding_ref     ? 
_exptl_crystal_grow.temp            298 
_exptl_crystal_grow.temp_details    ? 
_exptl_crystal_grow.temp_esd        ? 
_exptl_crystal_grow.time            ? 
_exptl_crystal_grow.pdbx_details    '1.6 M Ammonium Aulfate, 500 mM Trimethyl Ammonium N-Oxide, 100 mM Bis-tris Propane pH 9.0' 
_exptl_crystal_grow.pdbx_pH_range   ? 
# 
_diffrn.ambient_environment    ? 
_diffrn.ambient_temp           100 
_diffrn.ambient_temp_details   ? 
_diffrn.ambient_temp_esd       ? 
_diffrn.crystal_id             1 
_diffrn.crystal_support        ? 
_diffrn.crystal_treatment      ? 
_diffrn.details                ? 
_diffrn.id                     1 
_diffrn.ambient_pressure       ? 
_diffrn.ambient_pressure_esd   ? 
_diffrn.ambient_pressure_gt    ? 
_diffrn.ambient_pressure_lt    ? 
_diffrn.ambient_temp_gt        ? 
_diffrn.ambient_temp_lt        ? 
# 
_diffrn_detector.details                      ? 
_diffrn_detector.detector                     CCD 
_diffrn_detector.diffrn_id                    1 
_diffrn_detector.type                         'ADSC QUANTUM 315r' 
_diffrn_detector.area_resol_mean              ? 
_diffrn_detector.dtime                        ? 
_diffrn_detector.pdbx_frames_total            ? 
_diffrn_detector.pdbx_collection_time_total   ? 
_diffrn_detector.pdbx_collection_date         2015-12-07 
# 
_diffrn_radiation.collimation                      ? 
_diffrn_radiation.diffrn_id                        1 
_diffrn_radiation.filter_edge                      ? 
_diffrn_radiation.inhomogeneity                    ? 
_diffrn_radiation.monochromator                    ? 
_diffrn_radiation.polarisn_norm                    ? 
_diffrn_radiation.polarisn_ratio                   ? 
_diffrn_radiation.probe                            ? 
_diffrn_radiation.type                             ? 
_diffrn_radiation.xray_symbol                      ? 
_diffrn_radiation.wavelength_id                    1 
_diffrn_radiation.pdbx_monochromatic_or_laue_m_l   M 
_diffrn_radiation.pdbx_wavelength_list             ? 
_diffrn_radiation.pdbx_wavelength                  ? 
_diffrn_radiation.pdbx_diffrn_protocol             'SINGLE WAVELENGTH' 
_diffrn_radiation.pdbx_analyzer                    ? 
_diffrn_radiation.pdbx_scattering_type             x-ray 
# 
_diffrn_radiation_wavelength.id           1 
_diffrn_radiation_wavelength.wavelength   0.97934 
_diffrn_radiation_wavelength.wt           1.0 
# 
_diffrn_source.current                     ? 
_diffrn_source.details                     ? 
_diffrn_source.diffrn_id                   1 
_diffrn_source.power                       ? 
_diffrn_source.size                        ? 
_diffrn_source.source                      SYNCHROTRON 
_diffrn_source.target                      ? 
_diffrn_source.type                        'APS BEAMLINE 19-ID' 
_diffrn_source.voltage                     ? 
_diffrn_source.take-off_angle              ? 
_diffrn_source.pdbx_wavelength_list        0.97934 
_diffrn_source.pdbx_wavelength             ? 
_diffrn_source.pdbx_synchrotron_beamline   19-ID 
_diffrn_source.pdbx_synchrotron_site       APS 
# 
_reflns.B_iso_Wilson_estimate            ? 
_reflns.entry_id                         5WLQ 
_reflns.data_reduction_details           ? 
_reflns.data_reduction_method            ? 
_reflns.d_resolution_high                3.1 
_reflns.d_resolution_low                 50 
_reflns.details                          ? 
_reflns.limit_h_max                      ? 
_reflns.limit_h_min                      ? 
_reflns.limit_k_max                      ? 
_reflns.limit_k_min                      ? 
_reflns.limit_l_max                      ? 
_reflns.limit_l_min                      ? 
_reflns.number_all                       ? 
_reflns.number_obs                       9815 
_reflns.observed_criterion               ? 
_reflns.observed_criterion_F_max         ? 
_reflns.observed_criterion_F_min         ? 
_reflns.observed_criterion_I_max         ? 
_reflns.observed_criterion_I_min         ? 
_reflns.observed_criterion_sigma_F       ? 
_reflns.observed_criterion_sigma_I       ? 
_reflns.percent_possible_obs             100 
_reflns.R_free_details                   ? 
_reflns.Rmerge_F_all                     ? 
_reflns.Rmerge_F_obs                     ? 
_reflns.Friedel_coverage                 ? 
_reflns.number_gt                        ? 
_reflns.threshold_expression             ? 
_reflns.pdbx_redundancy                  19.6 
_reflns.pdbx_Rmerge_I_obs                0.117 
_reflns.pdbx_Rmerge_I_all                ? 
_reflns.pdbx_Rsym_value                  ? 
_reflns.pdbx_netI_over_av_sigmaI         ? 
_reflns.pdbx_netI_over_sigmaI            24.2 
_reflns.pdbx_res_netI_over_av_sigmaI_2   ? 
_reflns.pdbx_res_netI_over_sigmaI_2      ? 
_reflns.pdbx_chi_squared                 ? 
_reflns.pdbx_scaling_rejects             ? 
_reflns.pdbx_d_res_high_opt              ? 
_reflns.pdbx_d_res_low_opt               ? 
_reflns.pdbx_d_res_opt_method            ? 
_reflns.phase_calculation_details        ? 
_reflns.pdbx_Rrim_I_all                  ? 
_reflns.pdbx_Rpim_I_all                  ? 
_reflns.pdbx_d_opt                       ? 
_reflns.pdbx_number_measured_all         ? 
_reflns.pdbx_diffrn_id                   1 
_reflns.pdbx_ordinal                     1 
_reflns.pdbx_CC_half                     ? 
_reflns.pdbx_R_split                     ? 
# 
_reflns_shell.d_res_high                  3.10 
_reflns_shell.d_res_low                   3.15 
_reflns_shell.meanI_over_sigI_all         ? 
_reflns_shell.meanI_over_sigI_obs         4.46 
_reflns_shell.number_measured_all         ? 
_reflns_shell.number_measured_obs         ? 
_reflns_shell.number_possible             ? 
_reflns_shell.number_unique_all           ? 
_reflns_shell.number_unique_obs           478 
_reflns_shell.percent_possible_all        100 
_reflns_shell.percent_possible_obs        ? 
_reflns_shell.Rmerge_F_all                ? 
_reflns_shell.Rmerge_F_obs                ? 
_reflns_shell.Rmerge_I_all                ? 
_reflns_shell.Rmerge_I_obs                0.667 
_reflns_shell.meanI_over_sigI_gt          ? 
_reflns_shell.meanI_over_uI_all           ? 
_reflns_shell.meanI_over_uI_gt            ? 
_reflns_shell.number_measured_gt          ? 
_reflns_shell.number_unique_gt            ? 
_reflns_shell.percent_possible_gt         ? 
_reflns_shell.Rmerge_F_gt                 ? 
_reflns_shell.Rmerge_I_gt                 ? 
_reflns_shell.pdbx_redundancy             19.5 
_reflns_shell.pdbx_Rsym_value             ? 
_reflns_shell.pdbx_chi_squared            ? 
_reflns_shell.pdbx_netI_over_sigmaI_all   ? 
_reflns_shell.pdbx_netI_over_sigmaI_obs   ? 
_reflns_shell.pdbx_Rrim_I_all             ? 
_reflns_shell.pdbx_Rpim_I_all             ? 
_reflns_shell.pdbx_rejects                ? 
_reflns_shell.pdbx_ordinal                1 
_reflns_shell.pdbx_diffrn_id              1 
_reflns_shell.pdbx_CC_half                ? 
_reflns_shell.pdbx_R_split                ? 
# 
_refine.aniso_B[1][1]                            ? 
_refine.aniso_B[1][2]                            ? 
_refine.aniso_B[1][3]                            ? 
_refine.aniso_B[2][2]                            ? 
_refine.aniso_B[2][3]                            ? 
_refine.aniso_B[3][3]                            ? 
_refine.B_iso_max                                ? 
_refine.B_iso_mean                               ? 
_refine.B_iso_min                                ? 
_refine.correlation_coeff_Fo_to_Fc               ? 
_refine.correlation_coeff_Fo_to_Fc_free          ? 
_refine.details                                  ? 
_refine.diff_density_max                         ? 
_refine.diff_density_max_esd                     ? 
_refine.diff_density_min                         ? 
_refine.diff_density_min_esd                     ? 
_refine.diff_density_rms                         ? 
_refine.diff_density_rms_esd                     ? 
_refine.entry_id                                 5WLQ 
_refine.pdbx_refine_id                           'X-RAY DIFFRACTION' 
_refine.ls_abs_structure_details                 ? 
_refine.ls_abs_structure_Flack                   ? 
_refine.ls_abs_structure_Flack_esd               ? 
_refine.ls_abs_structure_Rogers                  ? 
_refine.ls_abs_structure_Rogers_esd              ? 
_refine.ls_d_res_high                            3.104 
_refine.ls_d_res_low                             41.161 
_refine.ls_extinction_coef                       ? 
_refine.ls_extinction_coef_esd                   ? 
_refine.ls_extinction_expression                 ? 
_refine.ls_extinction_method                     ? 
_refine.ls_goodness_of_fit_all                   ? 
_refine.ls_goodness_of_fit_all_esd               ? 
_refine.ls_goodness_of_fit_obs                   ? 
_refine.ls_goodness_of_fit_obs_esd               ? 
_refine.ls_hydrogen_treatment                    ? 
_refine.ls_matrix_type                           ? 
_refine.ls_number_constraints                    ? 
_refine.ls_number_parameters                     ? 
_refine.ls_number_reflns_all                     ? 
_refine.ls_number_reflns_obs                     9244 
_refine.ls_number_reflns_R_free                  462 
_refine.ls_number_reflns_R_work                  ? 
_refine.ls_number_restraints                     ? 
_refine.ls_percent_reflns_obs                    94.31 
_refine.ls_percent_reflns_R_free                 5.00 
_refine.ls_R_factor_all                          ? 
_refine.ls_R_factor_obs                          0.2231 
_refine.ls_R_factor_R_free                       0.2364 
_refine.ls_R_factor_R_free_error                 ? 
_refine.ls_R_factor_R_free_error_details         ? 
_refine.ls_R_factor_R_work                       0.2224 
_refine.ls_R_Fsqd_factor_obs                     ? 
_refine.ls_R_I_factor_obs                        ? 
_refine.ls_redundancy_reflns_all                 ? 
_refine.ls_redundancy_reflns_obs                 ? 
_refine.ls_restrained_S_all                      ? 
_refine.ls_restrained_S_obs                      ? 
_refine.ls_shift_over_esd_max                    ? 
_refine.ls_shift_over_esd_mean                   ? 
_refine.ls_structure_factor_coef                 ? 
_refine.ls_weighting_details                     ? 
_refine.ls_weighting_scheme                      ? 
_refine.ls_wR_factor_all                         ? 
_refine.ls_wR_factor_obs                         ? 
_refine.ls_wR_factor_R_free                      ? 
_refine.ls_wR_factor_R_work                      ? 
_refine.occupancy_max                            ? 
_refine.occupancy_min                            ? 
_refine.solvent_model_details                    ? 
_refine.solvent_model_param_bsol                 ? 
_refine.solvent_model_param_ksol                 ? 
_refine.ls_R_factor_gt                           ? 
_refine.ls_goodness_of_fit_gt                    ? 
_refine.ls_goodness_of_fit_ref                   ? 
_refine.ls_shift_over_su_max                     ? 
_refine.ls_shift_over_su_max_lt                  ? 
_refine.ls_shift_over_su_mean                    ? 
_refine.ls_shift_over_su_mean_lt                 ? 
_refine.pdbx_ls_sigma_I                          ? 
_refine.pdbx_ls_sigma_F                          1.35 
_refine.pdbx_ls_sigma_Fsqd                       ? 
_refine.pdbx_data_cutoff_high_absF               ? 
_refine.pdbx_data_cutoff_high_rms_absF           ? 
_refine.pdbx_data_cutoff_low_absF                ? 
_refine.pdbx_isotropic_thermal_model             ? 
_refine.pdbx_ls_cross_valid_method               'FREE R-VALUE' 
_refine.pdbx_method_to_determine_struct          'MOLECULAR REPLACEMENT' 
_refine.pdbx_starting_model                      1IK9 
_refine.pdbx_stereochemistry_target_values       ? 
_refine.pdbx_R_Free_selection_details            ? 
_refine.pdbx_stereochem_target_val_spec_case     ? 
_refine.pdbx_overall_ESU_R                       ? 
_refine.pdbx_overall_ESU_R_Free                  ? 
_refine.pdbx_solvent_vdw_probe_radii             1.11 
_refine.pdbx_solvent_ion_probe_radii             ? 
_refine.pdbx_solvent_shrinkage_radii             0.90 
_refine.pdbx_real_space_R                        ? 
_refine.pdbx_density_correlation                 ? 
_refine.pdbx_pd_number_of_powder_patterns        ? 
_refine.pdbx_pd_number_of_points                 ? 
_refine.pdbx_pd_meas_number_of_points            ? 
_refine.pdbx_pd_proc_ls_prof_R_factor            ? 
_refine.pdbx_pd_proc_ls_prof_wR_factor           ? 
_refine.pdbx_pd_Marquardt_correlation_coeff      ? 
_refine.pdbx_pd_Fsqrd_R_factor                   ? 
_refine.pdbx_pd_ls_matrix_band_width             ? 
_refine.pdbx_overall_phase_error                 25.75 
_refine.pdbx_overall_SU_R_free_Cruickshank_DPI   ? 
_refine.pdbx_overall_SU_R_free_Blow_DPI          ? 
_refine.pdbx_overall_SU_R_Blow_DPI               ? 
_refine.pdbx_TLS_residual_ADP_flag               ? 
_refine.pdbx_diffrn_id                           1 
_refine.overall_SU_B                             ? 
_refine.overall_SU_ML                            0.29 
_refine.overall_SU_R_Cruickshank_DPI             ? 
_refine.overall_SU_R_free                        ? 
_refine.overall_FOM_free_R_set                   ? 
_refine.overall_FOM_work_R_set                   ? 
_refine.pdbx_average_fsc_overall                 ? 
_refine.pdbx_average_fsc_work                    ? 
_refine.pdbx_average_fsc_free                    ? 
# 
_refine_hist.pdbx_refine_id                   'X-RAY DIFFRACTION' 
_refine_hist.cycle_id                         LAST 
_refine_hist.pdbx_number_atoms_protein        848 
_refine_hist.pdbx_number_atoms_nucleic_acid   0 
_refine_hist.pdbx_number_atoms_ligand         25 
_refine_hist.number_atoms_solvent             8 
_refine_hist.number_atoms_total               881 
_refine_hist.d_res_high                       3.104 
_refine_hist.d_res_low                        41.161 
# 
loop_
_refine_ls_restr.pdbx_refine_id 
_refine_ls_restr.criterion 
_refine_ls_restr.dev_ideal 
_refine_ls_restr.dev_ideal_target 
_refine_ls_restr.number 
_refine_ls_restr.rejects 
_refine_ls_restr.type 
_refine_ls_restr.weight 
_refine_ls_restr.pdbx_restraint_function 
'X-RAY DIFFRACTION' ? 0.003  ? 875  ? f_bond_d           ? ? 
'X-RAY DIFFRACTION' ? 0.486  ? 1180 ? f_angle_d          ? ? 
'X-RAY DIFFRACTION' ? 12.230 ? 549  ? f_dihedral_angle_d ? ? 
'X-RAY DIFFRACTION' ? 0.032  ? 132  ? f_chiral_restr     ? ? 
'X-RAY DIFFRACTION' ? 0.002  ? 154  ? f_plane_restr      ? ? 
# 
loop_
_refine_ls_shell.pdbx_refine_id 
_refine_ls_shell.d_res_high 
_refine_ls_shell.d_res_low 
_refine_ls_shell.number_reflns_all 
_refine_ls_shell.number_reflns_obs 
_refine_ls_shell.number_reflns_R_free 
_refine_ls_shell.number_reflns_R_work 
_refine_ls_shell.percent_reflns_obs 
_refine_ls_shell.percent_reflns_R_free 
_refine_ls_shell.R_factor_all 
_refine_ls_shell.R_factor_obs 
_refine_ls_shell.R_factor_R_free 
_refine_ls_shell.R_factor_R_free_error 
_refine_ls_shell.R_factor_R_work 
_refine_ls_shell.redundancy_reflns_all 
_refine_ls_shell.redundancy_reflns_obs 
_refine_ls_shell.wR_factor_all 
_refine_ls_shell.wR_factor_obs 
_refine_ls_shell.wR_factor_R_free 
_refine_ls_shell.wR_factor_R_work 
_refine_ls_shell.pdbx_total_number_of_bins_used 
_refine_ls_shell.pdbx_phase_error 
_refine_ls_shell.pdbx_fsc_work 
_refine_ls_shell.pdbx_fsc_free 
'X-RAY DIFFRACTION' 3.1036 3.5525  . . 132 2501 83.00  . . . 0.2681 . 0.2454 . . . . . . . . . . 
'X-RAY DIFFRACTION' 3.5525 4.4749  . . 160 3050 100.00 . . . 0.2027 . 0.2076 . . . . . . . . . . 
'X-RAY DIFFRACTION' 4.4749 41.1651 . . 170 3231 100.00 . . . 0.2522 . 0.2253 . . . . . . . . . . 
# 
_struct.entry_id                     5WLQ 
_struct.title                        'Crystal Structure of Amino Acids 1677-1755 of Human Beta Cardiac Myosin Fused to Gp7 and Eb1' 
_struct.pdbx_model_details           ? 
_struct.pdbx_formula_weight          ? 
_struct.pdbx_formula_weight_method   ? 
_struct.pdbx_model_type_details      ? 
_struct.pdbx_CASP_flag               N 
# 
_struct_keywords.entry_id        5WLQ 
_struct_keywords.text            'Myosin, Gp7, Coiled-Coil, Eb1, MOTOR PROTEIN' 
_struct_keywords.pdbx_keywords   'MOTOR PROTEIN' 
# 
loop_
_struct_asym.id 
_struct_asym.pdbx_blank_PDB_chainid_flag 
_struct_asym.pdbx_modified 
_struct_asym.entity_id 
_struct_asym.details 
A N N 1 ? 
B N N 2 ? 
C N N 3 ? 
D N N 3 ? 
E N N 3 ? 
F N N 3 ? 
G N N 4 ? 
# 
loop_
_struct_conf.conf_type_id 
_struct_conf.id 
_struct_conf.pdbx_PDB_helix_id 
_struct_conf.beg_label_comp_id 
_struct_conf.beg_label_asym_id 
_struct_conf.beg_label_seq_id 
_struct_conf.pdbx_beg_PDB_ins_code 
_struct_conf.end_label_comp_id 
_struct_conf.end_label_asym_id 
_struct_conf.end_label_seq_id 
_struct_conf.pdbx_end_PDB_ins_code 
_struct_conf.beg_auth_comp_id 
_struct_conf.beg_auth_asym_id 
_struct_conf.beg_auth_seq_id 
_struct_conf.end_auth_comp_id 
_struct_conf.end_auth_asym_id 
_struct_conf.end_auth_seq_id 
_struct_conf.pdbx_PDB_helix_class 
_struct_conf.details 
_struct_conf.pdbx_PDB_helix_length 
HELX_P HELX_P1 AA1 LYS A 7  ? LEU A 18  ? LYS A 4  LEU A 15   1 ? 12 
HELX_P HELX_P2 AA2 ALA A 24 ? LYS A 103 ? ALA A 21 LYS A 1728 1 ? 80 
# 
_struct_conf_type.id          HELX_P 
_struct_conf_type.criteria    ? 
_struct_conf_type.reference   ? 
# 
_struct_conn.id                            covale1 
_struct_conn.conn_type_id                  covale 
_struct_conn.pdbx_leaving_atom_flag        none 
_struct_conn.pdbx_PDB_id                   ? 
_struct_conn.ptnr1_label_asym_id           B 
_struct_conn.ptnr1_label_comp_id           SO4 
_struct_conn.ptnr1_label_seq_id            . 
_struct_conn.ptnr1_label_atom_id           O3 
_struct_conn.pdbx_ptnr1_label_alt_id       ? 
_struct_conn.pdbx_ptnr1_PDB_ins_code       ? 
_struct_conn.pdbx_ptnr1_standard_comp_id   ? 
_struct_conn.ptnr1_symmetry                1_555 
_struct_conn.ptnr2_label_asym_id           D 
_struct_conn.ptnr2_label_comp_id           TMO 
_struct_conn.ptnr2_label_seq_id            . 
_struct_conn.ptnr2_label_atom_id           CAD 
_struct_conn.pdbx_ptnr2_label_alt_id       ? 
_struct_conn.pdbx_ptnr2_PDB_ins_code       ? 
_struct_conn.ptnr1_auth_asym_id            A 
_struct_conn.ptnr1_auth_comp_id            SO4 
_struct_conn.ptnr1_auth_seq_id             1901 
_struct_conn.ptnr2_auth_asym_id            A 
_struct_conn.ptnr2_auth_comp_id            TMO 
_struct_conn.ptnr2_auth_seq_id             1903 
_struct_conn.ptnr2_symmetry                7_565 
_struct_conn.pdbx_ptnr3_label_atom_id      ? 
_struct_conn.pdbx_ptnr3_label_seq_id       ? 
_struct_conn.pdbx_ptnr3_label_comp_id      ? 
_struct_conn.pdbx_ptnr3_label_asym_id      ? 
_struct_conn.pdbx_ptnr3_label_alt_id       ? 
_struct_conn.pdbx_ptnr3_PDB_ins_code       ? 
_struct_conn.details                       ? 
_struct_conn.pdbx_dist_value               1.373 
_struct_conn.pdbx_value_order              ? 
_struct_conn.pdbx_role                     ? 
# 
_struct_conn_type.id          covale 
_struct_conn_type.criteria    ? 
_struct_conn_type.reference   ? 
# 
loop_
_struct_site.id 
_struct_site.pdbx_evidence_code 
_struct_site.pdbx_auth_asym_id 
_struct_site.pdbx_auth_comp_id 
_struct_site.pdbx_auth_seq_id 
_struct_site.pdbx_auth_ins_code 
_struct_site.pdbx_num_residues 
_struct_site.details 
AC1 Software A TMO 1902 ? 2 'binding site for residue TMO A 1902'                 
AC2 Software A TMO 1904 ? 2 'binding site for residue TMO A 1904'                 
AC3 Software A SO4 1901 ? 4 'binding site for residues SO4 A 1901 and TMO A 1903' 
# 
loop_
_struct_site_gen.id 
_struct_site_gen.site_id 
_struct_site_gen.pdbx_num_res 
_struct_site_gen.label_comp_id 
_struct_site_gen.label_asym_id 
_struct_site_gen.label_seq_id 
_struct_site_gen.pdbx_auth_ins_code 
_struct_site_gen.auth_comp_id 
_struct_site_gen.auth_asym_id 
_struct_site_gen.auth_seq_id 
_struct_site_gen.label_atom_id 
_struct_site_gen.label_alt_id 
_struct_site_gen.symmetry 
_struct_site_gen.details 
1 AC1 2 SER A 44 ? SER A 41   . ? 1_555  ? 
2 AC1 2 ASN A 47 ? ASN A 44   . ? 1_555  ? 
3 AC2 2 LEU A 6  ? LEU A 3    . ? 12_565 ? 
4 AC2 2 PHE A 42 ? PHE A 39   . ? 12_565 ? 
5 AC3 4 LEU A 23 ? LEU A 20   . ? 12_565 ? 
6 AC3 4 GLN A 25 ? GLN A 22   . ? 12_565 ? 
7 AC3 4 ARG A 74 ? ARG A 1699 . ? 1_555  ? 
8 AC3 4 LYS A 75 ? LYS A 1700 . ? 1_555  ? 
# 
_atom_sites.entry_id                    5WLQ 
_atom_sites.fract_transf_matrix[1][1]   -0.00250524 
_atom_sites.fract_transf_matrix[1][2]   0.00487194 
_atom_sites.fract_transf_matrix[1][3]   0.00602795 
_atom_sites.fract_transf_matrix[2][1]   0.00541199 
_atom_sites.fract_transf_matrix[2][2]   0.00444373 
_atom_sites.fract_transf_matrix[2][3]   0.00416185 
_atom_sites.fract_transf_matrix[3][1]   -0.00129658 
_atom_sites.fract_transf_matrix[3][2]   0.00857368 
_atom_sites.fract_transf_matrix[3][3]   -0.00746833 
_atom_sites.fract_transf_vector[1]      -0.058959 
_atom_sites.fract_transf_vector[2]      0.466969 
_atom_sites.fract_transf_vector[3]      0.073270 
# 
loop_
_atom_type.symbol 
C 
N 
O 
S 
# 
loop_
_atom_site.group_PDB 
_atom_site.id 
_atom_site.type_symbol 
_atom_site.label_atom_id 
_atom_site.label_alt_id 
_atom_site.label_comp_id 
_atom_site.label_asym_id 
_atom_site.label_entity_id 
_atom_site.label_seq_id 
_atom_site.pdbx_PDB_ins_code 
_atom_site.Cartn_x 
_atom_site.Cartn_y 
_atom_site.Cartn_z 
_atom_site.occupancy 
_atom_site.B_iso_or_equiv 
_atom_site.pdbx_formal_charge 
_atom_site.auth_seq_id 
_atom_site.auth_comp_id 
_atom_site.auth_asym_id 
_atom_site.auth_atom_id 
_atom_site.pdbx_PDB_model_num 
ATOM   1   N N   . SER A 1 3   ? -16.894 6.145   22.878  1.00 125.83 ? 0    SER A N   1 
ATOM   2   C CA  . SER A 1 3   ? -16.653 5.622   21.538  1.00 132.43 ? 0    SER A CA  1 
ATOM   3   C C   . SER A 1 3   ? -15.382 6.214   20.945  1.00 127.80 ? 0    SER A C   1 
ATOM   4   O O   . SER A 1 3   ? -14.282 5.706   21.170  1.00 133.97 ? 0    SER A O   1 
ATOM   5   C CB  . SER A 1 3   ? -17.848 5.912   20.625  1.00 134.29 ? 0    SER A CB  1 
ATOM   6   O OG  . SER A 1 3   ? -18.183 7.291   20.645  1.00 128.42 ? 0    SER A OG  1 
ATOM   7   N N   . GLY A 1 4   ? -15.544 7.296   20.188  1.00 116.08 ? 1    GLY A N   1 
ATOM   8   C CA  . GLY A 1 4   ? -14.428 7.976   19.579  1.00 100.71 ? 1    GLY A CA  1 
ATOM   9   C C   . GLY A 1 4   ? -14.342 9.428   20.001  1.00 83.02  ? 1    GLY A C   1 
ATOM   10  O O   . GLY A 1 4   ? -15.142 9.916   20.807  1.00 81.82  ? 1    GLY A O   1 
ATOM   11  N N   . PRO A 1 5   ? -13.359 10.147  19.461  1.00 73.86  ? 2    PRO A N   1 
ATOM   12  C CA  . PRO A 1 5   ? -13.197 11.564  19.803  1.00 56.86  ? 2    PRO A CA  1 
ATOM   13  C C   . PRO A 1 5   ? -14.433 12.378  19.453  1.00 62.01  ? 2    PRO A C   1 
ATOM   14  O O   . PRO A 1 5   ? -15.251 11.998  18.613  1.00 68.51  ? 2    PRO A O   1 
ATOM   15  C CB  . PRO A 1 5   ? -11.992 11.998  18.961  1.00 52.99  ? 2    PRO A CB  1 
ATOM   16  C CG  . PRO A 1 5   ? -11.253 10.732  18.684  1.00 66.22  ? 2    PRO A CG  1 
ATOM   17  C CD  . PRO A 1 5   ? -12.298 9.671   18.560  1.00 78.82  ? 2    PRO A CD  1 
ATOM   18  N N   . LEU A 1 6   ? -14.557 13.525  20.112  1.00 63.86  ? 3    LEU A N   1 
ATOM   19  C CA  . LEU A 1 6   ? -15.747 14.348  19.958  1.00 58.00  ? 3    LEU A CA  1 
ATOM   20  C C   . LEU A 1 6   ? -15.771 15.029  18.596  1.00 62.44  ? 3    LEU A C   1 
ATOM   21  O O   . LEU A 1 6   ? -14.743 15.480  18.084  1.00 62.56  ? 3    LEU A O   1 
ATOM   22  C CB  . LEU A 1 6   ? -15.810 15.402  21.063  1.00 52.90  ? 3    LEU A CB  1 
ATOM   23  C CG  . LEU A 1 6   ? -16.094 14.901  22.480  1.00 47.15  ? 3    LEU A CG  1 
ATOM   24  C CD1 . LEU A 1 6   ? -15.936 16.027  23.487  1.00 34.80  ? 3    LEU A CD1 1 
ATOM   25  C CD2 . LEU A 1 6   ? -17.488 14.292  22.565  1.00 47.26  ? 3    LEU A CD2 1 
ATOM   26  N N   . LYS A 1 7   ? -16.962 15.094  18.008  1.00 59.39  ? 4    LYS A N   1 
ATOM   27  C CA  . LYS A 1 7   ? -17.163 15.946  16.851  1.00 63.00  ? 4    LYS A CA  1 
ATOM   28  C C   . LYS A 1 7   ? -16.915 17.400  17.249  1.00 66.89  ? 4    LYS A C   1 
ATOM   29  O O   . LYS A 1 7   ? -17.193 17.792  18.387  1.00 62.62  ? 4    LYS A O   1 
ATOM   30  C CB  . LYS A 1 7   ? -18.578 15.774  16.300  1.00 60.13  ? 4    LYS A CB  1 
ATOM   31  C CG  . LYS A 1 7   ? -18.893 14.351  15.862  1.00 69.47  ? 4    LYS A CG  1 
ATOM   32  C CD  . LYS A 1 7   ? -20.327 14.209  15.384  1.00 73.84  ? 4    LYS A CD  1 
ATOM   33  C CE  . LYS A 1 7   ? -20.602 12.785  14.920  1.00 87.14  ? 4    LYS A CE  1 
ATOM   34  N NZ  . LYS A 1 7   ? -21.986 12.616  14.397  1.00 91.86  ? 4    LYS A NZ  1 
ATOM   35  N N   . PRO A 1 8   ? -16.381 18.222  16.339  1.00 68.77  ? 5    PRO A N   1 
ATOM   36  C CA  . PRO A 1 8   ? -16.016 19.598  16.728  1.00 54.28  ? 5    PRO A CA  1 
ATOM   37  C C   . PRO A 1 8   ? -17.169 20.405  17.303  1.00 44.31  ? 5    PRO A C   1 
ATOM   38  O O   . PRO A 1 8   ? -16.944 21.234  18.195  1.00 47.67  ? 5    PRO A O   1 
ATOM   39  C CB  . PRO A 1 8   ? -15.487 20.204  15.418  1.00 51.98  ? 5    PRO A CB  1 
ATOM   40  C CG  . PRO A 1 8   ? -15.983 19.305  14.334  1.00 62.36  ? 5    PRO A CG  1 
ATOM   41  C CD  . PRO A 1 8   ? -16.060 17.938  14.931  1.00 66.46  ? 5    PRO A CD  1 
ATOM   42  N N   . GLU A 1 9   ? -18.399 20.191  16.828  1.00 42.99  ? 6    GLU A N   1 
ATOM   43  C CA  . GLU A 1 9   ? -19.535 20.897  17.412  1.00 41.75  ? 6    GLU A CA  1 
ATOM   44  C C   . GLU A 1 9   ? -19.875 20.376  18.803  1.00 41.75  ? 6    GLU A C   1 
ATOM   45  O O   . GLU A 1 9   ? -20.472 21.110  19.599  1.00 42.50  ? 6    GLU A O   1 
ATOM   46  C CB  . GLU A 1 9   ? -20.760 20.799  16.500  1.00 53.13  ? 6    GLU A CB  1 
ATOM   47  C CG  . GLU A 1 9   ? -21.391 19.417  16.419  1.00 72.69  ? 6    GLU A CG  1 
ATOM   48  C CD  . GLU A 1 9   ? -20.982 18.645  15.174  1.00 85.42  ? 6    GLU A CD  1 
ATOM   49  O OE1 . GLU A 1 9   ? -20.042 19.082  14.476  1.00 85.72  ? 6    GLU A OE1 1 
ATOM   50  O OE2 . GLU A 1 9   ? -21.609 17.602  14.891  1.00 88.44  ? 6    GLU A OE2 1 
ATOM   51  N N   . GLU A 1 10  ? -19.517 19.126  19.107  1.00 41.21  ? 7    GLU A N   1 
ATOM   52  C CA  . GLU A 1 10  ? -19.635 18.624  20.471  1.00 47.01  ? 7    GLU A CA  1 
ATOM   53  C C   . GLU A 1 10  ? -18.525 19.163  21.362  1.00 40.93  ? 7    GLU A C   1 
ATOM   54  O O   . GLU A 1 10  ? -18.762 19.448  22.540  1.00 39.29  ? 7    GLU A O   1 
ATOM   55  C CB  . GLU A 1 10  ? -19.610 17.095  20.481  1.00 61.04  ? 7    GLU A CB  1 
ATOM   56  C CG  . GLU A 1 10  ? -20.817 16.441  19.824  1.00 69.67  ? 7    GLU A CG  1 
ATOM   57  C CD  . GLU A 1 10  ? -20.664 14.936  19.704  1.00 79.65  ? 7    GLU A CD  1 
ATOM   58  O OE1 . GLU A 1 10  ? -19.521 14.466  19.515  1.00 80.43  ? 7    GLU A OE1 1 
ATOM   59  O OE2 . GLU A 1 10  ? -21.683 14.222  19.803  1.00 83.40  ? 7    GLU A OE2 1 
ATOM   60  N N   . HIS A 1 11  ? -17.311 19.298  20.820  1.00 37.97  ? 8    HIS A N   1 
ATOM   61  C CA  . HIS A 1 11  ? -16.240 19.961  21.554  1.00 36.70  ? 8    HIS A CA  1 
ATOM   62  C C   . HIS A 1 11  ? -16.600 21.412  21.846  1.00 36.73  ? 8    HIS A C   1 
ATOM   63  O O   . HIS A 1 11  ? -16.243 21.950  22.900  1.00 35.20  ? 8    HIS A O   1 
ATOM   64  C CB  . HIS A 1 11  ? -14.934 19.875  20.761  1.00 32.86  ? 8    HIS A CB  1 
ATOM   65  C CG  . HIS A 1 11  ? -13.800 20.639  21.366  1.00 30.93  ? 8    HIS A CG  1 
ATOM   66  N ND1 . HIS A 1 11  ? -13.082 20.177  22.449  1.00 33.96  ? 8    HIS A ND1 1 
ATOM   67  C CD2 . HIS A 1 11  ? -13.254 21.833  21.036  1.00 32.81  ? 8    HIS A CD2 1 
ATOM   68  C CE1 . HIS A 1 11  ? -12.145 21.054  22.759  1.00 32.86  ? 8    HIS A CE1 1 
ATOM   69  N NE2 . HIS A 1 11  ? -12.227 22.069  21.918  1.00 30.26  ? 8    HIS A NE2 1 
ATOM   70  N N   . GLU A 1 12  ? -17.319 22.056  20.925  1.00 43.96  ? 9    GLU A N   1 
ATOM   71  C CA  . GLU A 1 12  ? -17.758 23.427  21.157  1.00 44.55  ? 9    GLU A CA  1 
ATOM   72  C C   . GLU A 1 12  ? -18.809 23.492  22.258  1.00 40.07  ? 9    GLU A C   1 
ATOM   73  O O   . GLU A 1 12  ? -18.850 24.459  23.032  1.00 31.49  ? 9    GLU A O   1 
ATOM   74  C CB  . GLU A 1 12  ? -18.298 24.027  19.859  1.00 48.83  ? 9    GLU A CB  1 
ATOM   75  C CG  . GLU A 1 12  ? -18.806 25.443  20.004  1.00 56.00  ? 9    GLU A CG  1 
ATOM   76  C CD  . GLU A 1 12  ? -17.718 26.400  20.432  1.00 65.93  ? 9    GLU A CD  1 
ATOM   77  O OE1 . GLU A 1 12  ? -16.564 26.229  19.982  1.00 67.34  ? 9    GLU A OE1 1 
ATOM   78  O OE2 . GLU A 1 12  ? -18.012 27.320  21.223  1.00 75.09  ? 9    GLU A OE2 1 
ATOM   79  N N   . ASP A 1 13  ? -19.666 22.470  22.349  1.00 46.88  ? 10   ASP A N   1 
ATOM   80  C CA  . ASP A 1 13  ? -20.688 22.444  23.391  1.00 37.72  ? 10   ASP A CA  1 
ATOM   81  C C   . ASP A 1 13  ? -20.064 22.509  24.782  1.00 30.32  ? 10   ASP A C   1 
ATOM   82  O O   . ASP A 1 13  ? -20.612 23.151  25.685  1.00 29.81  ? 10   ASP A O   1 
ATOM   83  C CB  . ASP A 1 13  ? -21.556 21.192  23.248  1.00 50.53  ? 10   ASP A CB  1 
ATOM   84  C CG  . ASP A 1 13  ? -22.536 21.289  22.094  1.00 68.39  ? 10   ASP A CG  1 
ATOM   85  O OD1 . ASP A 1 13  ? -23.224 22.324  21.980  1.00 76.52  ? 10   ASP A OD1 1 
ATOM   86  O OD2 . ASP A 1 13  ? -22.620 20.329  21.297  1.00 78.14  ? 10   ASP A OD2 1 
ATOM   87  N N   . ILE A 1 14  ? -18.915 21.859  24.970  1.00 32.00  ? 11   ILE A N   1 
ATOM   88  C CA  . ILE A 1 14  ? -18.225 21.933  26.256  1.00 23.58  ? 11   ILE A CA  1 
ATOM   89  C C   . ILE A 1 14  ? -17.655 23.331  26.473  1.00 29.79  ? 11   ILE A C   1 
ATOM   90  O O   . ILE A 1 14  ? -17.829 23.926  27.543  1.00 32.61  ? 11   ILE A O   1 
ATOM   91  C CB  . ILE A 1 14  ? -17.126 20.860  26.343  1.00 24.02  ? 11   ILE A CB  1 
ATOM   92  C CG1 . ILE A 1 14  ? -17.728 19.461  26.196  1.00 26.28  ? 11   ILE A CG1 1 
ATOM   93  C CG2 . ILE A 1 14  ? -16.376 20.971  27.664  1.00 22.49  ? 11   ILE A CG2 1 
ATOM   94  C CD1 . ILE A 1 14  ? -16.694 18.354  26.198  1.00 27.59  ? 11   ILE A CD1 1 
ATOM   95  N N   . LEU A 1 15  ? -16.970 23.873  25.461  1.00 29.40  ? 12   LEU A N   1 
ATOM   96  C CA  . LEU A 1 15  ? -16.377 25.205  25.576  1.00 21.71  ? 12   LEU A CA  1 
ATOM   97  C C   . LEU A 1 15  ? -17.432 26.256  25.896  1.00 23.66  ? 12   LEU A C   1 
ATOM   98  O O   . LEU A 1 15  ? -17.197 27.171  26.694  1.00 30.93  ? 12   LEU A O   1 
ATOM   99  C CB  . LEU A 1 15  ? -15.645 25.568  24.283  1.00 23.14  ? 12   LEU A CB  1 
ATOM   100 C CG  . LEU A 1 15  ? -14.501 24.665  23.834  1.00 23.89  ? 12   LEU A CG  1 
ATOM   101 C CD1 . LEU A 1 15  ? -13.711 25.329  22.715  1.00 25.72  ? 12   LEU A CD1 1 
ATOM   102 C CD2 . LEU A 1 15  ? -13.599 24.340  25.008  1.00 22.36  ? 12   LEU A CD2 1 
ATOM   103 N N   . ASN A 1 16  ? -18.602 26.145  25.264  1.00 32.70  ? 13   ASN A N   1 
ATOM   104 C CA  . ASN A 1 16  ? -19.687 27.085  25.514  1.00 40.05  ? 13   ASN A CA  1 
ATOM   105 C C   . ASN A 1 16  ? -20.095 27.063  26.982  1.00 31.71  ? 13   ASN A C   1 
ATOM   106 O O   . ASN A 1 16  ? -20.368 28.110  27.582  1.00 33.05  ? 13   ASN A O   1 
ATOM   107 C CB  . ASN A 1 16  ? -20.873 26.744  24.610  1.00 58.10  ? 13   ASN A CB  1 
ATOM   108 C CG  . ASN A 1 16  ? -21.846 27.891  24.459  1.00 59.38  ? 13   ASN A CG  1 
ATOM   109 O OD1 . ASN A 1 16  ? -22.893 27.922  25.106  1.00 60.01  ? 13   ASN A OD1 1 
ATOM   110 N ND2 . ASN A 1 16  ? -21.513 28.836  23.586  1.00 71.27  ? 13   ASN A ND2 1 
ATOM   111 N N   . LYS A 1 17  ? -20.121 25.870  27.582  1.00 28.28  ? 14   LYS A N   1 
ATOM   112 C CA  . LYS A 1 17  ? -20.503 25.749  28.985  1.00 21.11  ? 14   LYS A CA  1 
ATOM   113 C C   . LYS A 1 17  ? -19.500 26.448  29.892  1.00 27.47  ? 14   LYS A C   1 
ATOM   114 O O   . LYS A 1 17  ? -19.885 27.093  30.877  1.00 28.89  ? 14   LYS A O   1 
ATOM   115 C CB  . LYS A 1 17  ? -20.634 24.274  29.366  1.00 21.55  ? 14   LYS A CB  1 
ATOM   116 C CG  . LYS A 1 17  ? -21.264 24.036  30.731  1.00 25.18  ? 14   LYS A CG  1 
ATOM   117 C CD  . LYS A 1 17  ? -21.374 22.549  31.038  1.00 34.20  ? 14   LYS A CD  1 
ATOM   118 C CE  . LYS A 1 17  ? -22.061 22.304  32.375  1.00 53.01  ? 14   LYS A CE  1 
ATOM   119 N NZ  . LYS A 1 17  ? -21.847 20.909  32.860  1.00 63.97  ? 14   LYS A NZ  1 
ATOM   120 N N   . LEU A 1 18  ? -18.207 26.344  29.574  1.00 34.75  ? 15   LEU A N   1 
ATOM   121 C CA  . LEU A 1 18  ? -17.172 26.955  30.398  1.00 18.46  ? 15   LEU A CA  1 
ATOM   122 C C   . LEU A 1 18  ? -17.130 28.475  30.281  1.00 19.37  ? 15   LEU A C   1 
ATOM   123 O O   . LEU A 1 18  ? -16.360 29.108  31.011  1.00 22.34  ? 15   LEU A O   1 
ATOM   124 C CB  . LEU A 1 18  ? -15.810 26.365  30.035  1.00 17.22  ? 15   LEU A CB  1 
ATOM   125 C CG  . LEU A 1 18  ? -15.581 24.923  30.490  1.00 20.25  ? 15   LEU A CG  1 
ATOM   126 C CD1 . LEU A 1 18  ? -14.476 24.277  29.672  1.00 24.90  ? 15   LEU A CD1 1 
ATOM   127 C CD2 . LEU A 1 18  ? -15.249 24.871  31.978  1.00 18.71  ? 15   LEU A CD2 1 
ATOM   128 N N   . LEU A 1 19  ? -17.932 29.074  29.397  1.00 22.10  ? 16   LEU A N   1 
ATOM   129 C CA  . LEU A 1 19  ? -17.930 30.530  29.276  1.00 19.95  ? 16   LEU A CA  1 
ATOM   130 C C   . LEU A 1 19  ? -18.489 31.197  30.525  1.00 21.89  ? 16   LEU A C   1 
ATOM   131 O O   . LEU A 1 19  ? -18.131 32.341  30.831  1.00 27.18  ? 16   LEU A O   1 
ATOM   132 C CB  . LEU A 1 19  ? -18.730 30.961  28.045  1.00 22.12  ? 16   LEU A CB  1 
ATOM   133 C CG  . LEU A 1 19  ? -18.062 30.863  26.676  1.00 23.14  ? 16   LEU A CG  1 
ATOM   134 C CD1 . LEU A 1 19  ? -19.041 31.254  25.592  1.00 25.91  ? 16   LEU A CD1 1 
ATOM   135 C CD2 . LEU A 1 19  ? -16.842 31.757  26.625  1.00 25.40  ? 16   LEU A CD2 1 
ATOM   136 N N   . ASP A 1 20  ? -19.355 30.508  31.257  1.00 19.84  ? 17   ASP A N   1 
ATOM   137 C CA  . ASP A 1 20  ? -19.996 31.088  32.434  1.00 26.02  ? 17   ASP A CA  1 
ATOM   138 C C   . ASP A 1 20  ? -18.975 31.300  33.547  1.00 21.81  ? 17   ASP A C   1 
ATOM   139 O O   . ASP A 1 20  ? -18.397 30.322  34.037  1.00 33.46  ? 17   ASP A O   1 
ATOM   140 C CB  . ASP A 1 20  ? -21.120 30.174  32.911  1.00 33.48  ? 17   ASP A CB  1 
ATOM   141 C CG  . ASP A 1 20  ? -22.036 30.841  33.921  1.00 45.85  ? 17   ASP A CG  1 
ATOM   142 O OD1 . ASP A 1 20  ? -21.786 32.007  34.298  1.00 40.05  ? 17   ASP A OD1 1 
ATOM   143 O OD2 . ASP A 1 20  ? -23.020 30.193  34.336  1.00 54.62  ? 17   ASP A OD2 1 
ATOM   144 N N   . PRO A 1 21  ? -18.721 32.542  33.972  1.00 22.11  ? 18   PRO A N   1 
ATOM   145 C CA  . PRO A 1 21  ? -17.792 32.743  35.094  1.00 19.90  ? 18   PRO A CA  1 
ATOM   146 C C   . PRO A 1 21  ? -18.353 32.257  36.415  1.00 26.95  ? 18   PRO A C   1 
ATOM   147 O O   . PRO A 1 21  ? -17.587 31.817  37.280  1.00 34.47  ? 18   PRO A O   1 
ATOM   148 C CB  . PRO A 1 21  ? -17.566 34.261  35.098  1.00 22.23  ? 18   PRO A CB  1 
ATOM   149 C CG  . PRO A 1 21  ? -18.795 34.823  34.473  1.00 30.40  ? 18   PRO A CG  1 
ATOM   150 C CD  . PRO A 1 21  ? -19.235 33.816  33.442  1.00 28.83  ? 18   PRO A CD  1 
ATOM   151 N N   . GLU A 1 22  ? -19.672 32.320  36.595  1.00 34.82  ? 19   GLU A N   1 
ATOM   152 C CA  . GLU A 1 22  ? -20.321 31.830  37.803  1.00 28.80  ? 19   GLU A CA  1 
ATOM   153 C C   . GLU A 1 22  ? -20.710 30.361  37.698  1.00 30.50  ? 19   GLU A C   1 
ATOM   154 O O   . GLU A 1 22  ? -21.620 29.907  38.406  1.00 44.09  ? 19   GLU A O   1 
ATOM   155 C CB  . GLU A 1 22  ? -21.537 32.696  38.128  1.00 43.82  ? 19   GLU A CB  1 
ATOM   156 C CG  . GLU A 1 22  ? -21.213 34.183  38.213  1.00 60.96  ? 19   GLU A CG  1 
ATOM   157 C CD  . GLU A 1 22  ? -20.138 34.484  39.240  1.00 77.34  ? 19   GLU A CD  1 
ATOM   158 O OE1 . GLU A 1 22  ? -20.108 33.801  40.285  1.00 80.76  ? 19   GLU A OE1 1 
ATOM   159 O OE2 . GLU A 1 22  ? -19.320 35.397  38.998  1.00 79.37  ? 19   GLU A OE2 1 
ATOM   160 N N   . LEU A 1 23  ? -20.045 29.607  36.825  1.00 21.64  ? 20   LEU A N   1 
ATOM   161 C CA  . LEU A 1 23  ? -20.290 28.177  36.730  1.00 20.47  ? 20   LEU A CA  1 
ATOM   162 C C   . LEU A 1 23  ? -19.792 27.479  37.988  1.00 22.31  ? 20   LEU A C   1 
ATOM   163 O O   . LEU A 1 23  ? -18.730 27.813  38.522  1.00 27.16  ? 20   LEU A O   1 
ATOM   164 C CB  . LEU A 1 23  ? -19.596 27.595  35.495  1.00 19.11  ? 20   LEU A CB  1 
ATOM   165 C CG  . LEU A 1 23  ? -19.773 26.101  35.204  1.00 19.50  ? 20   LEU A CG  1 
ATOM   166 C CD1 . LEU A 1 23  ? -21.228 25.787  34.913  1.00 26.18  ? 20   LEU A CD1 1 
ATOM   167 C CD2 . LEU A 1 23  ? -18.887 25.659  34.049  1.00 18.48  ? 20   LEU A CD2 1 
ATOM   168 N N   . ALA A 1 24  ? -20.576 26.514  38.467  1.00 22.60  ? 21   ALA A N   1 
ATOM   169 C CA  . ALA A 1 24  ? -20.156 25.715  39.607  1.00 36.14  ? 21   ALA A CA  1 
ATOM   170 C C   . ALA A 1 24  ? -18.826 25.038  39.311  1.00 39.94  ? 21   ALA A C   1 
ATOM   171 O O   . ALA A 1 24  ? -18.569 24.601  38.185  1.00 41.14  ? 21   ALA A O   1 
ATOM   172 C CB  . ALA A 1 24  ? -21.220 24.670  39.945  1.00 26.32  ? 21   ALA A CB  1 
ATOM   173 N N   . GLN A 1 25  ? -17.972 24.977  40.334  1.00 33.26  ? 22   GLN A N   1 
ATOM   174 C CA  . GLN A 1 25  ? -16.680 24.317  40.183  1.00 31.08  ? 22   GLN A CA  1 
ATOM   175 C C   . GLN A 1 25  ? -16.844 22.862  39.770  1.00 23.37  ? 22   GLN A C   1 
ATOM   176 O O   . GLN A 1 25  ? -16.084 22.352  38.938  1.00 23.31  ? 22   GLN A O   1 
ATOM   177 C CB  . GLN A 1 25  ? -15.895 24.410  41.487  1.00 22.32  ? 22   GLN A CB  1 
ATOM   178 C CG  . GLN A 1 25  ? -14.472 23.906  41.386  1.00 22.97  ? 22   GLN A CG  1 
ATOM   179 C CD  . GLN A 1 25  ? -13.560 24.845  40.610  1.00 26.97  ? 22   GLN A CD  1 
ATOM   180 O OE1 . GLN A 1 25  ? -13.916 25.991  40.322  1.00 23.92  ? 22   GLN A OE1 1 
ATOM   181 N NE2 . GLN A 1 25  ? -12.373 24.360  40.269  1.00 22.06  ? 22   GLN A NE2 1 
ATOM   182 N N   . SER A 1 26  ? -17.834 22.175  40.346  1.00 24.58  ? 23   SER A N   1 
ATOM   183 C CA  . SER A 1 26  ? -18.056 20.771  40.021  1.00 25.02  ? 23   SER A CA  1 
ATOM   184 C C   . SER A 1 26  ? -18.414 20.598  38.552  1.00 27.52  ? 23   SER A C   1 
ATOM   185 O O   . SER A 1 26  ? -17.957 19.652  37.902  1.00 29.32  ? 23   SER A O   1 
ATOM   186 C CB  . SER A 1 26  ? -19.153 20.193  40.916  1.00 37.21  ? 23   SER A CB  1 
ATOM   187 O OG  . SER A 1 26  ? -20.393 20.850  40.700  1.00 36.70  ? 23   SER A OG  1 
ATOM   188 N N   . GLU A 1 27  ? -19.232 21.499  38.013  1.00 33.13  ? 24   GLU A N   1 
ATOM   189 C CA  . GLU A 1 27  ? -19.532 21.449  36.589  1.00 37.53  ? 24   GLU A CA  1 
ATOM   190 C C   . GLU A 1 27  ? -18.367 21.950  35.748  1.00 29.41  ? 24   GLU A C   1 
ATOM   191 O O   . GLU A 1 27  ? -18.250 21.571  34.579  1.00 25.60  ? 24   GLU A O   1 
ATOM   192 C CB  . GLU A 1 27  ? -20.798 22.254  36.286  1.00 46.73  ? 24   GLU A CB  1 
ATOM   193 C CG  . GLU A 1 27  ? -22.085 21.561  36.713  1.00 62.00  ? 24   GLU A CG  1 
ATOM   194 C CD  . GLU A 1 27  ? -23.336 22.315  36.299  1.00 83.05  ? 24   GLU A CD  1 
ATOM   195 O OE1 . GLU A 1 27  ? -23.561 23.435  36.803  1.00 89.83  ? 24   GLU A OE1 1 
ATOM   196 O OE2 . GLU A 1 27  ? -24.097 21.784  35.464  1.00 98.64  ? 24   GLU A OE2 1 
ATOM   197 N N   . ARG A 1 28  ? -17.498 22.794  36.314  1.00 35.95  ? 25   ARG A N   1 
ATOM   198 C CA  . ARG A 1 28  ? -16.337 23.257  35.563  1.00 23.79  ? 25   ARG A CA  1 
ATOM   199 C C   . ARG A 1 28  ? -15.283 22.163  35.461  1.00 23.52  ? 25   ARG A C   1 
ATOM   200 O O   . ARG A 1 28  ? -14.772 21.878  34.373  1.00 23.58  ? 25   ARG A O   1 
ATOM   201 C CB  . ARG A 1 28  ? -15.744 24.508  36.212  1.00 24.75  ? 25   ARG A CB  1 
ATOM   202 C CG  . ARG A 1 28  ? -14.398 24.912  35.629  1.00 22.96  ? 25   ARG A CG  1 
ATOM   203 C CD  . ARG A 1 28  ? -13.843 26.153  36.312  1.00 22.76  ? 25   ARG A CD  1 
ATOM   204 N NE  . ARG A 1 28  ? -14.657 27.332  36.047  1.00 26.24  ? 25   ARG A NE  1 
ATOM   205 C CZ  . ARG A 1 28  ? -15.389 27.965  36.959  1.00 26.27  ? 25   ARG A CZ  1 
ATOM   206 N NH1 . ARG A 1 28  ? -15.408 27.540  38.216  1.00 22.66  ? 25   ARG A NH1 1 
ATOM   207 N NH2 . ARG A 1 28  ? -16.097 29.033  36.612  1.00 23.91  ? 25   ARG A NH2 1 
ATOM   208 N N   . THR A 1 29  ? -14.945 21.539  36.590  1.00 23.39  ? 26   THR A N   1 
ATOM   209 C CA  . THR A 1 29  ? -13.942 20.483  36.601  1.00 23.46  ? 26   THR A CA  1 
ATOM   210 C C   . THR A 1 29  ? -14.416 19.235  35.871  1.00 24.15  ? 26   THR A C   1 
ATOM   211 O O   . THR A 1 29  ? -13.593 18.519  35.287  1.00 24.65  ? 26   THR A O   1 
ATOM   212 C CB  . THR A 1 29  ? -13.561 20.131  38.040  1.00 23.55  ? 26   THR A CB  1 
ATOM   213 O OG1 . THR A 1 29  ? -14.690 19.551  38.701  1.00 27.80  ? 26   THR A OG1 1 
ATOM   214 C CG2 . THR A 1 29  ? -13.119 21.379  38.797  1.00 22.97  ? 26   THR A CG2 1 
ATOM   215 N N   . GLU A 1 30  ? -15.720 18.949  35.905  1.00 24.84  ? 27   GLU A N   1 
ATOM   216 C CA  . GLU A 1 30  ? -16.260 17.875  35.077  1.00 25.75  ? 27   GLU A CA  1 
ATOM   217 C C   . GLU A 1 30  ? -16.076 18.191  33.599  1.00 25.54  ? 27   GLU A C   1 
ATOM   218 O O   . GLU A 1 30  ? -15.677 17.329  32.811  1.00 25.79  ? 27   GLU A O   1 
ATOM   219 C CB  . GLU A 1 30  ? -17.738 17.646  35.396  1.00 26.88  ? 27   GLU A CB  1 
ATOM   220 C CG  . GLU A 1 30  ? -18.522 16.986  34.264  1.00 42.88  ? 27   GLU A CG  1 
ATOM   221 C CD  . GLU A 1 30  ? -19.976 16.727  34.618  1.00 59.96  ? 27   GLU A CD  1 
ATOM   222 O OE1 . GLU A 1 30  ? -20.311 15.572  34.958  1.00 62.93  ? 27   GLU A OE1 1 
ATOM   223 O OE2 . GLU A 1 30  ? -20.782 17.680  34.560  1.00 64.96  ? 27   GLU A OE2 1 
ATOM   224 N N   . ALA A 1 31  ? -16.354 19.438  33.212  1.00 25.23  ? 28   ALA A N   1 
ATOM   225 C CA  . ALA A 1 31  ? -16.198 19.834  31.816  1.00 25.28  ? 28   ALA A CA  1 
ATOM   226 C C   . ALA A 1 31  ? -14.741 19.759  31.379  1.00 24.56  ? 28   ALA A C   1 
ATOM   227 O O   . ALA A 1 31  ? -14.442 19.306  30.269  1.00 24.73  ? 28   ALA A O   1 
ATOM   228 C CB  . ALA A 1 31  ? -16.747 21.244  31.604  1.00 25.43  ? 28   ALA A CB  1 
ATOM   229 N N   . LEU A 1 32  ? -13.819 20.202  32.238  1.00 24.95  ? 29   LEU A N   1 
ATOM   230 C CA  . LEU A 1 32  ? -12.400 20.144  31.897  1.00 23.57  ? 29   LEU A CA  1 
ATOM   231 C C   . LEU A 1 32  ? -11.904 18.707  31.793  1.00 34.19  ? 29   LEU A C   1 
ATOM   232 O O   . LEU A 1 32  ? -10.970 18.430  31.032  1.00 23.79  ? 29   LEU A O   1 
ATOM   233 C CB  . LEU A 1 32  ? -11.572 20.912  32.929  1.00 23.20  ? 29   LEU A CB  1 
ATOM   234 C CG  . LEU A 1 32  ? -11.776 22.423  32.960  1.00 23.10  ? 29   LEU A CG  1 
ATOM   235 C CD1 . LEU A 1 32  ? -10.870 23.069  33.985  1.00 25.54  ? 29   LEU A CD1 1 
ATOM   236 C CD2 . LEU A 1 32  ? -11.522 23.014  31.592  1.00 26.41  ? 29   LEU A CD2 1 
ATOM   237 N N   . GLN A 1 33  ? -12.506 17.786  32.549  1.00 33.66  ? 30   GLN A N   1 
ATOM   238 C CA  . GLN A 1 33  ? -12.124 16.383  32.438  1.00 32.37  ? 30   GLN A CA  1 
ATOM   239 C C   . GLN A 1 33  ? -12.595 15.793  31.118  1.00 33.96  ? 30   GLN A C   1 
ATOM   240 O O   . GLN A 1 33  ? -11.890 14.981  30.507  1.00 29.28  ? 30   GLN A O   1 
ATOM   241 C CB  . GLN A 1 33  ? -12.686 15.586  33.611  1.00 36.13  ? 30   GLN A CB  1 
ATOM   242 C CG  . GLN A 1 33  ? -12.408 14.093  33.539  1.00 44.48  ? 30   GLN A CG  1 
ATOM   243 C CD  . GLN A 1 33  ? -10.959 13.741  33.830  1.00 43.25  ? 30   GLN A CD  1 
ATOM   244 O OE1 . GLN A 1 33  ? -10.177 14.582  34.274  1.00 44.87  ? 30   GLN A OE1 1 
ATOM   245 N NE2 . GLN A 1 33  ? -10.596 12.488  33.584  1.00 45.06  ? 30   GLN A NE2 1 
ATOM   246 N N   . GLN A 1 34  ? -13.786 16.190  30.665  1.00 37.16  ? 31   GLN A N   1 
ATOM   247 C CA  . GLN A 1 34  ? -14.269 15.768  29.356  1.00 25.95  ? 31   GLN A CA  1 
ATOM   248 C C   . GLN A 1 34  ? -13.276 16.149  28.266  1.00 38.70  ? 31   GLN A C   1 
ATOM   249 O O   . GLN A 1 34  ? -12.961 15.344  27.383  1.00 48.58  ? 31   GLN A O   1 
ATOM   250 C CB  . GLN A 1 34  ? -15.637 16.390  29.072  1.00 26.57  ? 31   GLN A CB  1 
ATOM   251 C CG  . GLN A 1 34  ? -16.731 16.026  30.063  1.00 27.44  ? 31   GLN A CG  1 
ATOM   252 C CD  . GLN A 1 34  ? -18.082 16.574  29.647  1.00 54.12  ? 31   GLN A CD  1 
ATOM   253 O OE1 . GLN A 1 34  ? -18.519 16.384  28.514  1.00 64.83  ? 31   GLN A OE1 1 
ATOM   254 N NE2 . GLN A 1 34  ? -18.749 17.264  30.564  1.00 54.60  ? 31   GLN A NE2 1 
ATOM   255 N N   . LEU A 1 35  ? -12.770 17.383  28.316  1.00 24.76  ? 32   LEU A N   1 
ATOM   256 C CA  . LEU A 1 35  ? -11.742 17.803  27.370  1.00 26.67  ? 32   LEU A CA  1 
ATOM   257 C C   . LEU A 1 35  ? -10.461 17.004  27.564  1.00 32.76  ? 32   LEU A C   1 
ATOM   258 O O   . LEU A 1 35  ? -9.813  16.599  26.592  1.00 46.06  ? 32   LEU A O   1 
ATOM   259 C CB  . LEU A 1 35  ? -11.473 19.300  27.524  1.00 24.24  ? 32   LEU A CB  1 
ATOM   260 C CG  . LEU A 1 35  ? -12.666 20.224  27.265  1.00 24.69  ? 32   LEU A CG  1 
ATOM   261 C CD1 . LEU A 1 35  ? -12.248 21.679  27.392  1.00 24.68  ? 32   LEU A CD1 1 
ATOM   262 C CD2 . LEU A 1 35  ? -13.256 19.946  25.893  1.00 25.37  ? 32   LEU A CD2 1 
ATOM   263 N N   . ARG A 1 36  ? -10.074 16.775  28.823  1.00 35.62  ? 33   ARG A N   1 
ATOM   264 C CA  . ARG A 1 36  ? -8.885  15.987  29.125  1.00 36.41  ? 33   ARG A CA  1 
ATOM   265 C C   . ARG A 1 36  ? -8.988  14.592  28.519  1.00 40.82  ? 33   ARG A C   1 
ATOM   266 O O   . ARG A 1 36  ? -8.116  14.160  27.756  1.00 40.11  ? 33   ARG A O   1 
ATOM   267 C CB  . ARG A 1 36  ? -8.698  15.901  30.641  1.00 34.81  ? 33   ARG A CB  1 
ATOM   268 C CG  . ARG A 1 36  ? -7.283  15.617  31.103  1.00 25.09  ? 33   ARG A CG  1 
ATOM   269 C CD  . ARG A 1 36  ? -7.263  15.427  32.612  1.00 29.47  ? 33   ARG A CD  1 
ATOM   270 N NE  . ARG A 1 36  ? -8.178  16.343  33.285  1.00 34.47  ? 33   ARG A NE  1 
ATOM   271 C CZ  . ARG A 1 36  ? -7.817  17.522  33.779  1.00 43.19  ? 33   ARG A CZ  1 
ATOM   272 N NH1 . ARG A 1 36  ? -6.559  17.917  33.674  1.00 48.41  ? 33   ARG A NH1 1 
ATOM   273 N NH2 . ARG A 1 36  ? -8.708  18.303  34.377  1.00 50.33  ? 33   ARG A NH2 1 
ATOM   274 N N   . VAL A 1 37  ? -10.067 13.879  28.845  1.00 42.51  ? 34   VAL A N   1 
ATOM   275 C CA  . VAL A 1 37  ? -10.260 12.524  28.334  1.00 36.30  ? 34   VAL A CA  1 
ATOM   276 C C   . VAL A 1 37  ? -10.334 12.529  26.811  1.00 47.12  ? 34   VAL A C   1 
ATOM   277 O O   . VAL A 1 37  ? -9.671  11.733  26.136  1.00 56.83  ? 34   VAL A O   1 
ATOM   278 C CB  . VAL A 1 37  ? -11.521 11.893  28.949  1.00 27.10  ? 34   VAL A CB  1 
ATOM   279 C CG1 . VAL A 1 37  ? -11.849 10.592  28.241  1.00 28.76  ? 34   VAL A CG1 1 
ATOM   280 C CG2 . VAL A 1 37  ? -11.332 11.665  30.437  1.00 31.98  ? 34   VAL A CG2 1 
ATOM   281 N N   . ASN A 1 38  ? -11.142 13.434  26.251  1.00 43.33  ? 35   ASN A N   1 
ATOM   282 C CA  . ASN A 1 38  ? -11.386 13.421  24.810  1.00 44.49  ? 35   ASN A CA  1 
ATOM   283 C C   . ASN A 1 38  ? -10.117 13.718  24.025  1.00 42.97  ? 35   ASN A C   1 
ATOM   284 O O   . ASN A 1 38  ? -9.884  13.128  22.963  1.00 36.56  ? 35   ASN A O   1 
ATOM   285 C CB  . ASN A 1 38  ? -12.481 14.424  24.453  1.00 49.94  ? 35   ASN A CB  1 
ATOM   286 C CG  . ASN A 1 38  ? -12.552 14.701  22.966  1.00 54.41  ? 35   ASN A CG  1 
ATOM   287 O OD1 . ASN A 1 38  ? -13.044 13.881  22.192  1.00 47.19  ? 35   ASN A OD1 1 
ATOM   288 N ND2 . ASN A 1 38  ? -12.064 15.868  22.558  1.00 60.63  ? 35   ASN A ND2 1 
ATOM   289 N N   . TYR A 1 39  ? -9.287  14.635  24.522  1.00 46.87  ? 36   TYR A N   1 
ATOM   290 C CA  . TYR A 1 39  ? -8.017  14.895  23.859  1.00 41.03  ? 36   TYR A CA  1 
ATOM   291 C C   . TYR A 1 39  ? -7.107  13.679  23.931  1.00 53.99  ? 36   TYR A C   1 
ATOM   292 O O   . TYR A 1 39  ? -6.274  13.472  23.042  1.00 61.73  ? 36   TYR A O   1 
ATOM   293 C CB  . TYR A 1 39  ? -7.340  16.118  24.475  1.00 36.21  ? 36   TYR A CB  1 
ATOM   294 C CG  . TYR A 1 39  ? -6.416  16.839  23.523  1.00 36.94  ? 36   TYR A CG  1 
ATOM   295 C CD1 . TYR A 1 39  ? -6.920  17.706  22.561  1.00 47.53  ? 36   TYR A CD1 1 
ATOM   296 C CD2 . TYR A 1 39  ? -5.042  16.651  23.582  1.00 34.91  ? 36   TYR A CD2 1 
ATOM   297 C CE1 . TYR A 1 39  ? -6.080  18.367  21.685  1.00 51.23  ? 36   TYR A CE1 1 
ATOM   298 C CE2 . TYR A 1 39  ? -4.194  17.307  22.712  1.00 49.33  ? 36   TYR A CE2 1 
ATOM   299 C CZ  . TYR A 1 39  ? -4.718  18.164  21.765  1.00 55.24  ? 36   TYR A CZ  1 
ATOM   300 O OH  . TYR A 1 39  ? -3.871  18.817  20.897  1.00 55.34  ? 36   TYR A OH  1 
ATOM   301 N N   . GLY A 1 40  ? -7.262  12.859  24.971  1.00 57.60  ? 37   GLY A N   1 
ATOM   302 C CA  . GLY A 1 40  ? -6.516  11.614  25.031  1.00 52.39  ? 37   GLY A CA  1 
ATOM   303 C C   . GLY A 1 40  ? -6.959  10.628  23.968  1.00 42.23  ? 37   GLY A C   1 
ATOM   304 O O   . GLY A 1 40  ? -6.136  10.082  23.231  1.00 54.00  ? 37   GLY A O   1 
ATOM   305 N N   . SER A 1 41  ? -8.270  10.396  23.865  1.00 31.55  ? 38   SER A N   1 
ATOM   306 C CA  . SER A 1 41  ? -8.780  9.479   22.854  1.00 39.67  ? 38   SER A CA  1 
ATOM   307 C C   . SER A 1 41  ? -8.639  10.044  21.448  1.00 52.41  ? 38   SER A C   1 
ATOM   308 O O   . SER A 1 41  ? -8.661  9.277   20.480  1.00 64.63  ? 38   SER A O   1 
ATOM   309 C CB  . SER A 1 41  ? -10.243 9.134   23.138  1.00 51.94  ? 38   SER A CB  1 
ATOM   310 O OG  . SER A 1 41  ? -11.105 10.192  22.765  1.00 57.19  ? 38   SER A OG  1 
ATOM   311 N N   . PHE A 1 42  ? -8.498  11.364  21.313  1.00 66.46  ? 39   PHE A N   1 
ATOM   312 C CA  . PHE A 1 42  ? -8.180  11.946  20.013  1.00 62.01  ? 39   PHE A CA  1 
ATOM   313 C C   . PHE A 1 42  ? -6.737  11.636  19.630  1.00 60.16  ? 39   PHE A C   1 
ATOM   314 O O   . PHE A 1 42  ? -6.468  11.143  18.530  1.00 69.92  ? 39   PHE A O   1 
ATOM   315 C CB  . PHE A 1 42  ? -8.429  13.457  20.043  1.00 69.07  ? 39   PHE A CB  1 
ATOM   316 C CG  . PHE A 1 42  ? -8.606  14.083  18.680  1.00 75.97  ? 39   PHE A CG  1 
ATOM   317 C CD1 . PHE A 1 42  ? -8.233  13.414  17.524  1.00 73.79  ? 39   PHE A CD1 1 
ATOM   318 C CD2 . PHE A 1 42  ? -9.140  15.352  18.563  1.00 79.87  ? 39   PHE A CD2 1 
ATOM   319 C CE1 . PHE A 1 42  ? -8.392  13.998  16.286  1.00 73.50  ? 39   PHE A CE1 1 
ATOM   320 C CE2 . PHE A 1 42  ? -9.304  15.942  17.326  1.00 77.11  ? 39   PHE A CE2 1 
ATOM   321 C CZ  . PHE A 1 42  ? -8.927  15.263  16.186  1.00 75.36  ? 39   PHE A CZ  1 
ATOM   322 N N   . VAL A 1 43  ? -5.797  11.914  20.535  1.00 52.13  ? 40   VAL A N   1 
ATOM   323 C CA  . VAL A 1 43  ? -4.400  11.567  20.290  1.00 48.24  ? 40   VAL A CA  1 
ATOM   324 C C   . VAL A 1 43  ? -4.256  10.066  20.079  1.00 57.40  ? 40   VAL A C   1 
ATOM   325 O O   . VAL A 1 43  ? -3.467  9.611   19.241  1.00 64.32  ? 40   VAL A O   1 
ATOM   326 C CB  . VAL A 1 43  ? -3.517  12.073  21.446  1.00 36.78  ? 40   VAL A CB  1 
ATOM   327 C CG1 . VAL A 1 43  ? -2.138  11.441  21.389  1.00 26.81  ? 40   VAL A CG1 1 
ATOM   328 C CG2 . VAL A 1 43  ? -3.403  13.586  21.394  1.00 37.05  ? 40   VAL A CG2 1 
ATOM   329 N N   . SER A 1 44  ? -5.037  9.274   20.817  1.00 61.66  ? 41   SER A N   1 
ATOM   330 C CA  . SER A 1 44  ? -5.001  7.824   20.656  1.00 72.38  ? 41   SER A CA  1 
ATOM   331 C C   . SER A 1 44  ? -5.450  7.414   19.257  1.00 72.47  ? 41   SER A C   1 
ATOM   332 O O   . SER A 1 44  ? -4.750  6.669   18.561  1.00 75.55  ? 41   SER A O   1 
ATOM   333 C CB  . SER A 1 44  ? -5.873  7.163   21.725  1.00 73.09  ? 41   SER A CB  1 
ATOM   334 O OG  . SER A 1 44  ? -5.720  5.756   21.717  1.00 80.75  ? 41   SER A OG  1 
ATOM   335 N N   . GLU A 1 45  ? -6.618  7.899   18.825  1.00 65.23  ? 42   GLU A N   1 
ATOM   336 C CA  . GLU A 1 45  ? -7.126  7.565   17.499  1.00 64.15  ? 42   GLU A CA  1 
ATOM   337 C C   . GLU A 1 45  ? -6.284  8.186   16.388  1.00 66.90  ? 42   GLU A C   1 
ATOM   338 O O   . GLU A 1 45  ? -6.300  7.686   15.259  1.00 67.47  ? 42   GLU A O   1 
ATOM   339 C CB  . GLU A 1 45  ? -8.589  8.002   17.373  1.00 63.88  ? 42   GLU A CB  1 
ATOM   340 C CG  . GLU A 1 45  ? -9.294  7.537   16.099  1.00 78.83  ? 42   GLU A CG  1 
ATOM   341 C CD  . GLU A 1 45  ? -10.805 7.687   16.172  1.00 94.84  ? 42   GLU A CD  1 
ATOM   342 O OE1 . GLU A 1 45  ? -11.428 7.041   17.042  1.00 98.87  ? 42   GLU A OE1 1 
ATOM   343 O OE2 . GLU A 1 45  ? -11.368 8.456   15.362  1.00 98.10  ? 42   GLU A OE2 1 
ATOM   344 N N   . TYR A 1 46  ? -5.543  9.253   16.685  1.00 64.60  ? 43   TYR A N   1 
ATOM   345 C CA  . TYR A 1 46  ? -4.623  9.806   15.698  1.00 58.68  ? 43   TYR A CA  1 
ATOM   346 C C   . TYR A 1 46  ? -3.367  8.950   15.578  1.00 63.85  ? 43   TYR A C   1 
ATOM   347 O O   . TYR A 1 46  ? -2.863  8.737   14.470  1.00 68.75  ? 43   TYR A O   1 
ATOM   348 C CB  . TYR A 1 46  ? -4.263  11.247  16.064  1.00 56.11  ? 43   TYR A CB  1 
ATOM   349 C CG  . TYR A 1 46  ? -3.274  11.903  15.126  1.00 55.00  ? 43   TYR A CG  1 
ATOM   350 C CD1 . TYR A 1 46  ? -1.906  11.811  15.353  1.00 58.62  ? 43   TYR A CD1 1 
ATOM   351 C CD2 . TYR A 1 46  ? -3.706  12.629  14.021  1.00 53.04  ? 43   TYR A CD2 1 
ATOM   352 C CE1 . TYR A 1 46  ? -0.997  12.413  14.503  1.00 60.59  ? 43   TYR A CE1 1 
ATOM   353 C CE2 . TYR A 1 46  ? -2.801  13.237  13.165  1.00 59.71  ? 43   TYR A CE2 1 
ATOM   354 C CZ  . TYR A 1 46  ? -1.448  13.123  13.413  1.00 64.89  ? 43   TYR A CZ  1 
ATOM   355 O OH  . TYR A 1 46  ? -0.539  13.723  12.569  1.00 71.41  ? 43   TYR A OH  1 
ATOM   356 N N   . ASN A 1 47  ? -2.849  8.451   16.705  1.00 67.80  ? 44   ASN A N   1 
ATOM   357 C CA  . ASN A 1 47  ? -1.686  7.570   16.653  1.00 71.44  ? 44   ASN A CA  1 
ATOM   358 C C   . ASN A 1 47  ? -2.036  6.214   16.057  1.00 71.45  ? 44   ASN A C   1 
ATOM   359 O O   . ASN A 1 47  ? -1.194  5.597   15.397  1.00 58.54  ? 44   ASN A O   1 
ATOM   360 C CB  . ASN A 1 47  ? -1.085  7.390   18.047  1.00 74.58  ? 44   ASN A CB  1 
ATOM   361 C CG  . ASN A 1 47  ? -0.393  8.641   18.548  1.00 80.01  ? 44   ASN A CG  1 
ATOM   362 O OD1 . ASN A 1 47  ? -0.066  9.537   17.769  1.00 76.67  ? 44   ASN A OD1 1 
ATOM   363 N ND2 . ASN A 1 47  ? -0.156  8.704   19.853  1.00 80.34  ? 44   ASN A ND2 1 
ATOM   364 N N   . ASP A 1 48  ? -3.257  5.729   16.285  1.00 74.57  ? 45   ASP A N   1 
ATOM   365 C CA  . ASP A 1 48  ? -3.690  4.491   15.647  1.00 74.05  ? 45   ASP A CA  1 
ATOM   366 C C   . ASP A 1 48  ? -3.924  4.675   14.155  1.00 78.91  ? 45   ASP A C   1 
ATOM   367 O O   . ASP A 1 48  ? -3.863  3.697   13.403  1.00 91.35  ? 45   ASP A O   1 
ATOM   368 C CB  . ASP A 1 48  ? -4.955  3.960   16.325  1.00 79.52  ? 45   ASP A CB  1 
ATOM   369 C CG  . ASP A 1 48  ? -4.706  3.518   17.757  1.00 103.94 ? 45   ASP A CG  1 
ATOM   370 O OD1 . ASP A 1 48  ? -3.544  3.601   18.211  1.00 109.56 ? 45   ASP A OD1 1 
ATOM   371 O OD2 . ASP A 1 48  ? -5.666  3.087   18.429  1.00 110.97 ? 45   ASP A OD2 1 
ATOM   372 N N   . LEU A 1 49  ? -4.186  5.905   13.711  1.00 79.26  ? 46   LEU A N   1 
ATOM   373 C CA  . LEU A 1 49  ? -4.272  6.172   12.281  1.00 78.36  ? 46   LEU A CA  1 
ATOM   374 C C   . LEU A 1 49  ? -2.891  6.415   11.685  1.00 73.28  ? 46   LEU A C   1 
ATOM   375 O O   . LEU A 1 49  ? -2.596  5.939   10.583  1.00 78.28  ? 46   LEU A O   1 
ATOM   376 C CB  . LEU A 1 49  ? -5.182  7.373   12.022  1.00 75.27  ? 46   LEU A CB  1 
ATOM   377 C CG  . LEU A 1 49  ? -5.533  7.647   10.559  1.00 67.86  ? 46   LEU A CG  1 
ATOM   378 C CD1 . LEU A 1 49  ? -6.528  6.615   10.044  1.00 65.15  ? 46   LEU A CD1 1 
ATOM   379 C CD2 . LEU A 1 49  ? -6.069  9.060   10.390  1.00 64.35  ? 46   LEU A CD2 1 
ATOM   380 N N   . THR A 1 50  ? -2.029  7.143   12.401  1.00 71.63  ? 47   THR A N   1 
ATOM   381 C CA  . THR A 1 50  ? -0.675  7.390   11.920  1.00 72.88  ? 47   THR A CA  1 
ATOM   382 C C   . THR A 1 50  ? 0.177   6.130   11.950  1.00 74.84  ? 47   THR A C   1 
ATOM   383 O O   . THR A 1 50  ? 1.212   6.081   11.279  1.00 73.49  ? 47   THR A O   1 
ATOM   384 C CB  . THR A 1 50  ? -0.005  8.500   12.743  1.00 78.60  ? 47   THR A CB  1 
ATOM   385 O OG1 . THR A 1 50  ? 0.964   9.176   11.930  1.00 83.26  ? 47   THR A OG1 1 
ATOM   386 C CG2 . THR A 1 50  ? 0.697   7.928   13.967  1.00 81.92  ? 47   THR A CG2 1 
ATOM   387 N N   . LYS A 1 51  ? -0.232  5.114   12.710  1.00 81.36  ? 48   LYS A N   1 
ATOM   388 C CA  . LYS A 1 51  ? 0.442   3.824   12.679  1.00 86.83  ? 48   LYS A CA  1 
ATOM   389 C C   . LYS A 1 51  ? -0.097  2.940   11.563  1.00 89.07  ? 48   LYS A C   1 
ATOM   390 O O   . LYS A 1 51  ? 0.666   2.183   10.951  1.00 90.70  ? 48   LYS A O   1 
ATOM   391 C CB  . LYS A 1 51  ? 0.301   3.113   14.026  1.00 86.50  ? 48   LYS A CB  1 
ATOM   392 C CG  . LYS A 1 51  ? 1.155   1.866   14.138  1.00 95.81  ? 48   LYS A CG  1 
ATOM   393 C CD  . LYS A 1 51  ? 2.619   2.193   13.898  1.00 100.53 ? 48   LYS A CD  1 
ATOM   394 C CE  . LYS A 1 51  ? 3.491   0.954   13.993  1.00 98.78  ? 48   LYS A CE  1 
ATOM   395 N NZ  . LYS A 1 51  ? 4.905   1.251   13.644  1.00 93.08  ? 48   LYS A NZ  1 
ATOM   396 N N   . ARG A 1 52  ? -1.402  3.015   11.289  1.00 85.36  ? 1677 ARG A N   1 
ATOM   397 C CA  . ARG A 1 52  ? -1.936  2.389   10.085  1.00 82.71  ? 1677 ARG A CA  1 
ATOM   398 C C   . ARG A 1 52  ? -1.344  3.024   8.834   1.00 84.43  ? 1677 ARG A C   1 
ATOM   399 O O   . ARG A 1 52  ? -1.204  2.359   7.800   1.00 80.68  ? 1677 ARG A O   1 
ATOM   400 C CB  . ARG A 1 52  ? -3.466  2.484   10.072  1.00 84.01  ? 1677 ARG A CB  1 
ATOM   401 C CG  . ARG A 1 52  ? -4.097  2.160   8.724   1.00 90.14  ? 1677 ARG A CG  1 
ATOM   402 C CD  . ARG A 1 52  ? -5.598  1.937   8.812   1.00 100.99 ? 1677 ARG A CD  1 
ATOM   403 N NE  . ARG A 1 52  ? -6.173  1.660   7.497   1.00 105.56 ? 1677 ARG A NE  1 
ATOM   404 C CZ  . ARG A 1 52  ? -6.115  0.479   6.887   1.00 100.32 ? 1677 ARG A CZ  1 
ATOM   405 N NH1 . ARG A 1 52  ? -5.504  -0.545  7.469   1.00 94.18  ? 1677 ARG A NH1 1 
ATOM   406 N NH2 . ARG A 1 52  ? -6.666  0.322   5.689   1.00 97.30  ? 1677 ARG A NH2 1 
ATOM   407 N N   . ASN A 1 53  ? -0.965  4.298   8.918   1.00 89.77  ? 1678 ASN A N   1 
ATOM   408 C CA  . ASN A 1 53  ? -0.389  5.016   7.791   1.00 93.62  ? 1678 ASN A CA  1 
ATOM   409 C C   . ASN A 1 53  ? 0.967   4.431   7.407   1.00 89.41  ? 1678 ASN A C   1 
ATOM   410 O O   . ASN A 1 53  ? 1.098   3.814   6.346   1.00 89.57  ? 1678 ASN A O   1 
ATOM   411 C CB  . ASN A 1 53  ? -0.258  6.504   8.120   1.00 96.34  ? 1678 ASN A CB  1 
ATOM   412 C CG  . ASN A 1 53  ? -0.337  7.382   6.888   1.00 95.66  ? 1678 ASN A CG  1 
ATOM   413 O OD1 . ASN A 1 53  ? -1.419  7.616   6.347   1.00 88.18  ? 1678 ASN A OD1 1 
ATOM   414 N ND2 . ASN A 1 53  ? 0.809   7.886   6.445   1.00 99.94  ? 1678 ASN A ND2 1 
ATOM   415 N N   . ASN A 1 54  ? 1.982   4.600   8.270   1.00 88.99  ? 1679 ASN A N   1 
ATOM   416 C CA  . ASN A 1 54  ? 3.309   4.048   7.967   1.00 88.70  ? 1679 ASN A CA  1 
ATOM   417 C C   . ASN A 1 54  ? 3.338   2.511   7.981   1.00 82.33  ? 1679 ASN A C   1 
ATOM   418 O O   . ASN A 1 54  ? 4.425   1.924   7.845   1.00 74.01  ? 1679 ASN A O   1 
ATOM   419 C CB  . ASN A 1 54  ? 4.353   4.602   8.938   1.00 88.39  ? 1679 ASN A CB  1 
ATOM   420 C CG  . ASN A 1 54  ? 4.182   4.075   10.345  1.00 90.28  ? 1679 ASN A CG  1 
ATOM   421 O OD1 . ASN A 1 54  ? 3.066   3.806   10.786  1.00 91.43  ? 1679 ASN A OD1 1 
ATOM   422 N ND2 . ASN A 1 54  ? 5.290   3.926   11.061  1.00 91.82  ? 1679 ASN A ND2 1 
ATOM   423 N N   . LEU A 1 55  ? 2.186   1.863   8.156   1.00 79.04  ? 1680 LEU A N   1 
ATOM   424 C CA  . LEU A 1 55  ? 2.036   0.434   7.912   1.00 75.71  ? 1680 LEU A CA  1 
ATOM   425 C C   . LEU A 1 55  ? 1.780   0.159   6.434   1.00 77.18  ? 1680 LEU A C   1 
ATOM   426 O O   . LEU A 1 55  ? 2.445   -0.689  5.833   1.00 78.84  ? 1680 LEU A O   1 
ATOM   427 C CB  . LEU A 1 55  ? 0.900   -0.128  8.775   1.00 77.20  ? 1680 LEU A CB  1 
ATOM   428 C CG  . LEU A 1 55  ? 0.386   -1.550  8.518   1.00 76.34  ? 1680 LEU A CG  1 
ATOM   429 C CD1 . LEU A 1 55  ? 0.054   -2.229  9.838   1.00 75.94  ? 1680 LEU A CD1 1 
ATOM   430 C CD2 . LEU A 1 55  ? -0.838  -1.548  7.601   1.00 72.18  ? 1680 LEU A CD2 1 
ATOM   431 N N   . LEU A 1 56  ? 0.814   0.868   5.839   1.00 83.70  ? 1681 LEU A N   1 
ATOM   432 C CA  . LEU A 1 56  ? 0.608   0.778   4.397   1.00 80.93  ? 1681 LEU A CA  1 
ATOM   433 C C   . LEU A 1 56  ? 1.844   1.225   3.634   1.00 84.91  ? 1681 LEU A C   1 
ATOM   434 O O   . LEU A 1 56  ? 2.084   0.760   2.514   1.00 82.11  ? 1681 LEU A O   1 
ATOM   435 C CB  . LEU A 1 56  ? -0.600  1.620   3.980   1.00 73.36  ? 1681 LEU A CB  1 
ATOM   436 C CG  . LEU A 1 56  ? -1.979  1.177   4.471   1.00 73.56  ? 1681 LEU A CG  1 
ATOM   437 C CD1 . LEU A 1 56  ? -3.061  2.063   3.875   1.00 66.95  ? 1681 LEU A CD1 1 
ATOM   438 C CD2 . LEU A 1 56  ? -2.227  -0.283  4.130   1.00 78.94  ? 1681 LEU A CD2 1 
ATOM   439 N N   . GLN A 1 57  ? 2.636   2.129   4.217   1.00 91.13  ? 1682 GLN A N   1 
ATOM   440 C CA  . GLN A 1 57  ? 3.887   2.537   3.589   1.00 97.71  ? 1682 GLN A CA  1 
ATOM   441 C C   . GLN A 1 57  ? 4.856   1.369   3.474   1.00 97.70  ? 1682 GLN A C   1 
ATOM   442 O O   . GLN A 1 57  ? 5.669   1.327   2.544   1.00 104.62 ? 1682 GLN A O   1 
ATOM   443 C CB  . GLN A 1 57  ? 4.519   3.684   4.380   1.00 107.22 ? 1682 GLN A CB  1 
ATOM   444 C CG  . GLN A 1 57  ? 5.774   4.257   3.753   1.00 118.67 ? 1682 GLN A CG  1 
ATOM   445 C CD  . GLN A 1 57  ? 5.557   4.690   2.319   1.00 125.51 ? 1682 GLN A CD  1 
ATOM   446 O OE1 . GLN A 1 57  ? 4.534   5.288   1.985   1.00 128.87 ? 1682 GLN A OE1 1 
ATOM   447 N NE2 . GLN A 1 57  ? 6.517   4.378   1.456   1.00 126.08 ? 1682 GLN A NE2 1 
ATOM   448 N N   . ALA A 1 58  ? 4.784   0.413   4.401   1.00 91.40  ? 1683 ALA A N   1 
ATOM   449 C CA  . ALA A 1 58  ? 5.614   -0.782  4.335   1.00 82.38  ? 1683 ALA A CA  1 
ATOM   450 C C   . ALA A 1 58  ? 5.023   -1.866  3.444   1.00 81.40  ? 1683 ALA A C   1 
ATOM   451 O O   . ALA A 1 58  ? 5.767   -2.737  2.978   1.00 88.73  ? 1683 ALA A O   1 
ATOM   452 C CB  . ALA A 1 58  ? 5.840   -1.346  5.740   1.00 72.52  ? 1683 ALA A CB  1 
ATOM   453 N N   . GLU A 1 59  ? 3.712   -1.834  3.197   1.00 72.67  ? 1684 GLU A N   1 
ATOM   454 C CA  . GLU A 1 59  ? 3.095   -2.818  2.312   1.00 69.97  ? 1684 GLU A CA  1 
ATOM   455 C C   . GLU A 1 59  ? 3.529   -2.602  0.867   1.00 76.83  ? 1684 GLU A C   1 
ATOM   456 O O   . GLU A 1 59  ? 4.139   -3.483  0.250   1.00 86.00  ? 1684 GLU A O   1 
ATOM   457 C CB  . GLU A 1 59  ? 1.568   -2.759  2.430   1.00 76.89  ? 1684 GLU A CB  1 
ATOM   458 C CG  . GLU A 1 59  ? 0.997   -3.337  3.719   1.00 97.37  ? 1684 GLU A CG  1 
ATOM   459 C CD  . GLU A 1 59  ? -0.498  -3.606  3.627   1.00 112.11 ? 1684 GLU A CD  1 
ATOM   460 O OE1 . GLU A 1 59  ? -1.011  -3.753  2.495   1.00 115.77 ? 1684 GLU A OE1 1 
ATOM   461 O OE2 . GLU A 1 59  ? -1.163  -3.669  4.684   1.00 116.63 ? 1684 GLU A OE2 1 
ATOM   462 N N   . LEU A 1 60  ? 3.227   -1.423  0.310   1.00 73.92  ? 1685 LEU A N   1 
ATOM   463 C CA  . LEU A 1 60  ? 3.541   -1.177  -1.093  1.00 80.41  ? 1685 LEU A CA  1 
ATOM   464 C C   . LEU A 1 60  ? 5.042   -1.042  -1.326  1.00 83.17  ? 1685 LEU A C   1 
ATOM   465 O O   . LEU A 1 60  ? 5.530   -1.397  -2.405  1.00 95.19  ? 1685 LEU A O   1 
ATOM   466 C CB  . LEU A 1 60  ? 2.792   0.061   -1.602  1.00 82.38  ? 1685 LEU A CB  1 
ATOM   467 C CG  . LEU A 1 60  ? 2.935   1.447   -0.959  1.00 83.65  ? 1685 LEU A CG  1 
ATOM   468 C CD1 . LEU A 1 60  ? 4.233   2.152   -1.355  1.00 82.02  ? 1685 LEU A CD1 1 
ATOM   469 C CD2 . LEU A 1 60  ? 1.729   2.311   -1.318  1.00 85.64  ? 1685 LEU A CD2 1 
ATOM   470 N N   . GLU A 1 61  ? 5.790   -0.535  -0.339  1.00 78.70  ? 1686 GLU A N   1 
ATOM   471 C CA  . GLU A 1 61  ? 7.244   -0.509  -0.465  1.00 87.88  ? 1686 GLU A CA  1 
ATOM   472 C C   . GLU A 1 61  ? 7.806   -1.917  -0.598  1.00 91.15  ? 1686 GLU A C   1 
ATOM   473 O O   . GLU A 1 61  ? 8.824   -2.123  -1.271  1.00 93.57  ? 1686 GLU A O   1 
ATOM   474 C CB  . GLU A 1 61  ? 7.870   0.207   0.733   1.00 98.03  ? 1686 GLU A CB  1 
ATOM   475 C CG  . GLU A 1 61  ? 9.377   0.379   0.650   1.00 107.66 ? 1686 GLU A CG  1 
ATOM   476 C CD  . GLU A 1 61  ? 9.961   1.044   1.880   1.00 119.52 ? 1686 GLU A CD  1 
ATOM   477 O OE1 . GLU A 1 61  ? 9.186   1.598   2.692   1.00 121.67 ? 1686 GLU A OE1 1 
ATOM   478 O OE2 . GLU A 1 61  ? 11.200  1.010   2.038   1.00 124.87 ? 1686 GLU A OE2 1 
ATOM   479 N N   . GLU A 1 62  ? 7.157   -2.896  0.034   1.00 88.08  ? 1687 GLU A N   1 
ATOM   480 C CA  . GLU A 1 62  ? 7.464   -4.298  -0.206  1.00 88.40  ? 1687 GLU A CA  1 
ATOM   481 C C   . GLU A 1 62  ? 6.718   -4.848  -1.414  1.00 82.88  ? 1687 GLU A C   1 
ATOM   482 O O   . GLU A 1 62  ? 7.220   -5.760  -2.081  1.00 89.81  ? 1687 GLU A O   1 
ATOM   483 C CB  . GLU A 1 62  ? 7.132   -5.130  1.038   1.00 93.20  ? 1687 GLU A CB  1 
ATOM   484 C CG  . GLU A 1 62  ? 7.502   -6.606  0.939   1.00 103.41 ? 1687 GLU A CG  1 
ATOM   485 C CD  . GLU A 1 62  ? 6.326   -7.485  0.549   1.00 113.69 ? 1687 GLU A CD  1 
ATOM   486 O OE1 . GLU A 1 62  ? 5.169   -7.068  0.773   1.00 114.73 ? 1687 GLU A OE1 1 
ATOM   487 O OE2 . GLU A 1 62  ? 6.558   -8.591  0.015   1.00 117.26 ? 1687 GLU A OE2 1 
ATOM   488 N N   . LEU A 1 63  ? 5.539   -4.304  -1.724  1.00 78.03  ? 1688 LEU A N   1 
ATOM   489 C CA  . LEU A 1 63  ? 4.797   -4.788  -2.884  1.00 66.92  ? 1688 LEU A CA  1 
ATOM   490 C C   . LEU A 1 63  ? 5.456   -4.360  -4.189  1.00 70.25  ? 1688 LEU A C   1 
ATOM   491 O O   . LEU A 1 63  ? 5.400   -5.099  -5.177  1.00 72.09  ? 1688 LEU A O   1 
ATOM   492 C CB  . LEU A 1 63  ? 3.348   -4.299  -2.836  1.00 56.47  ? 1688 LEU A CB  1 
ATOM   493 C CG  . LEU A 1 63  ? 2.415   -4.868  -3.909  1.00 52.51  ? 1688 LEU A CG  1 
ATOM   494 C CD1 . LEU A 1 63  ? 2.215   -6.363  -3.707  1.00 51.63  ? 1688 LEU A CD1 1 
ATOM   495 C CD2 . LEU A 1 63  ? 1.077   -4.141  -3.922  1.00 58.02  ? 1688 LEU A CD2 1 
ATOM   496 N N   . ARG A 1 64  ? 6.084   -3.181  -4.218  1.00 66.95  ? 1689 ARG A N   1 
ATOM   497 C CA  . ARG A 1 64  ? 6.797   -2.773  -5.424  1.00 69.79  ? 1689 ARG A CA  1 
ATOM   498 C C   . ARG A 1 64  ? 8.057   -3.604  -5.629  1.00 73.10  ? 1689 ARG A C   1 
ATOM   499 O O   . ARG A 1 64  ? 8.517   -3.758  -6.767  1.00 82.87  ? 1689 ARG A O   1 
ATOM   500 C CB  . ARG A 1 64  ? 7.137   -1.284  -5.369  1.00 75.38  ? 1689 ARG A CB  1 
ATOM   501 C CG  . ARG A 1 64  ? 8.272   -0.920  -4.431  1.00 83.38  ? 1689 ARG A CG  1 
ATOM   502 C CD  . ARG A 1 64  ? 8.779   0.479   -4.731  1.00 96.14  ? 1689 ARG A CD  1 
ATOM   503 N NE  . ARG A 1 64  ? 7.708   1.469   -4.667  1.00 102.74 ? 1689 ARG A NE  1 
ATOM   504 C CZ  . ARG A 1 64  ? 7.494   2.273   -3.632  1.00 101.26 ? 1689 ARG A CZ  1 
ATOM   505 N NH1 . ARG A 1 64  ? 8.280   2.214   -2.566  1.00 99.67  ? 1689 ARG A NH1 1 
ATOM   506 N NH2 . ARG A 1 64  ? 6.493   3.143   -3.668  1.00 95.87  ? 1689 ARG A NH2 1 
ATOM   507 N N   . ALA A 1 65  ? 8.626   -4.144  -4.547  1.00 71.24  ? 1690 ALA A N   1 
ATOM   508 C CA  . ALA A 1 65  ? 9.730   -5.086  -4.691  1.00 70.32  ? 1690 ALA A CA  1 
ATOM   509 C C   . ALA A 1 65  ? 9.265   -6.368  -5.371  1.00 70.92  ? 1690 ALA A C   1 
ATOM   510 O O   . ALA A 1 65  ? 10.027  -6.995  -6.116  1.00 83.44  ? 1690 ALA A O   1 
ATOM   511 C CB  . ALA A 1 65  ? 10.346  -5.386  -3.325  1.00 63.94  ? 1690 ALA A CB  1 
ATOM   512 N N   . VAL A 1 66  ? 8.014   -6.768  -5.125  1.00 54.19  ? 1691 VAL A N   1 
ATOM   513 C CA  . VAL A 1 66  ? 7.450   -7.924  -5.815  1.00 47.46  ? 1691 VAL A CA  1 
ATOM   514 C C   . VAL A 1 66  ? 7.336   -7.644  -7.308  1.00 48.32  ? 1691 VAL A C   1 
ATOM   515 O O   . VAL A 1 66  ? 7.603   -8.517  -8.142  1.00 58.10  ? 1691 VAL A O   1 
ATOM   516 C CB  . VAL A 1 66  ? 6.088   -8.303  -5.197  1.00 41.93  ? 1691 VAL A CB  1 
ATOM   517 C CG1 . VAL A 1 66  ? 5.428   -9.433  -5.990  1.00 32.15  ? 1691 VAL A CG1 1 
ATOM   518 C CG2 . VAL A 1 66  ? 6.258   -8.698  -3.742  1.00 41.42  ? 1691 VAL A CG2 1 
ATOM   519 N N   . VAL A 1 67  ? 6.941   -6.420  -7.669  1.00 54.16  ? 1692 VAL A N   1 
ATOM   520 C CA  . VAL A 1 67  ? 6.892   -6.033  -9.076  1.00 53.68  ? 1692 VAL A CA  1 
ATOM   521 C C   . VAL A 1 67  ? 8.262   -6.196  -9.716  1.00 54.31  ? 1692 VAL A C   1 
ATOM   522 O O   . VAL A 1 67  ? 8.407   -6.823  -10.773 1.00 60.34  ? 1692 VAL A O   1 
ATOM   523 C CB  . VAL A 1 67  ? 6.385   -4.587  -9.215  1.00 60.01  ? 1692 VAL A CB  1 
ATOM   524 C CG1 . VAL A 1 67  ? 6.444   -4.146  -10.670 1.00 60.49  ? 1692 VAL A CG1 1 
ATOM   525 C CG2 . VAL A 1 67  ? 4.981   -4.461  -8.666  1.00 64.77  ? 1692 VAL A CG2 1 
ATOM   526 N N   . GLU A 1 68  ? 9.291   -5.636  -9.076  1.00 53.22  ? 1693 GLU A N   1 
ATOM   527 C CA  . GLU A 1 68  ? 10.641  -5.711  -9.620  1.00 62.64  ? 1693 GLU A CA  1 
ATOM   528 C C   . GLU A 1 68  ? 11.124  -7.150  -9.734  1.00 57.66  ? 1693 GLU A C   1 
ATOM   529 O O   . GLU A 1 68  ? 11.894  -7.473  -10.646 1.00 51.23  ? 1693 GLU A O   1 
ATOM   530 C CB  . GLU A 1 68  ? 11.590  -4.889  -8.752  1.00 74.49  ? 1693 GLU A CB  1 
ATOM   531 C CG  . GLU A 1 68  ? 11.233  -3.413  -8.702  1.00 91.63  ? 1693 GLU A CG  1 
ATOM   532 C CD  . GLU A 1 68  ? 11.798  -2.708  -7.485  1.00 108.88 ? 1693 GLU A CD  1 
ATOM   533 O OE1 . GLU A 1 68  ? 12.652  -3.299  -6.792  1.00 115.30 ? 1693 GLU A OE1 1 
ATOM   534 O OE2 . GLU A 1 68  ? 11.377  -1.561  -7.219  1.00 111.84 ? 1693 GLU A OE2 1 
ATOM   535 N N   . GLN A 1 69  ? 10.684  -8.029  -8.830  1.00 53.96  ? 1694 GLN A N   1 
ATOM   536 C CA  . GLN A 1 69  ? 11.043  -9.438  -8.953  1.00 50.63  ? 1694 GLN A CA  1 
ATOM   537 C C   . GLN A 1 69  ? 10.262  -10.106 -10.077 1.00 49.17  ? 1694 GLN A C   1 
ATOM   538 O O   . GLN A 1 69  ? 10.807  -10.939 -10.809 1.00 58.48  ? 1694 GLN A O   1 
ATOM   539 C CB  . GLN A 1 69  ? 10.809  -10.172 -7.632  1.00 59.27  ? 1694 GLN A CB  1 
ATOM   540 C CG  . GLN A 1 69  ? 11.292  -11.616 -7.652  1.00 75.14  ? 1694 GLN A CG  1 
ATOM   541 C CD  . GLN A 1 69  ? 10.809  -12.419 -6.459  1.00 90.89  ? 1694 GLN A CD  1 
ATOM   542 O OE1 . GLN A 1 69  ? 10.036  -11.927 -5.636  1.00 90.29  ? 1694 GLN A OE1 1 
ATOM   543 N NE2 . GLN A 1 69  ? 11.263  -13.664 -6.361  1.00 100.87 ? 1694 GLN A NE2 1 
ATOM   544 N N   . THR A 1 70  ? 8.985   -9.749  -10.235 1.00 46.98  ? 1695 THR A N   1 
ATOM   545 C CA  . THR A 1 70  ? 8.181   -10.335 -11.303 1.00 40.61  ? 1695 THR A CA  1 
ATOM   546 C C   . THR A 1 70  ? 8.623   -9.835  -12.671 1.00 39.06  ? 1695 THR A C   1 
ATOM   547 O O   . THR A 1 70  ? 8.589   -10.593 -13.647 1.00 47.23  ? 1695 THR A O   1 
ATOM   548 C CB  . THR A 1 70  ? 6.702   -10.029 -11.072 1.00 37.82  ? 1695 THR A CB  1 
ATOM   549 O OG1 . THR A 1 70  ? 6.349   -10.371 -9.727  1.00 38.14  ? 1695 THR A OG1 1 
ATOM   550 C CG2 . THR A 1 70  ? 5.833   -10.834 -12.028 1.00 39.22  ? 1695 THR A CG2 1 
ATOM   551 N N   . GLU A 1 71  ? 9.043   -8.571  -12.763 1.00 33.26  ? 1696 GLU A N   1 
ATOM   552 C CA  . GLU A 1 71  ? 9.596   -8.070  -14.015 1.00 30.98  ? 1696 GLU A CA  1 
ATOM   553 C C   . GLU A 1 71  ? 10.951  -8.697  -14.306 1.00 35.34  ? 1696 GLU A C   1 
ATOM   554 O O   . GLU A 1 71  ? 11.294  -8.931  -15.470 1.00 35.79  ? 1696 GLU A O   1 
ATOM   555 C CB  . GLU A 1 71  ? 9.711   -6.548  -13.971 1.00 35.01  ? 1696 GLU A CB  1 
ATOM   556 C CG  . GLU A 1 71  ? 8.639   -5.832  -14.766 1.00 56.99  ? 1696 GLU A CG  1 
ATOM   557 C CD  . GLU A 1 71  ? 8.699   -6.153  -16.249 1.00 81.08  ? 1696 GLU A CD  1 
ATOM   558 O OE1 . GLU A 1 71  ? 9.814   -6.383  -16.768 1.00 88.09  ? 1696 GLU A OE1 1 
ATOM   559 O OE2 . GLU A 1 71  ? 7.632   -6.181  -16.896 1.00 89.45  ? 1696 GLU A OE2 1 
ATOM   560 N N   . ARG A 1 72  ? 11.741  -8.957  -13.261 1.00 41.76  ? 1697 ARG A N   1 
ATOM   561 C CA  . ARG A 1 72  ? 12.977  -9.711  -13.433 1.00 33.97  ? 1697 ARG A CA  1 
ATOM   562 C C   . ARG A 1 72  ? 12.695  -11.065 -14.063 1.00 33.91  ? 1697 ARG A C   1 
ATOM   563 O O   . ARG A 1 72  ? 13.325  -11.449 -15.053 1.00 34.20  ? 1697 ARG A O   1 
ATOM   564 C CB  . ARG A 1 72  ? 13.671  -9.888  -12.084 1.00 41.51  ? 1697 ARG A CB  1 
ATOM   565 C CG  . ARG A 1 72  ? 14.816  -8.932  -11.831 1.00 48.77  ? 1697 ARG A CG  1 
ATOM   566 C CD  . ARG A 1 72  ? 15.138  -8.892  -10.350 1.00 61.62  ? 1697 ARG A CD  1 
ATOM   567 N NE  . ARG A 1 72  ? 15.378  -10.225 -9.801  1.00 78.26  ? 1697 ARG A NE  1 
ATOM   568 C CZ  . ARG A 1 72  ? 15.286  -10.525 -8.509  1.00 70.10  ? 1697 ARG A CZ  1 
ATOM   569 N NH1 . ARG A 1 72  ? 14.943  -9.589  -7.631  1.00 70.44  ? 1697 ARG A NH1 1 
ATOM   570 N NH2 . ARG A 1 72  ? 15.528  -11.761 -8.097  1.00 64.65  ? 1697 ARG A NH2 1 
ATOM   571 N N   . SER A 1 73  ? 11.734  -11.798 -13.501 1.00 33.68  ? 1698 SER A N   1 
ATOM   572 C CA  . SER A 1 73  ? 11.396  -13.112 -14.033 1.00 33.88  ? 1698 SER A CA  1 
ATOM   573 C C   . SER A 1 73  ? 10.841  -13.008 -15.448 1.00 34.80  ? 1698 SER A C   1 
ATOM   574 O O   . SER A 1 73  ? 11.129  -13.861 -16.295 1.00 42.10  ? 1698 SER A O   1 
ATOM   575 C CB  . SER A 1 73  ? 10.396  -13.803 -13.106 1.00 34.13  ? 1698 SER A CB  1 
ATOM   576 O OG  . SER A 1 73  ? 10.834  -13.758 -11.761 1.00 53.17  ? 1698 SER A OG  1 
ATOM   577 N N   . ARG A 1 74  ? 10.049  -11.966 -15.724 1.00 31.87  ? 1699 ARG A N   1 
ATOM   578 C CA  . ARG A 1 74  ? 9.435   -11.828 -17.042 1.00 31.18  ? 1699 ARG A CA  1 
ATOM   579 C C   . ARG A 1 74  ? 10.476  -11.506 -18.103 1.00 34.37  ? 1699 ARG A C   1 
ATOM   580 O O   . ARG A 1 74  ? 10.455  -12.082 -19.197 1.00 41.42  ? 1699 ARG A O   1 
ATOM   581 C CB  . ARG A 1 74  ? 8.357   -10.743 -17.016 1.00 30.48  ? 1699 ARG A CB  1 
ATOM   582 C CG  . ARG A 1 74  ? 7.518   -10.679 -18.288 1.00 34.22  ? 1699 ARG A CG  1 
ATOM   583 C CD  . ARG A 1 74  ? 6.810   -9.334  -18.434 1.00 44.98  ? 1699 ARG A CD  1 
ATOM   584 N NE  . ARG A 1 74  ? 7.739   -8.259  -18.769 1.00 44.64  ? 1699 ARG A NE  1 
ATOM   585 C CZ  . ARG A 1 74  ? 8.104   -7.944  -20.009 1.00 62.91  ? 1699 ARG A CZ  1 
ATOM   586 N NH1 . ARG A 1 74  ? 7.612   -8.622  -21.039 1.00 57.09  ? 1699 ARG A NH1 1 
ATOM   587 N NH2 . ARG A 1 74  ? 8.962   -6.950  -20.218 1.00 69.15  ? 1699 ARG A NH2 1 
ATOM   588 N N   . LYS A 1 75  ? 11.393  -10.586 -17.796 1.00 31.70  ? 1700 LYS A N   1 
ATOM   589 C CA  . LYS A 1 75  ? 12.434  -10.239 -18.754 1.00 34.82  ? 1700 LYS A CA  1 
ATOM   590 C C   . LYS A 1 75  ? 13.353  -11.418 -19.025 1.00 34.83  ? 1700 LYS A C   1 
ATOM   591 O O   . LYS A 1 75  ? 13.908  -11.532 -20.121 1.00 38.96  ? 1700 LYS A O   1 
ATOM   592 C CB  . LYS A 1 75  ? 13.246  -9.049  -18.248 1.00 37.62  ? 1700 LYS A CB  1 
ATOM   593 C CG  . LYS A 1 75  ? 13.968  -8.326  -19.359 1.00 64.30  ? 1700 LYS A CG  1 
ATOM   594 C CD  . LYS A 1 75  ? 12.955  -7.756  -20.338 1.00 76.75  ? 1700 LYS A CD  1 
ATOM   595 C CE  . LYS A 1 75  ? 13.591  -7.403  -21.668 1.00 60.69  ? 1700 LYS A CE  1 
ATOM   596 N NZ  . LYS A 1 75  ? 13.937  -8.623  -22.449 1.00 35.95  ? 1700 LYS A NZ  1 
ATOM   597 N N   . LEU A 1 76  ? 13.537  -12.293 -18.036 1.00 33.54  ? 1701 LEU A N   1 
ATOM   598 C CA  . LEU A 1 76  ? 14.303  -13.512 -18.263 1.00 34.49  ? 1701 LEU A CA  1 
ATOM   599 C C   . LEU A 1 76  ? 13.570  -14.438 -19.221 1.00 34.59  ? 1701 LEU A C   1 
ATOM   600 O O   . LEU A 1 76  ? 14.171  -14.992 -20.148 1.00 35.78  ? 1701 LEU A O   1 
ATOM   601 C CB  . LEU A 1 76  ? 14.574  -14.222 -16.935 1.00 35.63  ? 1701 LEU A CB  1 
ATOM   602 C CG  . LEU A 1 76  ? 15.230  -15.602 -17.059 1.00 36.93  ? 1701 LEU A CG  1 
ATOM   603 C CD1 . LEU A 1 76  ? 16.664  -15.472 -17.536 1.00 38.09  ? 1701 LEU A CD1 1 
ATOM   604 C CD2 . LEU A 1 76  ? 15.163  -16.361 -15.744 1.00 38.17  ? 1701 LEU A CD2 1 
ATOM   605 N N   . ALA A 1 77  ? 12.263  -14.618 -19.007 1.00 37.80  ? 1702 ALA A N   1 
ATOM   606 C CA  . ALA A 1 77  ? 11.489  -15.519 -19.851 1.00 32.79  ? 1702 ALA A CA  1 
ATOM   607 C C   . ALA A 1 77  ? 11.454  -15.027 -21.291 1.00 33.67  ? 1702 ALA A C   1 
ATOM   608 O O   . ALA A 1 77  ? 11.520  -15.828 -22.229 1.00 32.13  ? 1702 ALA A O   1 
ATOM   609 C CB  . ALA A 1 77  ? 10.074  -15.673 -19.292 1.00 32.47  ? 1702 ALA A CB  1 
ATOM   610 N N   . GLU A 1 78  ? 11.355  -13.711 -21.484 1.00 35.89  ? 1703 GLU A N   1 
ATOM   611 C CA  . GLU A 1 78  ? 11.399  -13.167 -22.836 1.00 31.19  ? 1703 GLU A CA  1 
ATOM   612 C C   . GLU A 1 78  ? 12.783  -13.337 -23.446 1.00 31.82  ? 1703 GLU A C   1 
ATOM   613 O O   . GLU A 1 78  ? 12.908  -13.678 -24.628 1.00 31.73  ? 1703 GLU A O   1 
ATOM   614 C CB  . GLU A 1 78  ? 10.987  -11.695 -22.824 1.00 30.89  ? 1703 GLU A CB  1 
ATOM   615 C CG  . GLU A 1 78  ? 9.599   -11.425 -22.252 1.00 38.94  ? 1703 GLU A CG  1 
ATOM   616 C CD  . GLU A 1 78  ? 8.484   -11.668 -23.254 1.00 38.43  ? 1703 GLU A CD  1 
ATOM   617 O OE1 . GLU A 1 78  ? 8.779   -12.125 -24.378 1.00 31.81  ? 1703 GLU A OE1 1 
ATOM   618 O OE2 . GLU A 1 78  ? 7.313   -11.395 -22.916 1.00 42.93  ? 1703 GLU A OE2 1 
ATOM   619 N N   . GLN A 1 79  ? 13.835  -13.118 -22.653 1.00 32.64  ? 1704 GLN A N   1 
ATOM   620 C CA  . GLN A 1 79  ? 15.192  -13.271 -23.164 1.00 33.60  ? 1704 GLN A CA  1 
ATOM   621 C C   . GLN A 1 79  ? 15.499  -14.729 -23.478 1.00 33.98  ? 1704 GLN A C   1 
ATOM   622 O O   . GLN A 1 79  ? 16.197  -15.026 -24.453 1.00 34.34  ? 1704 GLN A O   1 
ATOM   623 C CB  . GLN A 1 79  ? 16.201  -12.712 -22.162 1.00 34.76  ? 1704 GLN A CB  1 
ATOM   624 C CG  . GLN A 1 79  ? 17.584  -12.497 -22.752 1.00 58.06  ? 1704 GLN A CG  1 
ATOM   625 C CD  . GLN A 1 79  ? 17.567  -11.531 -23.924 1.00 63.38  ? 1704 GLN A CD  1 
ATOM   626 O OE1 . GLN A 1 79  ? 18.010  -11.864 -25.024 1.00 55.90  ? 1704 GLN A OE1 1 
ATOM   627 N NE2 . GLN A 1 79  ? 17.056  -10.325 -23.692 1.00 67.01  ? 1704 GLN A NE2 1 
ATOM   628 N N   . GLU A 1 80  ? 14.994  -15.652 -22.659 1.00 41.36  ? 1705 GLU A N   1 
ATOM   629 C CA  . GLU A 1 80  ? 15.140  -17.064 -22.984 1.00 34.60  ? 1705 GLU A CA  1 
ATOM   630 C C   . GLU A 1 80  ? 14.295  -17.435 -24.193 1.00 33.64  ? 1705 GLU A C   1 
ATOM   631 O O   . GLU A 1 80  ? 14.684  -18.297 -24.985 1.00 33.96  ? 1705 GLU A O   1 
ATOM   632 C CB  . GLU A 1 80  ? 14.774  -17.927 -21.779 1.00 35.31  ? 1705 GLU A CB  1 
ATOM   633 C CG  . GLU A 1 80  ? 15.861  -17.971 -20.728 1.00 45.65  ? 1705 GLU A CG  1 
ATOM   634 C CD  . GLU A 1 80  ? 17.192  -18.459 -21.282 1.00 56.59  ? 1705 GLU A CD  1 
ATOM   635 O OE1 . GLU A 1 80  ? 17.204  -19.420 -22.087 1.00 65.60  ? 1705 GLU A OE1 1 
ATOM   636 O OE2 . GLU A 1 80  ? 18.235  -17.874 -20.915 1.00 65.73  ? 1705 GLU A OE2 1 
ATOM   637 N N   . LEU A 1 81  ? 13.139  -16.786 -24.358 1.00 32.63  ? 1706 LEU A N   1 
ATOM   638 C CA  . LEU A 1 81  ? 12.308  -17.057 -25.524 1.00 31.99  ? 1706 LEU A CA  1 
ATOM   639 C C   . LEU A 1 81  ? 12.992  -16.584 -26.795 1.00 31.84  ? 1706 LEU A C   1 
ATOM   640 O O   . LEU A 1 81  ? 12.909  -17.245 -27.833 1.00 31.74  ? 1706 LEU A O   1 
ATOM   641 C CB  . LEU A 1 81  ? 10.938  -16.396 -25.358 1.00 31.33  ? 1706 LEU A CB  1 
ATOM   642 C CG  . LEU A 1 81  ? 9.875   -16.717 -26.415 1.00 31.03  ? 1706 LEU A CG  1 
ATOM   643 C CD1 . LEU A 1 81  ? 9.868   -18.195 -26.719 1.00 31.53  ? 1706 LEU A CD1 1 
ATOM   644 C CD2 . LEU A 1 81  ? 8.513   -16.286 -25.931 1.00 30.87  ? 1706 LEU A CD2 1 
ATOM   645 N N   . ILE A 1 82  ? 13.689  -15.451 -26.730 1.00 32.00  ? 1707 ILE A N   1 
ATOM   646 C CA  . ILE A 1 82  ? 14.407  -14.958 -27.898 1.00 32.20  ? 1707 ILE A CA  1 
ATOM   647 C C   . ILE A 1 82  ? 15.540  -15.907 -28.275 1.00 32.93  ? 1707 ILE A C   1 
ATOM   648 O O   . ILE A 1 82  ? 15.758  -16.187 -29.459 1.00 32.88  ? 1707 ILE A O   1 
ATOM   649 C CB  . ILE A 1 82  ? 14.916  -13.531 -27.636 1.00 32.63  ? 1707 ILE A CB  1 
ATOM   650 C CG1 . ILE A 1 82  ? 13.731  -12.568 -27.522 1.00 32.00  ? 1707 ILE A CG1 1 
ATOM   651 C CG2 . ILE A 1 82  ? 15.871  -13.095 -28.733 1.00 36.84  ? 1707 ILE A CG2 1 
ATOM   652 C CD1 . ILE A 1 82  ? 14.121  -11.117 -27.430 1.00 32.59  ? 1707 ILE A CD1 1 
ATOM   653 N N   . GLU A 1 83  ? 16.269  -16.424 -27.281 1.00 33.78  ? 1708 GLU A N   1 
ATOM   654 C CA  . GLU A 1 83  ? 17.375  -17.336 -27.562 1.00 34.81  ? 1708 GLU A CA  1 
ATOM   655 C C   . GLU A 1 83  ? 16.873  -18.653 -28.141 1.00 34.50  ? 1708 GLU A C   1 
ATOM   656 O O   . GLU A 1 83  ? 17.420  -19.153 -29.129 1.00 40.46  ? 1708 GLU A O   1 
ATOM   657 C CB  . GLU A 1 83  ? 18.195  -17.583 -26.294 1.00 36.16  ? 1708 GLU A CB  1 
ATOM   658 C CG  . GLU A 1 83  ? 19.092  -16.422 -25.885 1.00 41.24  ? 1708 GLU A CG  1 
ATOM   659 C CD  . GLU A 1 83  ? 19.942  -16.724 -24.657 1.00 65.52  ? 1708 GLU A CD  1 
ATOM   660 O OE1 . GLU A 1 83  ? 20.115  -17.916 -24.318 1.00 71.10  ? 1708 GLU A OE1 1 
ATOM   661 O OE2 . GLU A 1 83  ? 20.436  -15.762 -24.028 1.00 71.97  ? 1708 GLU A OE2 1 
ATOM   662 N N   . THR A 1 84  ? 15.837  -19.239 -27.535 1.00 34.14  ? 1709 THR A N   1 
ATOM   663 C CA  . THR A 1 84  ? 15.280  -20.476 -28.071 1.00 34.10  ? 1709 THR A CA  1 
ATOM   664 C C   . THR A 1 84  ? 14.568  -20.245 -29.396 1.00 33.08  ? 1709 THR A C   1 
ATOM   665 O O   . THR A 1 84  ? 14.481  -21.165 -30.215 1.00 35.24  ? 1709 THR A O   1 
ATOM   666 C CB  . THR A 1 84  ? 14.314  -21.107 -27.074 1.00 34.33  ? 1709 THR A CB  1 
ATOM   667 O OG1 . THR A 1 84  ? 13.222  -20.210 -26.846 1.00 65.74  ? 1709 THR A OG1 1 
ATOM   668 C CG2 . THR A 1 84  ? 15.017  -21.391 -25.764 1.00 35.58  ? 1709 THR A CG2 1 
ATOM   669 N N   . SER A 1 85  ? 14.033  -19.041 -29.613 1.00 32.32  ? 1710 SER A N   1 
ATOM   670 C CA  . SER A 1 85  ? 13.465  -18.713 -30.917 1.00 31.70  ? 1710 SER A CA  1 
ATOM   671 C C   . SER A 1 85  ? 14.539  -18.745 -31.993 1.00 31.95  ? 1710 SER A C   1 
ATOM   672 O O   . SER A 1 85  ? 14.342  -19.325 -33.067 1.00 41.64  ? 1710 SER A O   1 
ATOM   673 C CB  . SER A 1 85  ? 12.796  -17.339 -30.879 1.00 31.24  ? 1710 SER A CB  1 
ATOM   674 O OG  . SER A 1 85  ? 11.639  -17.351 -30.061 1.00 31.01  ? 1710 SER A OG  1 
ATOM   675 N N   . GLU A 1 86  ? 15.685  -18.119 -31.718 1.00 32.54  ? 1711 GLU A N   1 
ATOM   676 C CA  . GLU A 1 86  ? 16.797  -18.162 -32.659 1.00 33.09  ? 1711 GLU A CA  1 
ATOM   677 C C   . GLU A 1 86  ? 17.325  -19.580 -32.824 1.00 36.73  ? 1711 GLU A C   1 
ATOM   678 O O   . GLU A 1 86  ? 17.948  -19.896 -33.844 1.00 36.02  ? 1711 GLU A O   1 
ATOM   679 C CB  . GLU A 1 86  ? 17.909  -17.219 -32.200 1.00 39.81  ? 1711 GLU A CB  1 
ATOM   680 C CG  . GLU A 1 86  ? 17.527  -15.746 -32.227 1.00 77.60  ? 1711 GLU A CG  1 
ATOM   681 C CD  . GLU A 1 86  ? 18.662  -14.841 -31.786 1.00 93.39  ? 1711 GLU A CD  1 
ATOM   682 O OE1 . GLU A 1 86  ? 19.696  -15.369 -31.326 1.00 95.14  ? 1711 GLU A OE1 1 
ATOM   683 O OE2 . GLU A 1 86  ? 18.522  -13.602 -31.903 1.00 92.05  ? 1711 GLU A OE2 1 
ATOM   684 N N   . ARG A 1 87  ? 17.081  -20.448 -31.837 1.00 38.57  ? 1712 ARG A N   1 
ATOM   685 C CA  . ARG A 1 87  ? 17.450  -21.851 -31.986 1.00 34.55  ? 1712 ARG A CA  1 
ATOM   686 C C   . ARG A 1 87  ? 16.502  -22.563 -32.944 1.00 35.65  ? 1712 ARG A C   1 
ATOM   687 O O   . ARG A 1 87  ? 16.929  -23.420 -33.727 1.00 34.16  ? 1712 ARG A O   1 
ATOM   688 C CB  . ARG A 1 87  ? 17.467  -22.540 -30.622 1.00 35.49  ? 1712 ARG A CB  1 
ATOM   689 C CG  . ARG A 1 87  ? 17.737  -24.038 -30.679 1.00 44.83  ? 1712 ARG A CG  1 
ATOM   690 C CD  . ARG A 1 87  ? 18.705  -24.466 -29.585 1.00 44.24  ? 1712 ARG A CD  1 
ATOM   691 N NE  . ARG A 1 87  ? 18.945  -25.904 -29.592 1.00 56.68  ? 1712 ARG A NE  1 
ATOM   692 C CZ  . ARG A 1 87  ? 19.800  -26.514 -30.406 1.00 61.97  ? 1712 ARG A CZ  1 
ATOM   693 N NH1 . ARG A 1 87  ? 20.494  -25.809 -31.289 1.00 60.19  ? 1712 ARG A NH1 1 
ATOM   694 N NH2 . ARG A 1 87  ? 19.958  -27.831 -30.341 1.00 61.93  ? 1712 ARG A NH2 1 
ATOM   695 N N   . VAL A 1 88  ? 15.215  -22.214 -32.901 1.00 41.87  ? 1713 VAL A N   1 
ATOM   696 C CA  . VAL A 1 88  ? 14.258  -22.780 -33.849 1.00 43.82  ? 1713 VAL A CA  1 
ATOM   697 C C   . VAL A 1 88  ? 14.637  -22.398 -35.273 1.00 43.26  ? 1713 VAL A C   1 
ATOM   698 O O   . VAL A 1 88  ? 14.640  -23.239 -36.181 1.00 41.40  ? 1713 VAL A O   1 
ATOM   699 C CB  . VAL A 1 88  ? 12.828  -22.323 -33.513 1.00 32.14  ? 1713 VAL A CB  1 
ATOM   700 C CG1 . VAL A 1 88  ? 11.947  -22.421 -34.739 1.00 31.81  ? 1713 VAL A CG1 1 
ATOM   701 C CG2 . VAL A 1 88  ? 12.256  -23.165 -32.404 1.00 32.79  ? 1713 VAL A CG2 1 
ATOM   702 N N   . GLN A 1 89  ? 14.958  -21.118 -35.487 1.00 37.21  ? 1714 GLN A N   1 
ATOM   703 C CA  . GLN A 1 89  ? 15.330  -20.639 -36.816 1.00 39.53  ? 1714 GLN A CA  1 
ATOM   704 C C   . GLN A 1 89  ? 16.461  -21.467 -37.410 1.00 40.12  ? 1714 GLN A C   1 
ATOM   705 O O   . GLN A 1 89  ? 16.397  -21.893 -38.569 1.00 36.85  ? 1714 GLN A O   1 
ATOM   706 C CB  . GLN A 1 89  ? 15.740  -19.166 -36.747 1.00 41.50  ? 1714 GLN A CB  1 
ATOM   707 C CG  . GLN A 1 89  ? 14.595  -18.171 -36.716 1.00 31.58  ? 1714 GLN A CG  1 
ATOM   708 C CD  . GLN A 1 89  ? 15.072  -16.742 -36.905 1.00 32.06  ? 1714 GLN A CD  1 
ATOM   709 O OE1 . GLN A 1 89  ? 15.785  -16.196 -36.062 1.00 35.13  ? 1714 GLN A OE1 1 
ATOM   710 N NE2 . GLN A 1 89  ? 14.687  -16.132 -38.021 1.00 36.70  ? 1714 GLN A NE2 1 
ATOM   711 N N   . LEU A 1 90  ? 17.514  -21.700 -36.624 1.00 42.43  ? 1715 LEU A N   1 
ATOM   712 C CA  . LEU A 1 90  ? 18.665  -22.451 -37.111 1.00 46.90  ? 1715 LEU A CA  1 
ATOM   713 C C   . LEU A 1 90  ? 18.278  -23.885 -37.447 1.00 44.03  ? 1715 LEU A C   1 
ATOM   714 O O   . LEU A 1 90  ? 18.553  -24.376 -38.548 1.00 54.20  ? 1715 LEU A O   1 
ATOM   715 C CB  . LEU A 1 90  ? 19.783  -22.425 -36.067 1.00 61.07  ? 1715 LEU A CB  1 
ATOM   716 C CG  . LEU A 1 90  ? 20.795  -21.275 -36.067 1.00 76.95  ? 1715 LEU A CG  1 
ATOM   717 C CD1 . LEU A 1 90  ? 20.136  -19.918 -36.311 1.00 82.89  ? 1715 LEU A CD1 1 
ATOM   718 C CD2 . LEU A 1 90  ? 21.576  -21.274 -34.753 1.00 77.94  ? 1715 LEU A CD2 1 
ATOM   719 N N   . LEU A 1 91  ? 17.637  -24.575 -36.499 1.00 41.42  ? 1716 LEU A N   1 
ATOM   720 C CA  . LEU A 1 91  ? 17.238  -25.960 -36.726 1.00 38.31  ? 1716 LEU A CA  1 
ATOM   721 C C   . LEU A 1 91  ? 16.306  -26.079 -37.925 1.00 38.52  ? 1716 LEU A C   1 
ATOM   722 O O   . LEU A 1 91  ? 16.370  -27.058 -38.675 1.00 45.38  ? 1716 LEU A O   1 
ATOM   723 C CB  . LEU A 1 91  ? 16.577  -26.533 -35.469 1.00 34.93  ? 1716 LEU A CB  1 
ATOM   724 C CG  . LEU A 1 91  ? 17.515  -26.956 -34.337 1.00 37.75  ? 1716 LEU A CG  1 
ATOM   725 C CD1 . LEU A 1 91  ? 16.734  -27.575 -33.189 1.00 42.83  ? 1716 LEU A CD1 1 
ATOM   726 C CD2 . LEU A 1 91  ? 18.570  -27.925 -34.850 1.00 44.22  ? 1716 LEU A CD2 1 
ATOM   727 N N   . HIS A 1 92  ? 15.438  -25.086 -38.129 1.00 35.54  ? 1717 HIS A N   1 
ATOM   728 C CA  . HIS A 1 92  ? 14.561  -25.114 -39.293 1.00 47.05  ? 1717 HIS A CA  1 
ATOM   729 C C   . HIS A 1 92  ? 15.327  -24.855 -40.581 1.00 52.26  ? 1717 HIS A C   1 
ATOM   730 O O   . HIS A 1 92  ? 14.943  -25.364 -41.643 1.00 54.75  ? 1717 HIS A O   1 
ATOM   731 C CB  . HIS A 1 92  ? 13.442  -24.089 -39.134 1.00 57.48  ? 1717 HIS A CB  1 
ATOM   732 C CG  . HIS A 1 92  ? 12.499  -24.040 -40.295 1.00 62.57  ? 1717 HIS A CG  1 
ATOM   733 N ND1 . HIS A 1 92  ? 12.760  -23.314 -41.437 1.00 57.39  ? 1717 HIS A ND1 1 
ATOM   734 C CD2 . HIS A 1 92  ? 11.294  -24.627 -40.488 1.00 63.92  ? 1717 HIS A CD2 1 
ATOM   735 C CE1 . HIS A 1 92  ? 11.757  -23.456 -42.284 1.00 60.15  ? 1717 HIS A CE1 1 
ATOM   736 N NE2 . HIS A 1 92  ? 10.854  -24.247 -41.733 1.00 62.40  ? 1717 HIS A NE2 1 
ATOM   737 N N   . SER A 1 93  ? 16.401  -24.063 -40.512 1.00 53.52  ? 1718 SER A N   1 
ATOM   738 C CA  . SER A 1 93  ? 17.230  -23.799 -41.680 1.00 55.12  ? 1718 SER A CA  1 
ATOM   739 C C   . SER A 1 93  ? 18.268  -24.883 -41.919 1.00 61.30  ? 1718 SER A C   1 
ATOM   740 O O   . SER A 1 93  ? 18.754  -25.020 -43.047 1.00 68.15  ? 1718 SER A O   1 
ATOM   741 C CB  . SER A 1 93  ? 17.924  -22.443 -41.541 1.00 57.31  ? 1718 SER A CB  1 
ATOM   742 O OG  . SER A 1 93  ? 16.991  -21.382 -41.642 1.00 67.56  ? 1718 SER A OG  1 
ATOM   743 N N   . GLN A 1 94  ? 18.633  -25.643 -40.886 1.00 59.48  ? 1719 GLN A N   1 
ATOM   744 C CA  . GLN A 1 94  ? 19.345  -26.895 -41.110 1.00 53.49  ? 1719 GLN A CA  1 
ATOM   745 C C   . GLN A 1 94  ? 18.399  -27.941 -41.682 1.00 55.27  ? 1719 GLN A C   1 
ATOM   746 O O   . GLN A 1 94  ? 18.743  -28.659 -42.625 1.00 52.33  ? 1719 GLN A O   1 
ATOM   747 C CB  . GLN A 1 94  ? 19.973  -27.398 -39.809 1.00 49.40  ? 1719 GLN A CB  1 
ATOM   748 C CG  . GLN A 1 94  ? 21.047  -26.498 -39.227 1.00 54.84  ? 1719 GLN A CG  1 
ATOM   749 C CD  . GLN A 1 94  ? 21.683  -27.095 -37.985 1.00 74.53  ? 1719 GLN A CD  1 
ATOM   750 O OE1 . GLN A 1 94  ? 21.534  -28.288 -37.712 1.00 85.21  ? 1719 GLN A OE1 1 
ATOM   751 N NE2 . GLN A 1 94  ? 22.389  -26.269 -37.224 1.00 73.65  ? 1719 GLN A NE2 1 
ATOM   752 N N   . ASN A 1 95  ? 17.190  -28.030 -41.118 1.00 66.01  ? 1720 ASN A N   1 
ATOM   753 C CA  . ASN A 1 95  ? 16.157  -28.895 -41.679 1.00 70.51  ? 1720 ASN A CA  1 
ATOM   754 C C   . ASN A 1 95  ? 15.834  -28.513 -43.117 1.00 77.45  ? 1720 ASN A C   1 
ATOM   755 O O   . ASN A 1 95  ? 15.398  -29.363 -43.901 1.00 80.24  ? 1720 ASN A O   1 
ATOM   756 C CB  . ASN A 1 95  ? 14.898  -28.832 -40.813 1.00 71.39  ? 1720 ASN A CB  1 
ATOM   757 C CG  . ASN A 1 95  ? 14.439  -30.197 -40.348 1.00 75.42  ? 1720 ASN A CG  1 
ATOM   758 O OD1 . ASN A 1 95  ? 15.059  -30.809 -39.477 1.00 70.56  ? 1720 ASN A OD1 1 
ATOM   759 N ND2 . ASN A 1 95  ? 13.342  -30.678 -40.921 1.00 77.36  ? 1720 ASN A ND2 1 
ATOM   760 N N   . THR A 1 96  ? 16.034  -27.242 -43.477 1.00 82.82  ? 1721 THR A N   1 
ATOM   761 C CA  . THR A 1 96  ? 15.885  -26.824 -44.869 1.00 83.35  ? 1721 THR A CA  1 
ATOM   762 C C   . THR A 1 96  ? 17.034  -27.346 -45.723 1.00 82.35  ? 1721 THR A C   1 
ATOM   763 O O   . THR A 1 96  ? 16.816  -27.925 -46.794 1.00 76.02  ? 1721 THR A O   1 
ATOM   764 C CB  . THR A 1 96  ? 15.809  -25.297 -44.962 1.00 84.97  ? 1721 THR A CB  1 
ATOM   765 O OG1 . THR A 1 96  ? 14.496  -24.848 -44.612 1.00 90.86  ? 1721 THR A OG1 1 
ATOM   766 C CG2 . THR A 1 96  ? 16.136  -24.837 -46.380 1.00 83.91  ? 1721 THR A CG2 1 
ATOM   767 N N   . SER A 1 97  ? 18.270  -27.155 -45.260 1.00 87.22  ? 1722 SER A N   1 
ATOM   768 C CA  . SER A 1 97  ? 19.444  -27.533 -46.039 1.00 81.73  ? 1722 SER A CA  1 
ATOM   769 C C   . SER A 1 97  ? 19.672  -29.042 -46.020 1.00 92.67  ? 1722 SER A C   1 
ATOM   770 O O   . SER A 1 97  ? 20.672  -29.533 -46.555 1.00 100.11 ? 1722 SER A O   1 
ATOM   771 C CB  . SER A 1 97  ? 20.682  -26.800 -45.519 1.00 82.38  ? 1722 SER A CB  1 
ATOM   772 O OG  . SER A 1 97  ? 20.567  -25.409 -45.729 1.00 91.27  ? 1722 SER A OG  1 
ATOM   773 N N   . LEU A 1 98  ? 18.751  -29.791 -45.406 1.00 89.82  ? 1723 LEU A N   1 
ATOM   774 C CA  . LEU A 1 98  ? 18.816  -31.244 -45.382 1.00 83.52  ? 1723 LEU A CA  1 
ATOM   775 C C   . LEU A 1 98  ? 17.733  -31.920 -46.205 1.00 87.55  ? 1723 LEU A C   1 
ATOM   776 O O   . LEU A 1 98  ? 17.935  -33.060 -46.631 1.00 96.06  ? 1723 LEU A O   1 
ATOM   777 C CB  . LEU A 1 98  ? 18.756  -31.759 -43.938 1.00 77.94  ? 1723 LEU A CB  1 
ATOM   778 C CG  . LEU A 1 98  ? 20.034  -31.516 -43.124 1.00 71.77  ? 1723 LEU A CG  1 
ATOM   779 C CD1 . LEU A 1 98  ? 20.114  -32.489 -41.959 1.00 63.50  ? 1723 LEU A CD1 1 
ATOM   780 C CD2 . LEU A 1 98  ? 21.282  -31.598 -44.005 1.00 69.86  ? 1723 LEU A CD2 1 
ATOM   781 N N   . ILE A 1 99  ? 16.597  -31.258 -46.441 1.00 86.35  ? 1724 ILE A N   1 
ATOM   782 C CA  . ILE A 1 99  ? 15.705  -31.677 -47.515 1.00 95.61  ? 1724 ILE A CA  1 
ATOM   783 C C   . ILE A 1 99  ? 16.333  -31.426 -48.876 1.00 107.63 ? 1724 ILE A C   1 
ATOM   784 O O   . ILE A 1 99  ? 15.891  -32.000 -49.877 1.00 113.10 ? 1724 ILE A O   1 
ATOM   785 C CB  . ILE A 1 99  ? 14.342  -30.964 -47.395 1.00 95.39  ? 1724 ILE A CB  1 
ATOM   786 C CG1 . ILE A 1 99  ? 13.798  -31.091 -45.977 1.00 90.24  ? 1724 ILE A CG1 1 
ATOM   787 C CG2 . ILE A 1 99  ? 13.322  -31.571 -48.362 1.00 92.02  ? 1724 ILE A CG2 1 
ATOM   788 C CD1 . ILE A 1 99  ? 13.389  -32.498 -45.608 1.00 88.07  ? 1724 ILE A CD1 1 
ATOM   789 N N   . ASN A 1 100 ? 17.377  -30.593 -48.931 1.00 110.22 ? 1725 ASN A N   1 
ATOM   790 C CA  . ASN A 1 100 ? 18.227  -30.464 -50.111 1.00 114.16 ? 1725 ASN A CA  1 
ATOM   791 C C   . ASN A 1 100 ? 19.106  -31.684 -50.336 1.00 120.76 ? 1725 ASN A C   1 
ATOM   792 O O   . ASN A 1 100 ? 19.944  -31.665 -51.244 1.00 118.22 ? 1725 ASN A O   1 
ATOM   793 C CB  . ASN A 1 100 ? 19.107  -29.218 -49.996 1.00 111.75 ? 1725 ASN A CB  1 
ATOM   794 C CG  . ASN A 1 100 ? 18.302  -27.936 -49.959 1.00 110.24 ? 1725 ASN A CG  1 
ATOM   795 O OD1 . ASN A 1 100 ? 17.125  -27.919 -50.321 1.00 106.35 ? 1725 ASN A OD1 1 
ATOM   796 N ND2 . ASN A 1 100 ? 18.933  -26.850 -49.524 1.00 107.83 ? 1725 ASN A ND2 1 
ATOM   797 N N   . GLN A 1 101 ? 18.950  -32.730 -49.524 1.00 124.43 ? 1726 GLN A N   1 
ATOM   798 C CA  . GLN A 1 101 ? 19.647  -33.990 -49.727 1.00 128.37 ? 1726 GLN A CA  1 
ATOM   799 C C   . GLN A 1 101 ? 18.714  -35.178 -49.886 1.00 135.05 ? 1726 GLN A C   1 
ATOM   800 O O   . GLN A 1 101 ? 19.108  -36.166 -50.512 1.00 144.34 ? 1726 GLN A O   1 
ATOM   801 C CB  . GLN A 1 101 ? 20.606  -34.274 -48.559 1.00 127.29 ? 1726 GLN A CB  1 
ATOM   802 C CG  . GLN A 1 101 ? 21.273  -33.038 -47.977 1.00 126.35 ? 1726 GLN A CG  1 
ATOM   803 C CD  . GLN A 1 101 ? 22.236  -32.369 -48.939 1.00 122.60 ? 1726 GLN A CD  1 
ATOM   804 O OE1 . GLN A 1 101 ? 22.653  -32.959 -49.937 1.00 118.31 ? 1726 GLN A OE1 1 
ATOM   805 N NE2 . GLN A 1 101 ? 22.596  -31.126 -48.640 1.00 122.46 ? 1726 GLN A NE2 1 
ATOM   806 N N   . LYS A 1 102 ? 17.496  -35.115 -49.343 1.00 134.14 ? 1727 LYS A N   1 
ATOM   807 C CA  . LYS A 1 102 ? 16.543  -36.206 -49.518 1.00 128.73 ? 1727 LYS A CA  1 
ATOM   808 C C   . LYS A 1 102 ? 15.820  -36.106 -50.858 1.00 131.69 ? 1727 LYS A C   1 
ATOM   809 O O   . LYS A 1 102 ? 15.616  -37.122 -51.532 1.00 139.35 ? 1727 LYS A O   1 
ATOM   810 C CB  . LYS A 1 102 ? 15.542  -36.219 -48.362 1.00 115.87 ? 1727 LYS A CB  1 
ATOM   811 C CG  . LYS A 1 102 ? 14.331  -37.098 -48.603 1.00 105.82 ? 1727 LYS A CG  1 
ATOM   812 C CD  . LYS A 1 102 ? 13.722  -37.573 -47.300 1.00 100.12 ? 1727 LYS A CD  1 
ATOM   813 C CE  . LYS A 1 102 ? 14.644  -38.555 -46.602 1.00 99.14  ? 1727 LYS A CE  1 
ATOM   814 N NZ  . LYS A 1 102 ? 14.009  -39.153 -45.397 1.00 100.16 ? 1727 LYS A NZ  1 
ATOM   815 N N   . LYS A 1 103 ? 15.427  -34.895 -51.257 1.00 128.98 ? 1728 LYS A N   1 
ATOM   816 C CA  . LYS A 1 103 ? 14.892  -34.686 -52.596 1.00 125.45 ? 1728 LYS A CA  1 
ATOM   817 C C   . LYS A 1 103 ? 15.990  -34.593 -53.648 1.00 134.11 ? 1728 LYS A C   1 
ATOM   818 O O   . LYS A 1 103 ? 15.692  -34.679 -54.845 1.00 127.21 ? 1728 LYS A O   1 
ATOM   819 C CB  . LYS A 1 103 ? 14.030  -33.422 -52.632 1.00 116.50 ? 1728 LYS A CB  1 
ATOM   820 C CG  . LYS A 1 103 ? 12.806  -33.487 -51.734 1.00 114.39 ? 1728 LYS A CG  1 
ATOM   821 C CD  . LYS A 1 103 ? 11.941  -32.247 -51.881 1.00 111.22 ? 1728 LYS A CD  1 
ATOM   822 C CE  . LYS A 1 103 ? 10.696  -32.347 -51.015 1.00 106.36 ? 1728 LYS A CE  1 
ATOM   823 N NZ  . LYS A 1 103 ? 9.802   -31.168 -51.177 1.00 103.45 ? 1728 LYS A NZ  1 
ATOM   824 N N   . LYS A 1 104 ? 17.246  -34.422 -53.228 1.00 139.84 ? 1729 LYS A N   1 
ATOM   825 C CA  . LYS A 1 104 ? 18.357  -34.415 -54.176 1.00 140.92 ? 1729 LYS A CA  1 
ATOM   826 C C   . LYS A 1 104 ? 18.589  -35.800 -54.769 1.00 148.20 ? 1729 LYS A C   1 
ATOM   827 O O   . LYS A 1 104 ? 18.902  -35.927 -55.959 1.00 151.45 ? 1729 LYS A O   1 
ATOM   828 C CB  . LYS A 1 104 ? 19.621  -33.901 -53.488 1.00 132.87 ? 1729 LYS A CB  1 
ATOM   829 C CG  . LYS A 1 104 ? 20.921  -34.262 -54.184 1.00 121.38 ? 1729 LYS A CG  1 
ATOM   830 C CD  . LYS A 1 104 ? 22.105  -33.611 -53.491 1.00 111.58 ? 1729 LYS A CD  1 
ATOM   831 C CE  . LYS A 1 104 ? 23.416  -34.246 -53.921 1.00 101.46 ? 1729 LYS A CE  1 
ATOM   832 N NZ  . LYS A 1 104 ? 23.518  -35.658 -53.458 1.00 96.21  ? 1729 LYS A NZ  1 
ATOM   833 N N   . MET A 1 105 ? 18.436  -36.846 -53.962 1.00 149.88 ? 1730 MET A N   1 
ATOM   834 C CA  . MET A 1 105 ? 18.615  -38.207 -54.450 1.00 149.55 ? 1730 MET A CA  1 
ATOM   835 C C   . MET A 1 105 ? 17.446  -38.590 -55.349 1.00 148.50 ? 1730 MET A C   1 
ATOM   836 O O   . MET A 1 105 ? 16.288  -38.565 -54.914 1.00 150.69 ? 1730 MET A O   1 
ATOM   837 C CB  . MET A 1 105 ? 18.731  -39.178 -53.280 1.00 150.61 ? 1730 MET A CB  1 
ATOM   838 C CG  . MET A 1 105 ? 19.687  -38.724 -52.193 1.00 153.68 ? 1730 MET A CG  1 
ATOM   839 S SD  . MET A 1 105 ? 21.262  -38.133 -52.839 1.00 155.76 ? 1730 MET A SD  1 
ATOM   840 C CE  . MET A 1 105 ? 22.150  -37.829 -51.314 1.00 158.38 ? 1730 MET A CE  1 
ATOM   841 N N   . ASP A 1 106 ? 17.753  -38.952 -56.593 1.00 145.56 ? 1731 ASP A N   1 
ATOM   842 C CA  . ASP A 1 106 ? 16.738  -39.283 -57.593 1.00 134.64 ? 1731 ASP A CA  1 
ATOM   843 C C   . ASP A 1 106 ? 15.730  -38.150 -57.757 1.00 130.72 ? 1731 ASP A C   1 
ATOM   844 O O   . ASP A 1 106 ? 14.709  -38.311 -58.424 1.00 127.69 ? 1731 ASP A O   1 
ATOM   845 C CB  . ASP A 1 106 ? 16.009  -40.581 -57.230 1.00 128.74 ? 1731 ASP A CB  1 
ATOM   846 C CG  . ASP A 1 106 ? 16.781  -41.819 -57.642 1.00 121.99 ? 1731 ASP A CG  1 
ATOM   847 O OD1 . ASP A 1 106 ? 17.995  -41.706 -57.914 1.00 117.66 ? 1731 ASP A OD1 1 
ATOM   848 O OD2 . ASP A 1 106 ? 16.167  -42.905 -57.707 1.00 120.20 ? 1731 ASP A OD2 1 
HETATM 849 S S   . SO4 B 2 .   ? -14.172 37.196  37.168  1.00 146.74 ? 1901 SO4 A S   1 
HETATM 850 O O1  . SO4 B 2 .   ? -15.527 37.499  37.613  1.00 144.29 ? 1901 SO4 A O1  1 
HETATM 851 O O2  . SO4 B 2 .   ? -13.762 35.894  37.681  1.00 144.84 ? 1901 SO4 A O2  1 
HETATM 852 O O3  . SO4 B 2 .   ? -13.266 38.216  37.679  1.00 144.60 ? 1901 SO4 A O3  1 
HETATM 853 O O4  . SO4 B 2 .   ? -14.114 37.193  35.709  1.00 151.09 ? 1901 SO4 A O4  1 
HETATM 854 C CAA . TMO C 3 .   ? -0.714  6.687   22.894  1.00 80.55  ? 1902 TMO A CAA 1 
HETATM 855 N NAC . TMO C 3 .   ? -1.370  5.459   22.474  1.00 87.21  ? 1902 TMO A NAC 1 
HETATM 856 C CAD . TMO C 3 .   ? -0.711  4.935   21.290  1.00 88.64  ? 1902 TMO A CAD 1 
HETATM 857 C CAB . TMO C 3 .   ? -1.301  4.479   23.545  1.00 85.04  ? 1902 TMO A CAB 1 
HETATM 858 O OAE . TMO C 3 .   ? -2.716  5.721   22.177  1.00 84.53  ? 1902 TMO A OAE 1 
HETATM 859 C CAA . TMO D 3 .   ? 8.803   -6.065  -23.638 1.00 94.94  ? 1903 TMO A CAA 1 
HETATM 860 N NAC . TMO D 3 .   ? 10.235  -6.302  -23.625 1.00 102.07 ? 1903 TMO A NAC 1 
HETATM 861 C CAD . TMO D 3 .   ? 10.691  -6.488  -24.984 1.00 126.52 ? 1903 TMO A CAD 1 
HETATM 862 C CAB . TMO D 3 .   ? 10.927  -5.164  -23.048 1.00 102.97 ? 1903 TMO A CAB 1 
HETATM 863 O OAE . TMO D 3 .   ? 10.532  -7.450  -22.879 1.00 83.55  ? 1903 TMO A OAE 1 
HETATM 864 C CAA . TMO E 3 .   ? -1.601  15.542  18.512  1.00 83.79  ? 1904 TMO A CAA 1 
HETATM 865 N NAC . TMO E 3 .   ? -0.202  15.518  18.136  1.00 89.69  ? 1904 TMO A NAC 1 
HETATM 866 C CAD . TMO E 3 .   ? 0.585   16.231  19.128  1.00 85.05  ? 1904 TMO A CAD 1 
HETATM 867 C CAB . TMO E 3 .   ? 0.250   14.139  18.058  1.00 90.74  ? 1904 TMO A CAB 1 
HETATM 868 O OAE . TMO E 3 .   ? -0.053  16.141  16.888  1.00 93.93  ? 1904 TMO A OAE 1 
HETATM 869 C CAA . TMO F 3 .   ? -6.816  10.230  29.308  1.00 107.92 ? 1905 TMO A CAA 1 
HETATM 870 N NAC . TMO F 3 .   ? -6.128  10.868  30.417  1.00 113.25 ? 1905 TMO A NAC 1 
HETATM 871 C CAD . TMO F 3 .   ? -7.086  11.221  31.453  1.00 109.82 ? 1905 TMO A CAD 1 
HETATM 872 C CAB . TMO F 3 .   ? -5.138  9.958   30.964  1.00 114.93 ? 1905 TMO A CAB 1 
HETATM 873 O OAE . TMO F 3 .   ? -5.485  12.024  29.956  1.00 115.87 ? 1905 TMO A OAE 1 
HETATM 874 O O   . HOH G 4 .   ? 11.687  -28.708 -41.346 1.00 65.56  ? 2001 HOH A O   1 
HETATM 875 O O   . HOH G 4 .   ? -15.747 28.831  33.957  1.00 23.07  ? 2002 HOH A O   1 
HETATM 876 O O   . HOH G 4 .   ? 19.028  -15.278 -20.621 1.00 37.76  ? 2003 HOH A O   1 
HETATM 877 O O   . HOH G 4 .   ? 20.748  -24.932 -48.782 1.00 59.15  ? 2004 HOH A O   1 
HETATM 878 O O   . HOH G 4 .   ? -23.328 26.096  37.695  1.00 33.49  ? 2005 HOH A O   1 
HETATM 879 O O   . HOH G 4 .   ? 15.778  -21.107 -44.234 1.00 46.81  ? 2006 HOH A O   1 
HETATM 880 O O   . HOH G 4 .   ? 15.358  -13.625 -39.374 1.00 38.52  ? 2007 HOH A O   1 
HETATM 881 O O   . HOH G 4 .   ? -13.191 10.917  33.780  1.00 23.57  ? 2008 HOH A O   1 
# 
loop_
_atom_site_anisotrop.id 
_atom_site_anisotrop.type_symbol 
_atom_site_anisotrop.pdbx_label_atom_id 
_atom_site_anisotrop.pdbx_label_alt_id 
_atom_site_anisotrop.pdbx_label_comp_id 
_atom_site_anisotrop.pdbx_label_asym_id 
_atom_site_anisotrop.pdbx_label_seq_id 
_atom_site_anisotrop.pdbx_PDB_ins_code 
_atom_site_anisotrop.U[1][1] 
_atom_site_anisotrop.U[2][2] 
_atom_site_anisotrop.U[3][3] 
_atom_site_anisotrop.U[1][2] 
_atom_site_anisotrop.U[1][3] 
_atom_site_anisotrop.U[2][3] 
_atom_site_anisotrop.pdbx_auth_seq_id 
_atom_site_anisotrop.pdbx_auth_comp_id 
_atom_site_anisotrop.pdbx_auth_asym_id 
_atom_site_anisotrop.pdbx_auth_atom_id 
1   N N   . SER A 3   ? 1.9185 1.0911 1.7713 -0.0071 -0.0092 -0.1885 0    SER A N   
2   C CA  . SER A 3   ? 2.0080 1.1671 1.8567 0.0030  -0.0055 -0.2386 0    SER A CA  
3   C C   . SER A 3   ? 1.9508 1.1340 1.7708 0.0390  0.0017  -0.2409 0    SER A C   
4   O O   . SER A 3   ? 2.0325 1.1896 1.8681 0.0688  0.0110  -0.2321 0    SER A O   
5   C CB  . SER A 3   ? 2.0240 1.2164 1.8621 -0.0260 -0.0152 -0.2794 0    SER A CB  
6   O OG  . SER A 3   ? 1.9401 1.1926 1.7468 -0.0308 -0.0245 -0.2633 0    SER A OG  
7   N N   . GLY A 4   ? 1.7990 1.0332 1.5786 0.0364  -0.0034 -0.2529 1    GLY A N   
8   C CA  . GLY A 4   ? 1.6061 0.8672 1.3532 0.0651  0.0040  -0.2554 1    GLY A CA  
9   C C   . GLY A 4   ? 1.3766 0.6836 1.0941 0.0661  -0.0035 -0.2204 1    GLY A C   
10  O O   . GLY A 4   ? 1.3544 0.6750 1.0791 0.0463  -0.0147 -0.1948 1    GLY A O   
11  N N   . PRO A 5   ? 1.2627 0.5951 0.9486 0.0883  0.0048  -0.2217 2    PRO A N   
12  C CA  . PRO A 5   ? 1.0443 0.4144 0.7016 0.0893  -0.0001 -0.1908 2    PRO A CA  
13  C C   . PRO A 5   ? 1.1103 0.5042 0.7416 0.0643  -0.0189 -0.1920 2    PRO A C   
14  O O   . PRO A 5   ? 1.1955 0.5890 0.8186 0.0497  -0.0271 -0.2229 2    PRO A O   
15  C CB  . PRO A 5   ? 0.9994 0.3887 0.6250 0.1133  0.0173  -0.2046 2    PRO A CB  
16  C CG  . PRO A 5   ? 1.1653 0.5288 0.8220 0.1333  0.0324  -0.2323 2    PRO A CG  
17  C CD  . PRO A 5   ? 1.3292 0.6572 1.0085 0.1133  0.0228  -0.2534 2    PRO A CD  
18  N N   . LEU A 6   ? 1.1287 0.5468 0.7508 0.0606  -0.0268 -0.1601 3    LEU A N   
19  C CA  . LEU A 6   ? 1.0508 0.4934 0.6595 0.0412  -0.0475 -0.1578 3    LEU A CA  
20  C C   . LEU A 6   ? 1.1191 0.5789 0.6744 0.0455  -0.0536 -0.1744 3    LEU A C   
21  O O   . LEU A 6   ? 1.1313 0.5940 0.6515 0.0613  -0.0391 -0.1715 3    LEU A O   
22  C CB  . LEU A 6   ? 0.9765 0.4390 0.5944 0.0380  -0.0530 -0.1218 3    LEU A CB  
23  C CG  . LEU A 6   ? 0.8890 0.3473 0.5551 0.0267  -0.0510 -0.1023 3    LEU A CG  
24  C CD1 . LEU A 6   ? 0.7218 0.2076 0.3927 0.0258  -0.0529 -0.0714 3    LEU A CD1 
25  C CD2 . LEU A 6   ? 0.8815 0.3394 0.5750 0.0009  -0.0616 -0.1192 3    LEU A CD2 
26  N N   . LYS A 7   ? 1.0767 0.5529 0.6271 0.0303  -0.0739 -0.1921 4    LYS A N   
27  C CA  . LYS A 7   ? 1.1322 0.6307 0.6306 0.0338  -0.0862 -0.1975 4    LYS A CA  
28  C C   . LYS A 7   ? 1.1847 0.6942 0.6626 0.0414  -0.0910 -0.1600 4    LYS A C   
29  O O   . LYS A 7   ? 1.1184 0.6308 0.6300 0.0370  -0.0959 -0.1384 4    LYS A O   
30  C CB  . LYS A 7   ? 1.0857 0.6071 0.5917 0.0177  -0.1112 -0.2219 4    LYS A CB  
31  C CG  . LYS A 7   ? 1.2011 0.7105 0.7279 0.0046  -0.1048 -0.2643 4    LYS A CG  
32  C CD  . LYS A 7   ? 1.2426 0.7826 0.7805 -0.0158 -0.1282 -0.2914 4    LYS A CD  
33  C CE  . LYS A 7   ? 1.4101 0.9340 0.9668 -0.0336 -0.1180 -0.3378 4    LYS A CE  
34  N NZ  . LYS A 7   ? 1.4562 1.0140 1.0200 -0.0588 -0.1385 -0.3688 4    LYS A NZ  
35  N N   . PRO A 8   ? 1.2245 0.7402 0.6482 0.0501  -0.0871 -0.1521 5    PRO A N   
36  C CA  . PRO A 8   ? 1.0456 0.5639 0.4531 0.0549  -0.0861 -0.1162 5    PRO A CA  
37  C C   . PRO A 8   ? 0.9068 0.4373 0.3393 0.0504  -0.1139 -0.1011 5    PRO A C   
38  O O   . PRO A 8   ? 0.9450 0.4736 0.3926 0.0514  -0.1112 -0.0763 5    PRO A O   
39  C CB  . PRO A 8   ? 1.0345 0.5595 0.3809 0.0587  -0.0778 -0.1137 5    PRO A CB  
40  C CG  . PRO A 8   ? 1.1693 0.7031 0.4970 0.0558  -0.0863 -0.1492 5    PRO A CG  
41  C CD  . PRO A 8   ? 1.2090 0.7310 0.5851 0.0528  -0.0802 -0.1757 5    PRO A CD  
42  N N   . GLU A 9   ? 0.8809 0.4296 0.3230 0.0457  -0.1398 -0.1196 6    GLU A N   
43  C CA  . GLU A 9   ? 0.8467 0.4160 0.3237 0.0440  -0.1651 -0.1114 6    GLU A CA  
44  C C   . GLU A 9   ? 0.8234 0.4000 0.3630 0.0315  -0.1606 -0.1132 6    GLU A C   
45  O O   . GLU A 9   ? 0.8162 0.4105 0.3881 0.0303  -0.1719 -0.1018 6    GLU A O   
46  C CB  . GLU A 9   ? 0.9826 0.5796 0.4565 0.0430  -0.1937 -0.1342 6    GLU A CB  
47  C CG  . GLU A 9   ? 1.2150 0.8264 0.7207 0.0257  -0.1945 -0.1716 6    GLU A CG  
48  C CD  . GLU A 9   ? 1.3935 0.9974 0.8546 0.0244  -0.1873 -0.1968 6    GLU A CD  
49  O OE1 . GLU A 9   ? 1.4210 1.0093 0.8268 0.0362  -0.1757 -0.1837 6    GLU A OE1 
50  O OE2 . GLU A 9   ? 1.4210 1.0365 0.9030 0.0086  -0.1905 -0.2324 6    GLU A OE2 
51  N N   . GLU A 10  ? 0.8148 0.3778 0.3732 0.0219  -0.1429 -0.1275 7    GLU A N   
52  C CA  . GLU A 10  ? 0.8707 0.4341 0.4813 0.0088  -0.1327 -0.1213 7    GLU A CA  
53  C C   . GLU A 10  ? 0.7998 0.3498 0.4056 0.0169  -0.1155 -0.0916 7    GLU A C   
54  O O   . GLU A 10  ? 0.7625 0.3267 0.4038 0.0084  -0.1144 -0.0777 7    GLU A O   
55  C CB  . GLU A 10  ? 1.0476 0.5918 0.6797 -0.0029 -0.1190 -0.1433 7    GLU A CB  
56  C CG  . GLU A 10  ? 1.1456 0.7072 0.7945 -0.0193 -0.1328 -0.1784 7    GLU A CG  
57  C CD  . GLU A 10  ? 1.2766 0.8075 0.9421 -0.0307 -0.1164 -0.2028 7    GLU A CD  
58  O OE1 . GLU A 10  ? 1.3039 0.8019 0.9504 -0.0163 -0.0991 -0.1992 7    GLU A OE1 
59  O OE2 . GLU A 10  ? 1.3093 0.8494 1.0102 -0.0545 -0.1194 -0.2275 7    GLU A OE2 
60  N N   . HIS A 11  ? 0.7832 0.3121 0.3472 0.0313  -0.0999 -0.0850 8    HIS A N   
61  C CA  . HIS A 11  ? 0.7711 0.2945 0.3287 0.0384  -0.0834 -0.0608 8    HIS A CA  
62  C C   . HIS A 11  ? 0.7691 0.3056 0.3209 0.0373  -0.0962 -0.0432 8    HIS A C   
63  O O   . HIS A 11  ? 0.7407 0.2845 0.3122 0.0340  -0.0891 -0.0272 8    HIS A O   
64  C CB  . HIS A 11  ? 0.7422 0.2490 0.2573 0.0526  -0.0611 -0.0637 8    HIS A CB  
65  C CG  . HIS A 11  ? 0.7202 0.2278 0.2270 0.0588  -0.0414 -0.0443 8    HIS A CG  
66  N ND1 . HIS A 11  ? 0.7434 0.2557 0.2911 0.0637  -0.0269 -0.0348 8    HIS A ND1 
67  C CD2 . HIS A 11  ? 0.7518 0.2687 0.2260 0.0585  -0.0326 -0.0289 8    HIS A CD2 
68  C CE1 . HIS A 11  ? 0.7175 0.2600 0.2710 0.0649  -0.0108 -0.0159 8    HIS A CE1 
69  N NE2 . HIS A 11  ? 0.6995 0.2416 0.2088 0.0596  -0.0116 -0.0125 8    HIS A NE2 
70  N N   . GLU A 12  ? 0.8661 0.4077 0.3964 0.0409  -0.1153 -0.0468 9    GLU A N   
71  C CA  . GLU A 12  ? 0.8690 0.4192 0.4044 0.0435  -0.1286 -0.0315 9    GLU A CA  
72  C C   . GLU A 12  ? 0.7846 0.3622 0.3760 0.0350  -0.1439 -0.0364 9    GLU A C   
73  O O   . GLU A 12  ? 0.6674 0.2527 0.2763 0.0346  -0.1458 -0.0248 9    GLU A O   
74  C CB  . GLU A 12  ? 0.9342 0.4832 0.4379 0.0528  -0.1456 -0.0338 9    GLU A CB  
75  C CG  . GLU A 12  ? 1.0205 0.5729 0.5341 0.0588  -0.1596 -0.0209 9    GLU A CG  
76  C CD  . GLU A 12  ? 1.1494 0.6944 0.6612 0.0539  -0.1344 -0.0014 9    GLU A CD  
77  O OE1 . GLU A 12  ? 1.1790 0.7164 0.6633 0.0501  -0.1089 0.0054  9    GLU A OE1 
78  O OE2 . GLU A 12  ? 1.2515 0.8069 0.7947 0.0524  -0.1387 0.0037  9    GLU A OE2 
79  N N   . ASP A 13  ? 0.8530 0.4503 0.4780 0.0250  -0.1509 -0.0565 10   ASP A N   
80  C CA  . ASP A 13  ? 0.7050 0.3386 0.3896 0.0116  -0.1577 -0.0645 10   ASP A CA  
81  C C   . ASP A 13  ? 0.6023 0.2396 0.3103 0.0015  -0.1381 -0.0484 10   ASP A C   
82  O O   . ASP A 13  ? 0.5740 0.2404 0.3184 -0.0049 -0.1415 -0.0479 10   ASP A O   
83  C CB  . ASP A 13  ? 0.8524 0.5013 0.5662 -0.0046 -0.1595 -0.0900 10   ASP A CB  
84  C CG  . ASP A 13  ? 1.0745 0.7421 0.7819 0.0016  -0.1839 -0.1117 10   ASP A CG  
85  O OD1 . ASP A 13  ? 1.1666 0.8575 0.8835 0.0133  -0.2045 -0.1112 10   ASP A OD1 
86  O OD2 . ASP A 13  ? 1.2056 0.8645 0.8991 -0.0041 -0.1833 -0.1306 10   ASP A OD2 
87  N N   . ILE A 14  ? 0.6375 0.2508 0.3276 0.0017  -0.1171 -0.0371 11   ILE A N   
88  C CA  . ILE A 14  ? 0.5202 0.1441 0.2317 -0.0049 -0.0992 -0.0194 11   ILE A CA  
89  C C   . ILE A 14  ? 0.5986 0.2324 0.3010 0.0022  -0.0972 -0.0058 11   ILE A C   
90  O O   . ILE A 14  ? 0.6151 0.2754 0.3485 -0.0065 -0.0946 -0.0004 11   ILE A O   
91  C CB  . ILE A 14  ? 0.5338 0.1400 0.2387 -0.0001 -0.0793 -0.0115 11   ILE A CB  
92  C CG1 . ILE A 14  ? 0.5641 0.1526 0.2819 -0.0092 -0.0798 -0.0253 11   ILE A CG1 
93  C CG2 . ILE A 14  ? 0.4973 0.1287 0.2286 -0.0031 -0.0640 0.0084  11   ILE A CG2 
94  C CD1 . ILE A 14  ? 0.5898 0.1535 0.3048 0.0010  -0.0632 -0.0199 11   ILE A CD1 
95  N N   . LEU A 15  ? 0.6157 0.2271 0.2743 0.0150  -0.0954 -0.0019 12   LEU A N   
96  C CA  . LEU A 15  ? 0.5101 0.1414 0.1733 0.0160  -0.0855 0.0078  12   LEU A CA  
97  C C   . LEU A 15  ? 0.5264 0.1654 0.2070 0.0156  -0.1057 0.0046  12   LEU A C   
98  O O   . LEU A 15  ? 0.6014 0.2642 0.3097 0.0106  -0.0972 0.0104  12   LEU A O   
99  C CB  . LEU A 15  ? 0.5505 0.1584 0.1703 0.0244  -0.0766 0.0102  12   LEU A CB  
100 C CG  . LEU A 15  ? 0.5741 0.1665 0.1672 0.0299  -0.0564 0.0121  12   LEU A CG  
101 C CD1 . LEU A 15  ? 0.6123 0.1953 0.1697 0.0326  -0.0421 0.0177  12   LEU A CD1 
102 C CD2 . LEU A 15  ? 0.5297 0.1551 0.1650 0.0264  -0.0379 0.0207  12   LEU A CD2 
103 N N   . ASN A 16  ? 0.6549 0.2692 0.3185 0.0240  -0.1366 -0.0068 13   ASN A N   
104 C CA  . ASN A 16  ? 0.7336 0.3633 0.4251 0.0302  -0.1600 -0.0157 13   ASN A CA  
105 C C   . ASN A 16  ? 0.5914 0.2667 0.3468 0.0148  -0.1503 -0.0243 13   ASN A C   
106 O O   . ASN A 16  ? 0.5944 0.2847 0.3767 0.0175  -0.1536 -0.0273 13   ASN A O   
107 C CB  . ASN A 16  ? 0.9556 0.5971 0.6547 0.0404  -0.1841 -0.0323 13   ASN A CB  
108 C CG  . ASN A 16  ? 0.9628 0.6128 0.6804 0.0580  -0.2110 -0.0397 13   ASN A CG  
109 O OD1 . ASN A 16  ? 0.9363 0.6320 0.7118 0.0564  -0.2220 -0.0596 13   ASN A OD1 
110 N ND2 . ASN A 16  ? 1.1391 0.7533 0.8155 0.0720  -0.2145 -0.0268 13   ASN A ND2 
111 N N   . LYS A 17  ? 0.5338 0.2297 0.3110 -0.0020 -0.1359 -0.0277 14   LYS A N   
112 C CA  . LYS A 17  ? 0.4143 0.1497 0.2382 -0.0211 -0.1251 -0.0341 14   LYS A CA  
113 C C   . LYS A 17  ? 0.4921 0.2346 0.3170 -0.0249 -0.1071 -0.0185 14   LYS A C   
114 O O   . LYS A 17  ? 0.4862 0.2653 0.3461 -0.0333 -0.1034 -0.0277 14   LYS A O   
115 C CB  . LYS A 17  ? 0.4171 0.1534 0.2482 -0.0400 -0.1138 -0.0349 14   LYS A CB  
116 C CG  . LYS A 17  ? 0.4373 0.2118 0.3076 -0.0660 -0.1040 -0.0421 14   LYS A CG  
117 C CD  . LYS A 17  ? 0.5579 0.3158 0.4257 -0.0872 -0.0923 -0.0370 14   LYS A CD  
118 C CE  . LYS A 17  ? 0.7729 0.5693 0.6718 -0.1188 -0.0789 -0.0407 14   LYS A CE  
119 N NZ  . LYS A 17  ? 0.9278 0.6917 0.8110 -0.1395 -0.0632 -0.0219 14   LYS A NZ  
120 N N   . LEU A 18  ? 0.6036 0.3212 0.3956 -0.0191 -0.0937 0.0015  15   LEU A N   
121 C CA  . LEU A 18  ? 0.3891 0.1249 0.1875 -0.0242 -0.0761 0.0141  15   LEU A CA  
122 C C   . LEU A 18  ? 0.4010 0.1327 0.2023 -0.0192 -0.0794 0.0107  15   LEU A C   
123 O O   . LEU A 18  ? 0.4287 0.1790 0.2411 -0.0276 -0.0653 0.0147  15   LEU A O   
124 C CB  . LEU A 18  ? 0.3806 0.1138 0.1601 -0.0182 -0.0592 0.0284  15   LEU A CB  
125 C CG  . LEU A 18  ? 0.4155 0.1533 0.2005 -0.0206 -0.0527 0.0347  15   LEU A CG  
126 C CD1 . LEU A 18  ? 0.4813 0.2113 0.2534 -0.0063 -0.0416 0.0384  15   LEU A CD1 
127 C CD2 . LEU A 18  ? 0.3806 0.1478 0.1825 -0.0331 -0.0455 0.0467  15   LEU A CD2 
128 N N   . LEU A 19  ? 0.4476 0.1532 0.2390 -0.0053 -0.0991 0.0030  16   LEU A N   
129 C CA  . LEU A 19  ? 0.4236 0.1167 0.2178 0.0019  -0.1026 0.0027  16   LEU A CA  
130 C C   . LEU A 19  ? 0.4205 0.1467 0.2647 -0.0055 -0.1022 -0.0174 16   LEU A C   
131 O O   . LEU A 19  ? 0.4885 0.2038 0.3405 -0.0066 -0.0963 -0.0194 16   LEU A O   
132 C CB  . LEU A 19  ? 0.4666 0.1340 0.2398 0.0221  -0.1265 0.0010  16   LEU A CB  
133 C CG  . LEU A 19  ? 0.5031 0.1486 0.2274 0.0256  -0.1195 0.0138  16   LEU A CG  
134 C CD1 . LEU A 19  ? 0.5544 0.1737 0.2564 0.0444  -0.1478 0.0094  16   LEU A CD1 
135 C CD2 . LEU A 19  ? 0.5368 0.1761 0.2521 0.0167  -0.0944 0.0276  16   LEU A CD2 
136 N N   . ASP A 20  ? 0.3677 0.1390 0.2471 -0.0137 -0.1047 -0.0347 17   ASP A N   
137 C CA  . ASP A 20  ? 0.4139 0.2319 0.3426 -0.0221 -0.1006 -0.0595 17   ASP A CA  
138 C C   . ASP A 20  ? 0.3509 0.1950 0.2828 -0.0417 -0.0769 -0.0549 17   ASP A C   
139 O O   . ASP A 20  ? 0.4960 0.3600 0.4154 -0.0560 -0.0643 -0.0407 17   ASP A O   
140 C CB  . ASP A 20  ? 0.4824 0.3467 0.4429 -0.0330 -0.1037 -0.0779 17   ASP A CB  
141 C CG  . ASP A 20  ? 0.6029 0.5212 0.6179 -0.0384 -0.1009 -0.1112 17   ASP A CG  
142 O OD1 . ASP A 20  ? 0.5256 0.4417 0.5544 -0.0319 -0.0976 -0.1219 17   ASP A OD1 
143 O OD2 . ASP A 20  ? 0.6887 0.6530 0.7334 -0.0506 -0.0981 -0.1279 17   ASP A OD2 
144 N N   . PRO A 21  ? 0.3496 0.1928 0.2975 -0.0422 -0.0718 -0.0675 18   PRO A N   
145 C CA  . PRO A 21  ? 0.3078 0.1872 0.2614 -0.0634 -0.0515 -0.0695 18   PRO A CA  
146 C C   . PRO A 21  ? 0.3659 0.3125 0.3455 -0.0813 -0.0427 -0.0873 18   PRO A C   
147 O O   . PRO A 21  ? 0.4530 0.4349 0.4219 -0.0988 -0.0297 -0.0783 18   PRO A O   
148 C CB  . PRO A 21  ? 0.3415 0.1947 0.3085 -0.0604 -0.0500 -0.0849 18   PRO A CB  
149 C CG  . PRO A 21  ? 0.4488 0.2723 0.4341 -0.0360 -0.0706 -0.0998 18   PRO A CG  
150 C CD  . PRO A 21  ? 0.4436 0.2485 0.4035 -0.0225 -0.0863 -0.0805 18   PRO A CD  
151 N N   . GLU A 22  ? 0.4471 0.4163 0.4595 -0.0776 -0.0496 -0.1127 19   GLU A N   
152 C CA  . GLU A 22  ? 0.3423 0.3768 0.3753 -0.0970 -0.0364 -0.1277 19   GLU A CA  
153 C C   . GLU A 22  ? 0.3663 0.4081 0.3846 -0.1095 -0.0363 -0.1114 19   GLU A C   
154 O O   . GLU A 22  ? 0.5180 0.6019 0.5552 -0.1211 -0.0261 -0.1212 19   GLU A O   
155 C CB  . GLU A 22  ? 0.5077 0.5701 0.5871 -0.0847 -0.0366 -0.1605 19   GLU A CB  
156 C CG  . GLU A 22  ? 0.7253 0.7698 0.8211 -0.0723 -0.0367 -0.1786 19   GLU A CG  
157 C CD  . GLU A 22  ? 0.9301 0.9976 1.0109 -0.0912 -0.0180 -0.1759 19   GLU A CD  
158 O OE1 . GLU A 22  ? 0.9584 1.0785 1.0314 -0.1098 -0.0022 -0.1735 19   GLU A OE1 
159 O OE2 . GLU A 22  ? 0.9694 1.0019 1.0444 -0.0882 -0.0190 -0.1759 19   GLU A OE2 
160 N N   . LEU A 23  ? 0.2817 0.2760 0.2643 -0.1013 -0.0430 -0.0799 20   LEU A N   
161 C CA  . LEU A 23  ? 0.2750 0.2624 0.2403 -0.1122 -0.0414 -0.0619 20   LEU A CA  
162 C C   . LEU A 23  ? 0.2938 0.3131 0.2407 -0.1360 -0.0240 -0.0448 20   LEU A C   
163 O O   . LEU A 23  ? 0.3570 0.3872 0.2880 -0.1360 -0.0185 -0.0332 20   LEU A O   
164 C CB  . LEU A 23  ? 0.2892 0.2165 0.2204 -0.0944 -0.0515 -0.0367 20   LEU A CB  
165 C CG  . LEU A 23  ? 0.3081 0.2117 0.2209 -0.1020 -0.0511 -0.0206 20   LEU A CG  
166 C CD1 . LEU A 23  ? 0.3792 0.2952 0.3203 -0.1106 -0.0592 -0.0450 20   LEU A CD1 
167 C CD2 . LEU A 23  ? 0.3246 0.1739 0.2037 -0.0819 -0.0576 -0.0013 20   LEU A CD2 
168 N N   . ALA A 24  ? 0.2919 0.3271 0.2396 -0.1578 -0.0159 -0.0429 21   ALA A N   
169 C CA  . ALA A 24  ? 0.4675 0.5207 0.3850 -0.1803 -0.0014 -0.0184 21   ALA A CA  
170 C C   . ALA A 24  ? 0.5432 0.5522 0.4220 -0.1643 -0.0075 0.0203  21   ALA A C   
171 O O   . ALA A 24  ? 0.5779 0.5353 0.4500 -0.1454 -0.0175 0.0297  21   ALA A O   
172 C CB  . ALA A 24  ? 0.3409 0.3995 0.2597 -0.2092 0.0097  -0.0172 21   ALA A CB  
173 N N   . GLN A 25  ? 0.6626 0.2969 0.3042 0.0317  0.0587  -0.0261 22   GLN A N   
174 C CA  . GLN A 25  ? 0.6423 0.2633 0.2751 0.0305  0.0616  -0.0161 22   GLN A CA  
175 C C   . GLN A 25  ? 0.5445 0.1643 0.1791 0.0243  0.0675  -0.0217 22   GLN A C   
176 O O   . GLN A 25  ? 0.5468 0.1622 0.1769 0.0265  0.0676  -0.0185 22   GLN A O   
177 C CB  . GLN A 25  ? 0.5369 0.1489 0.1622 0.0296  0.0632  -0.0072 22   GLN A CB  
178 C CG  . GLN A 25  ? 0.5501 0.1556 0.1670 0.0329  0.0637  -0.0012 22   GLN A CG  
179 C CD  . GLN A 25  ? 0.6001 0.2079 0.2166 0.0369  0.0608  0.0010  22   GLN A CD  
180 O OE1 . GLN A 25  ? 0.5614 0.1701 0.1776 0.0378  0.0593  0.0015  22   GLN A OE1 
181 N NE2 . GLN A 25  ? 0.5394 0.1453 0.1534 0.0395  0.0612  0.0016  22   GLN A NE2 
182 N N   . SER A 26  ? 0.5573 0.1799 0.1970 0.0151  0.0739  -0.0312 23   SER A N   
183 C CA  . SER A 26  ? 0.5653 0.1824 0.2028 0.0062  0.0830  -0.0372 23   SER A CA  
184 C C   . SER A 26  ? 0.5875 0.2225 0.2358 0.0078  0.0802  -0.0487 23   SER A C   
185 O O   . SER A 26  ? 0.6150 0.2416 0.2577 0.0055  0.0844  -0.0471 23   SER A O   
186 C CB  . SER A 26  ? 0.7190 0.3359 0.3591 -0.0072 0.0933  -0.0478 23   SER A CB  
187 O OG  . SER A 26  ? 0.6954 0.3435 0.3556 -0.0086 0.0894  -0.0665 23   SER A OG  
188 N N   . GLU A 27  ? 0.6455 0.3064 0.3067 0.0138  0.0728  -0.0610 24   GLU A N   
189 C CA  . GLU A 27  ? 0.6922 0.3733 0.3606 0.0197  0.0683  -0.0723 24   GLU A CA  
190 C C   . GLU A 27  ? 0.5984 0.2640 0.2550 0.0306  0.0626  -0.0564 24   GLU A C   
191 O O   . GLU A 27  ? 0.5478 0.2194 0.2052 0.0338  0.0613  -0.0604 24   GLU A O   
192 C CB  . GLU A 27  ? 0.7920 0.5098 0.4737 0.0270  0.0615  -0.0926 24   GLU A CB  
193 C CG  . GLU A 27  ? 0.9699 0.7174 0.6683 0.0159  0.0672  -0.1179 24   GLU A CG  
194 C CD  . GLU A 27  ? 1.2148 1.0120 0.9287 0.0266  0.0586  -0.1441 24   GLU A CD  
195 O OE1 . GLU A 27  ? 1.3005 1.1005 1.0121 0.0342  0.0533  -0.1410 24   GLU A OE1 
196 O OE2 . GLU A 27  ? 1.3954 1.2304 1.1222 0.0288  0.0569  -0.1688 24   GLU A OE2 
197 N N   . ARG A 28  ? 0.6911 0.3383 0.3366 0.0353  0.0599  -0.0400 25   ARG A N   
198 C CA  . ARG A 28  ? 0.5453 0.1792 0.1796 0.0422  0.0571  -0.0278 25   ARG A CA  
199 C C   . ARG A 28  ? 0.5468 0.1699 0.1770 0.0373  0.0618  -0.0215 25   ARG A C   
200 O O   . ARG A 28  ? 0.5487 0.1706 0.1765 0.0400  0.0612  -0.0206 25   ARG A O   
201 C CB  . ARG A 28  ? 0.5642 0.1869 0.1891 0.0458  0.0551  -0.0169 25   ARG A CB  
202 C CG  . ARG A 28  ? 0.5494 0.1597 0.1634 0.0476  0.0566  -0.0075 25   ARG A CG  
203 C CD  . ARG A 28  ? 0.5527 0.1539 0.1581 0.0474  0.0579  -0.0009 25   ARG A CD  
204 N NE  . ARG A 28  ? 0.6020 0.1972 0.1977 0.0550  0.0550  -0.0004 25   ARG A NE  
205 C CZ  . ARG A 28  ? 0.6015 0.1987 0.1978 0.0567  0.0527  -0.0010 25   ARG A CZ  
206 N NH1 . ARG A 28  ? 0.5498 0.1544 0.1566 0.0496  0.0537  -0.0017 25   ARG A NH1 
207 N NH2 . ARG A 28  ? 0.5783 0.1680 0.1621 0.0674  0.0491  -0.0006 25   ARG A NH2 
208 N N   . THR A 29  ? 0.5492 0.1636 0.1760 0.0321  0.0661  -0.0172 26   THR A N   
209 C CA  . THR A 29  ? 0.5568 0.1600 0.1746 0.0319  0.0695  -0.0119 26   THR A CA  
210 C C   . THR A 29  ? 0.5658 0.1675 0.1845 0.0266  0.0748  -0.0183 26   THR A C   
211 O O   . THR A 29  ? 0.5767 0.1714 0.1884 0.0292  0.0756  -0.0147 26   THR A O   
212 C CB  . THR A 29  ? 0.5652 0.1570 0.1726 0.0319  0.0723  -0.0065 26   THR A CB  
213 O OG1 . THR A 29  ? 0.6208 0.2077 0.2277 0.0233  0.0792  -0.0113 26   THR A OG1 
214 C CG2 . THR A 29  ? 0.5556 0.1522 0.1648 0.0360  0.0675  -0.0028 26   THR A CG2 
215 N N   . GLU A 30  ? 0.5685 0.1791 0.1964 0.0186  0.0790  -0.0302 27   GLU A N   
216 C CA  . GLU A 30  ? 0.5773 0.1921 0.2090 0.0115  0.0850  -0.0407 27   GLU A CA  
217 C C   . GLU A 30  ? 0.5675 0.1965 0.2064 0.0189  0.0782  -0.0442 27   GLU A C   
218 O O   . GLU A 30  ? 0.5734 0.1975 0.2089 0.0176  0.0811  -0.0440 27   GLU A O   
219 C CB  . GLU A 30  ? 0.5818 0.2133 0.2263 0.0004  0.0910  -0.0589 27   GLU A CB  
220 C CG  . GLU A 30  ? 0.7728 0.4264 0.4299 -0.0050 0.0938  -0.0777 27   GLU A CG  
221 C CD  . GLU A 30  ? 0.9762 0.6543 0.6475 -0.0168 0.1002  -0.1004 27   GLU A CD  
222 O OE1 . GLU A 30  ? 1.0206 0.6849 0.6856 -0.0331 0.1151  -0.1049 27   GLU A OE1 
223 O OE2 . GLU A 30  ? 1.0239 0.7343 0.7100 -0.0095 0.0912  -0.1144 27   GLU A OE2 
224 N N   . ALA A 31  ? 0.5569 0.2000 0.2016 0.0276  0.0698  -0.0464 28   ALA A N   
225 C CA  . ALA A 31  ? 0.5547 0.2061 0.1997 0.0367  0.0639  -0.0482 28   ALA A CA  
226 C C   . ALA A 31  ? 0.5557 0.1884 0.1892 0.0399  0.0637  -0.0333 28   ALA A C   
227 O O   . ALA A 31  ? 0.5577 0.1916 0.1905 0.0419  0.0634  -0.0346 28   ALA A O   
228 C CB  . ALA A 31  ? 0.5535 0.2151 0.1975 0.0480  0.0561  -0.0507 28   ALA A CB  
229 N N   . LEU A 32  ? 0.5676 0.1872 0.1934 0.0403  0.0639  -0.0220 29   LEU A N   
230 C CA  . LEU A 32  ? 0.5555 0.1662 0.1740 0.0428  0.0641  -0.0138 29   LEU A CA  
231 C C   . LEU A 32  ? 0.6927 0.2980 0.3083 0.0406  0.0677  -0.0135 29   LEU A C   
232 O O   . LEU A 32  ? 0.5627 0.1660 0.1753 0.0436  0.0672  -0.0114 29   LEU A O   
233 C CB  . LEU A 32  ? 0.5535 0.1599 0.1682 0.0435  0.0638  -0.0079 29   LEU A CB  
234 C CG  . LEU A 32  ? 0.5535 0.1589 0.1655 0.0454  0.0623  -0.0060 29   LEU A CG  
235 C CD1 . LEU A 32  ? 0.5855 0.1886 0.1963 0.0436  0.0638  -0.0033 29   LEU A CD1 
236 C CD2 . LEU A 32  ? 0.5995 0.1997 0.2044 0.0488  0.0626  -0.0051 29   LEU A CD2 
237 N N   . GLN A 33  ? 0.6885 0.2884 0.3019 0.0352  0.0726  -0.0158 30   GLN A N   
238 C CA  . GLN A 33  ? 0.6799 0.2671 0.2831 0.0338  0.0780  -0.0145 30   GLN A CA  
239 C C   . GLN A 33  ? 0.6955 0.2894 0.3053 0.0301  0.0799  -0.0218 30   GLN A C   
240 O O   . GLN A 33  ? 0.6412 0.2274 0.2437 0.0323  0.0812  -0.0190 30   GLN A O   
241 C CB  . GLN A 33  ? 0.7364 0.3080 0.3284 0.0276  0.0860  -0.0144 30   GLN A CB  
242 C CG  . GLN A 33  ? 0.8558 0.4055 0.4285 0.0261  0.0944  -0.0119 30   GLN A CG  
243 C CD  . GLN A 33  ? 0.8507 0.3874 0.4050 0.0404  0.0898  -0.0027 30   GLN A CD  
244 O OE1 . GLN A 33  ? 0.8671 0.4126 0.4252 0.0495  0.0815  -0.0002 30   GLN A OE1 
245 N NE2 . GLN A 33  ? 0.8875 0.4034 0.4212 0.0429  0.0953  0.0003  30   GLN A NE2 
246 N N   . GLN A 34  ? 0.7258 0.3368 0.3494 0.0261  0.0792  -0.0332 31   GLN A N   
247 C CA  . GLN A 34  ? 0.5765 0.2010 0.2086 0.0250  0.0792  -0.0436 31   GLN A CA  
248 C C   . GLN A 34  ? 0.7397 0.3627 0.3680 0.0341  0.0734  -0.0363 31   GLN A C   
249 O O   . GLN A 34  ? 0.8658 0.4872 0.4927 0.0335  0.0752  -0.0374 31   GLN A O   
250 C CB  . GLN A 34  ? 0.5699 0.2222 0.2173 0.0249  0.0761  -0.0607 31   GLN A CB  
251 C CG  . GLN A 34  ? 0.5758 0.2363 0.2304 0.0137  0.0829  -0.0730 31   GLN A CG  
252 C CD  . GLN A 34  ? 0.8947 0.5944 0.5672 0.0164  0.0781  -0.0959 31   GLN A CD  
253 O OE1 . GLN A 34  ? 1.0193 0.7437 0.7004 0.0203  0.0751  -0.1103 31   GLN A OE1 
254 N NE2 . GLN A 34  ? 0.8957 0.6054 0.5734 0.0162  0.0765  -0.1011 31   GLN A NE2 
255 N N   . LEU A 35  ? 0.5646 0.1864 0.1900 0.0413  0.0677  -0.0291 32   LEU A N   
256 C CA  . LEU A 35  ? 0.5923 0.2092 0.2118 0.0471  0.0651  -0.0226 32   LEU A CA  
257 C C   . LEU A 35  ? 0.6744 0.2819 0.2884 0.0463  0.0676  -0.0167 32   LEU A C   
258 O O   . LEU A 35  ? 0.8438 0.4504 0.4560 0.0481  0.0677  -0.0162 32   LEU A O   
259 C CB  . LEU A 35  ? 0.5648 0.1776 0.1786 0.0516  0.0625  -0.0174 32   LEU A CB  
260 C CG  . LEU A 35  ? 0.5685 0.1877 0.1817 0.0579  0.0584  -0.0225 32   LEU A CG  
261 C CD1 . LEU A 35  ? 0.5776 0.1829 0.1774 0.0622  0.0582  -0.0145 32   LEU A CD1 
262 C CD2 . LEU A 35  ? 0.5737 0.2027 0.1878 0.0645  0.0554  -0.0302 32   LEU A CD2 
263 N N   . ARG A 36  ? 0.7142 0.3154 0.3241 0.0457  0.0689  -0.0133 33   ARG A N   
264 C CA  . ARG A 36  ? 0.7292 0.3232 0.3313 0.0502  0.0693  -0.0104 33   ARG A CA  
265 C C   . ARG A 36  ? 0.7897 0.3758 0.3854 0.0493  0.0728  -0.0111 33   ARG A C   
266 O O   . ARG A 36  ? 0.7815 0.3675 0.3749 0.0538  0.0715  -0.0108 33   ARG A O   
267 C CB  . ARG A 36  ? 0.7137 0.3006 0.3085 0.0531  0.0693  -0.0078 33   ARG A CB  
268 C CG  . ARG A 36  ? 0.5929 0.1788 0.1817 0.0638  0.0658  -0.0080 33   ARG A CG  
269 C CD  . ARG A 36  ? 0.6554 0.2314 0.2328 0.0696  0.0652  -0.0056 33   ARG A CD  
270 N NE  . ARG A 36  ? 0.7155 0.2949 0.2995 0.0618  0.0664  -0.0044 33   ARG A NE  
271 C CZ  . ARG A 36  ? 0.8190 0.4095 0.4126 0.0625  0.0633  -0.0068 33   ARG A CZ  
272 N NH1 . ARG A 36  ? 0.8789 0.4812 0.4792 0.0685  0.0600  -0.0131 33   ARG A NH1 
273 N NH2 . ARG A 36  ? 0.9077 0.4994 0.5051 0.0563  0.0642  -0.0051 33   ARG A NH2 
274 N N   . VAL A 37  ? 0.8145 0.3937 0.4070 0.0422  0.0787  -0.0136 34   VAL A N   
275 C CA  . VAL A 37  ? 0.7425 0.3103 0.3265 0.0383  0.0854  -0.0153 34   VAL A CA  
276 C C   . VAL A 37  ? 0.8714 0.4524 0.4667 0.0375  0.0832  -0.0203 34   VAL A C   
277 O O   . VAL A 37  ? 0.9988 0.5731 0.5872 0.0405  0.0841  -0.0183 34   VAL A O   
278 C CB  . VAL A 37  ? 0.6299 0.1891 0.2106 0.0262  0.0956  -0.0210 34   VAL A CB  
279 C CG1 . VAL A 37  ? 0.6566 0.2055 0.2305 0.0185  0.1049  -0.0258 34   VAL A CG1 
280 C CG2 . VAL A 37  ? 0.7051 0.2433 0.2668 0.0281  0.0995  -0.0138 34   VAL A CG2 
281 N N   . ASN A 38  ? 0.8122 0.4115 0.4226 0.0357  0.0797  -0.0273 35   ASN A N   
282 C CA  . ASN A 38  ? 0.8201 0.4318 0.4384 0.0369  0.0775  -0.0336 35   ASN A CA  
283 C C   . ASN A 38  ? 0.8037 0.4117 0.4173 0.0444  0.0733  -0.0259 35   ASN A C   
284 O O   . ASN A 38  ? 0.7222 0.3313 0.3358 0.0451  0.0737  -0.0275 35   ASN A O   
285 C CB  . ASN A 38  ? 0.8786 0.5103 0.5083 0.0391  0.0728  -0.0434 35   ASN A CB  
286 C CG  . ASN A 38  ? 0.9306 0.5735 0.5630 0.0461  0.0683  -0.0478 35   ASN A CG  
287 O OD1 . ASN A 38  ? 0.8333 0.4879 0.4719 0.0432  0.0703  -0.0583 35   ASN A OD1 
288 N ND2 . ASN A 38  ? 1.0136 0.6514 0.6386 0.0550  0.0631  -0.0402 35   ASN A ND2 
289 N N   . TYR A 39  ? 0.8550 0.4603 0.4656 0.0485  0.0703  -0.0196 36   TYR A N   
290 C CA  . TYR A 39  ? 0.7823 0.3865 0.3903 0.0525  0.0690  -0.0165 36   TYR A CA  
291 C C   . TYR A 39  ? 0.9500 0.5487 0.5526 0.0553  0.0700  -0.0155 36   TYR A C   
292 O O   . TYR A 39  ? 1.0473 0.6481 0.6501 0.0579  0.0694  -0.0164 36   TYR A O   
293 C CB  . TYR A 39  ? 0.7211 0.3258 0.3292 0.0533  0.0682  -0.0147 36   TYR A CB  
294 C CG  . TYR A 39  ? 0.7307 0.3353 0.3375 0.0530  0.0702  -0.0156 36   TYR A CG  
295 C CD1 . TYR A 39  ? 0.8689 0.4675 0.4695 0.0533  0.0712  -0.0139 36   TYR A CD1 
296 C CD2 . TYR A 39  ? 0.7021 0.3121 0.3122 0.0533  0.0716  -0.0202 36   TYR A CD2 
297 C CE1 . TYR A 39  ? 0.9202 0.5117 0.5144 0.0510  0.0761  -0.0141 36   TYR A CE1 
298 C CE2 . TYR A 39  ? 0.8845 0.4953 0.4945 0.0492  0.0764  -0.0242 36   TYR A CE2 
299 C CZ  . TYR A 39  ? 0.9668 0.5649 0.5672 0.0467  0.0798  -0.0199 36   TYR A CZ  
300 O OH  . TYR A 39  ? 0.9720 0.5639 0.5669 0.0409  0.0875  -0.0232 36   TYR A OH  
301 N N   . GLY A 40  ? 1.0016 0.5906 0.5962 0.0560  0.0720  -0.0137 37   GLY A N   
302 C CA  . GLY A 40  ? 0.9439 0.5213 0.5254 0.0622  0.0730  -0.0119 37   GLY A CA  
303 C C   . GLY A 40  ? 0.8177 0.3899 0.3968 0.0578  0.0772  -0.0131 37   GLY A C   
304 O O   . GLY A 40  ? 0.9681 0.5397 0.5438 0.0631  0.0757  -0.0129 37   GLY A O   
305 N N   . SER A 41  ? 0.6812 0.2531 0.2643 0.0476  0.0827  -0.0171 38   SER A N   
306 C CA  . SER A 41  ? 0.7842 0.3549 0.3680 0.0416  0.0877  -0.0221 38   SER A CA  
307 C C   . SER A 41  ? 0.9353 0.5236 0.5324 0.0440  0.0822  -0.0254 38   SER A C   
308 O O   . SER A 41  ? 1.0901 0.6785 0.6871 0.0424  0.0844  -0.0285 38   SER A O   
309 C CB  . SER A 41  ? 0.9371 0.5099 0.5262 0.0289  0.0958  -0.0316 38   SER A CB  
310 O OG  . SER A 41  ? 0.9887 0.5868 0.5975 0.0276  0.0908  -0.0409 38   SER A OG  
311 N N   . PHE A 42  ? 1.1069 0.7064 0.7119 0.0479  0.0762  -0.0246 39   PHE A N   
312 C CA  . PHE A 42  ? 1.0465 0.6541 0.6556 0.0518  0.0725  -0.0253 39   PHE A CA  
313 C C   . PHE A 42  ? 1.0264 0.6290 0.6305 0.0560  0.0719  -0.0208 39   PHE A C   
314 O O   . PHE A 42  ? 1.1498 0.7533 0.7537 0.0569  0.0721  -0.0219 39   PHE A O   
315 C CB  . PHE A 42  ? 1.1336 0.7460 0.7446 0.0548  0.0690  -0.0245 39   PHE A CB  
316 C CG  . PHE A 42  ? 1.2206 0.8360 0.8298 0.0598  0.0665  -0.0259 39   PHE A CG  
317 C CD1 . PHE A 42  ? 1.1932 0.8089 0.8016 0.0609  0.0670  -0.0269 39   PHE A CD1 
318 C CD2 . PHE A 42  ? 1.2721 0.8867 0.8760 0.0652  0.0639  -0.0255 39   PHE A CD2 
319 C CE1 . PHE A 42  ? 1.1916 0.8069 0.7942 0.0673  0.0648  -0.0275 39   PHE A CE1 
320 C CE2 . PHE A 42  ? 1.2414 0.8524 0.8360 0.0733  0.0618  -0.0255 39   PHE A CE2 
321 C CZ  . PHE A 42  ? 1.2193 0.8307 0.8133 0.0743  0.0623  -0.0265 39   PHE A CZ  
322 N N   . VAL A 43  ? 0.9263 0.5267 0.5275 0.0592  0.0708  -0.0185 40   VAL A N   
323 C CA  . VAL A 43  ? 0.8768 0.4795 0.4765 0.0648  0.0696  -0.0200 40   VAL A CA  
324 C C   . VAL A 43  ? 0.9990 0.5926 0.5894 0.0687  0.0705  -0.0186 40   VAL A C   
325 O O   . VAL A 43  ? 1.0856 0.6822 0.6758 0.0724  0.0695  -0.0205 40   VAL A O   
326 C CB  . VAL A 43  ? 0.7292 0.3379 0.3304 0.0694  0.0675  -0.0231 40   VAL A CB  
327 C CG1 . VAL A 43  ? 0.6001 0.2176 0.2008 0.0786  0.0649  -0.0296 40   VAL A CG1 
328 C CG2 . VAL A 43  ? 0.7276 0.3437 0.3366 0.0633  0.0693  -0.0259 40   VAL A CG2 
329 N N   . SER A 44  ? 1.0611 0.6406 0.6411 0.0669  0.0738  -0.0157 41   SER A N   
330 C CA  . SER A 44  ? 1.2078 0.7703 0.7721 0.0691  0.0778  -0.0134 41   SER A CA  
331 C C   . SER A 44  ? 1.2053 0.7722 0.7763 0.0625  0.0805  -0.0164 41   SER A C   
332 O O   . SER A 44  ? 1.2475 0.8104 0.8125 0.0674  0.0801  -0.0156 41   SER A O   
333 C CB  . SER A 44  ? 1.2289 0.7707 0.7776 0.0643  0.0852  -0.0107 41   SER A CB  
334 O OG  . SER A 44  ? 1.3423 0.8588 0.8671 0.0669  0.0914  -0.0070 41   SER A OG  
335 N N   . GLU A 45  ? 1.1057 0.6831 0.6896 0.0533  0.0824  -0.0215 42   GLU A N   
336 C CA  . GLU A 45  ? 1.0867 0.6725 0.6783 0.0491  0.0837  -0.0273 42   GLU A CA  
337 C C   . GLU A 45  ? 1.1164 0.7119 0.7135 0.0552  0.0779  -0.0258 42   GLU A C   
338 O O   . GLU A 45  ? 1.1219 0.7205 0.7210 0.0548  0.0785  -0.0283 42   GLU A O   
339 C CB  . GLU A 45  ? 1.0736 0.6749 0.6787 0.0417  0.0851  -0.0378 42   GLU A CB  
340 C CG  . GLU A 45  ? 1.2550 0.8709 0.8694 0.0383  0.0863  -0.0488 42   GLU A CG  
341 C CD  . GLU A 45  ? 1.4457 1.0837 1.0741 0.0316  0.0883  -0.0658 42   GLU A CD  
342 O OE1 . GLU A 45  ? 1.4992 1.1315 1.1259 0.0210  0.0969  -0.0713 42   GLU A OE1 
343 O OE2 . GLU A 45  ? 1.4755 1.1371 1.1146 0.0380  0.0816  -0.0750 42   GLU A OE2 
344 N N   . TYR A 46  ? 1.0854 0.6847 0.6843 0.0594  0.0740  -0.0228 43   TYR A N   
345 C CA  . TYR A 46  ? 1.0080 0.6124 0.6092 0.0623  0.0722  -0.0227 43   TYR A CA  
346 C C   . TYR A 46  ? 1.0752 0.6783 0.6725 0.0673  0.0718  -0.0230 43   TYR A C   
347 O O   . TYR A 46  ? 1.1359 0.7418 0.7345 0.0680  0.0719  -0.0244 43   TYR A O   
348 C CB  . TYR A 46  ? 0.9739 0.5810 0.5770 0.0619  0.0717  -0.0224 43   TYR A CB  
349 C CG  . TYR A 46  ? 0.9595 0.5679 0.5622 0.0610  0.0740  -0.0241 43   TYR A CG  
350 C CD1 . TYR A 46  ? 1.0014 0.6178 0.6082 0.0613  0.0753  -0.0300 43   TYR A CD1 
351 C CD2 . TYR A 46  ? 0.9388 0.5408 0.5357 0.0606  0.0755  -0.0223 43   TYR A CD2 
352 C CE1 . TYR A 46  ? 1.0249 0.6444 0.6327 0.0567  0.0803  -0.0352 43   TYR A CE1 
353 C CE2 . TYR A 46  ? 1.0267 0.6235 0.6187 0.0577  0.0807  -0.0236 43   TYR A CE2 
354 C CZ  . TYR A 46  ? 1.0869 0.6930 0.6857 0.0535  0.0841  -0.0308 43   TYR A CZ  
355 O OH  . TYR A 46  ? 1.1714 0.7747 0.7671 0.0470  0.0918  -0.0356 43   TYR A OH  
356 N N   . ASN A 47  ? 1.1287 0.7277 0.7198 0.0728  0.0706  -0.0226 44   ASN A N   
357 C CA  . ASN A 47  ? 1.1768 0.7759 0.7616 0.0825  0.0683  -0.0248 44   ASN A CA  
358 C C   . ASN A 47  ? 1.1858 0.7700 0.7589 0.0832  0.0710  -0.0209 44   ASN A C   
359 O O   . ASN A 47  ? 1.0226 0.6089 0.5928 0.0895  0.0693  -0.0228 44   ASN A O   
360 C CB  . ASN A 47  ? 1.2197 0.8177 0.7965 0.0932  0.0649  -0.0261 44   ASN A CB  
361 C CG  . ASN A 47  ? 1.2767 0.8959 0.8676 0.0929  0.0628  -0.0345 44   ASN A CG  
362 O OD1 . ASN A 47  ? 1.2256 0.8583 0.8292 0.0850  0.0652  -0.0402 44   ASN A OD1 
363 N ND2 . ASN A 47  ? 1.2818 0.9025 0.8682 0.1009  0.0596  -0.0362 44   ASN A ND2 
364 N N   . ASP A 48  ? 1.2321 0.8026 0.7987 0.0755  0.0765  -0.0176 45   ASP A N   
365 C CA  . ASP A 48  ? 1.2335 0.7901 0.7899 0.0719  0.0822  -0.0168 45   ASP A CA  
366 C C   . ASP A 48  ? 1.2855 0.8563 0.8564 0.0666  0.0817  -0.0208 45   ASP A C   
367 O O   . ASP A 48  ? 1.4475 1.0112 1.0122 0.0660  0.0847  -0.0210 45   ASP A O   
368 C CB  . ASP A 48  ? 1.3108 0.8519 0.8588 0.0614  0.0913  -0.0171 45   ASP A CB  
369 C CG  . ASP A 48  ? 1.6356 1.1532 1.1605 0.0678  0.0938  -0.0110 45   ASP A CG  
370 O OD1 . ASP A 48  ? 1.7097 1.2267 1.2264 0.0832  0.0862  -0.0078 45   ASP A OD1 
371 O OD2 . ASP A 48  ? 1.7337 1.2346 1.2482 0.0580  0.1035  -0.0112 45   ASP A OD2 
372 N N   . LEU A 49  ? 1.2794 0.8669 0.8653 0.0640  0.0783  -0.0235 46   LEU A N   
373 C CA  . LEU A 49  ? 1.2620 0.8595 0.8560 0.0630  0.0768  -0.0264 46   LEU A CA  
374 C C   . LEU A 49  ? 1.1964 0.7974 0.7904 0.0686  0.0741  -0.0252 46   LEU A C   
375 O O   . LEU A 49  ? 1.2594 0.8615 0.8535 0.0694  0.0744  -0.0261 46   LEU A O   
376 C CB  . LEU A 49  ? 1.2166 0.8245 0.8190 0.0611  0.0749  -0.0296 46   LEU A CB  
377 C CG  . LEU A 49  ? 1.1190 0.7347 0.7248 0.0632  0.0730  -0.0331 46   LEU A CG  
378 C CD1 . LEU A 49  ? 1.0801 0.7038 0.6913 0.0594  0.0753  -0.0420 46   LEU A CD1 
379 C CD2 . LEU A 49  ? 1.0735 0.6929 0.6786 0.0675  0.0697  -0.0335 46   LEU A CD2 
380 N N   . THR A 50  ? 1.1735 0.7789 0.7692 0.0715  0.0725  -0.0259 47   THR A N   
381 C CA  . THR A 50  ? 1.1850 0.7999 0.7842 0.0743  0.0719  -0.0308 47   THR A CA  
382 C C   . THR A 50  ? 1.2115 0.8269 0.8052 0.0831  0.0696  -0.0328 47   THR A C   
383 O O   . THR A 50  ? 1.1890 0.8160 0.7873 0.0856  0.0691  -0.0393 47   THR A O   
384 C CB  . THR A 50  ? 1.2519 0.8774 0.8573 0.0732  0.0723  -0.0364 47   THR A CB  
385 O OG1 . THR A 50  ? 1.3054 0.9414 0.9166 0.0685  0.0762  -0.0443 47   THR A OG1 
386 C CG2 . THR A 50  ? 1.2923 0.9245 0.8958 0.0827  0.0684  -0.0409 47   THR A CG2 
387 N N   . LYS A 51  ? 1.3033 0.9039 0.8840 0.0882  0.0691  -0.0279 48   LYS A N   
388 C CA  . LYS A 51  ? 1.3800 0.9721 0.9470 0.0990  0.0675  -0.0273 48   LYS A CA  
389 C C   . LYS A 51  ? 1.4138 0.9947 0.9759 0.0939  0.0715  -0.0236 48   LYS A C   
390 O O   . LYS A 51  ? 1.4364 1.0169 0.9931 0.1011  0.0699  -0.0248 48   LYS A O   
391 C CB  . LYS A 51  ? 1.3891 0.9617 0.9357 0.1080  0.0673  -0.0224 48   LYS A CB  
392 C CG  . LYS A 51  ? 1.5185 1.0783 1.0435 0.1248  0.0643  -0.0211 48   LYS A CG  
393 C CD  . LYS A 51  ? 1.5636 1.1546 1.1016 0.1370  0.0562  -0.0329 48   LYS A CD  
394 C CE  . LYS A 51  ? 1.5520 1.1335 1.0676 0.1581  0.0511  -0.0327 48   LYS A CE  
395 N NZ  . LYS A 51  ? 1.4606 1.0824 0.9937 0.1685  0.0436  -0.0487 48   LYS A NZ  
396 N N   . ARG A 52  ? 1.3676 0.9428 0.9328 0.0821  0.0765  -0.0216 1677 ARG A N   
397 C CA  . ARG A 52  ? 1.3340 0.9075 0.9010 0.0760  0.0800  -0.0226 1677 ARG A CA  
398 C C   . ARG A 52  ? 1.3464 0.9359 0.9258 0.0768  0.0765  -0.0253 1677 ARG A C   
399 O O   . ARG A 52  ? 1.2994 0.8881 0.8778 0.0768  0.0774  -0.0259 1677 ARG A O   
400 C CB  . ARG A 52  ? 1.3480 0.9225 0.9213 0.0643  0.0851  -0.0263 1677 ARG A CB  
401 C CG  . ARG A 52  ? 1.4198 1.0034 1.0018 0.0588  0.0870  -0.0323 1677 ARG A CG  
402 C CD  . ARG A 52  ? 1.5526 1.1427 1.1419 0.0479  0.0930  -0.0423 1677 ARG A CD  
403 N NE  . ARG A 52  ? 1.6017 1.2076 1.2016 0.0449  0.0933  -0.0520 1677 ARG A NE  
404 C CZ  . ARG A 52  ? 1.5398 1.1379 1.1342 0.0407  0.0991  -0.0542 1677 ARG A CZ  
405 N NH1 . ARG A 52  ? 1.4781 1.0483 1.0522 0.0401  0.1054  -0.0459 1677 ARG A NH1 
406 N NH2 . ARG A 52  ? 1.4912 1.1083 1.0973 0.0387  0.0984  -0.0650 1677 ARG A NH2 
407 N N   . ASN A 53  ? 1.4071 1.0083 0.9955 0.0766  0.0739  -0.0272 1678 ASN A N   
408 C CA  . ASN A 53  ? 1.4506 1.0608 1.0458 0.0753  0.0738  -0.0298 1678 ASN A CA  
409 C C   . ASN A 53  ? 1.3951 1.0118 0.9903 0.0808  0.0727  -0.0340 1678 ASN A C   
410 O O   . ASN A 53  ? 1.3980 1.0134 0.9920 0.0812  0.0732  -0.0337 1678 ASN A O   
411 C CB  . ASN A 53  ? 1.4822 1.0969 1.0816 0.0719  0.0749  -0.0313 1678 ASN A CB  
412 C CG  . ASN A 53  ? 1.4752 1.0867 1.0729 0.0684  0.0777  -0.0309 1678 ASN A CG  
413 O OD1 . ASN A 53  ? 1.3833 0.9898 0.9774 0.0693  0.0767  -0.0279 1678 ASN A OD1 
414 N ND2 . ASN A 53  ? 1.5277 1.1431 1.1267 0.0652  0.0819  -0.0359 1678 ASN A ND2 
415 N N   . ASN A 54  ? 1.3854 1.0131 0.9827 0.0861  0.0707  -0.0404 1679 ASN A N   
416 C CA  . ASN A 54  ? 1.3758 1.0185 0.9756 0.0936  0.0686  -0.0493 1679 ASN A CA  
417 C C   . ASN A 54  ? 1.3045 0.9340 0.8897 0.1047  0.0654  -0.0441 1679 ASN A C   
418 O O   . ASN A 54  ? 1.1955 0.8372 0.7795 0.1151  0.0618  -0.0514 1679 ASN A O   
419 C CB  . ASN A 54  ? 1.3614 1.0281 0.9692 0.0981  0.0667  -0.0625 1679 ASN A CB  
420 C CG  . ASN A 54  ? 1.3913 1.0506 0.9884 0.1101  0.0614  -0.0589 1679 ASN A CG  
421 O OD1 . ASN A 54  ? 1.4177 1.0526 1.0038 0.1084  0.0624  -0.0466 1679 ASN A OD1 
422 N ND2 . ASN A 54  ? 1.4021 1.0847 1.0019 0.1223  0.0566  -0.0715 1679 ASN A ND2 
423 N N   . LEU A 55  ? 1.2748 0.8806 0.8478 0.1020  0.0677  -0.0338 1680 LEU A N   
424 C CA  . LEU A 55  ? 1.2450 0.8311 0.8005 0.1074  0.0690  -0.0282 1680 LEU A CA  
425 C C   . LEU A 55  ? 1.2613 0.8486 0.8227 0.1000  0.0717  -0.0279 1680 LEU A C   
426 O O   . LEU A 55  ? 1.2852 0.8704 0.8400 0.1068  0.0704  -0.0284 1680 LEU A O   
427 C CB  . LEU A 55  ? 1.2779 0.8383 0.8170 0.1033  0.0744  -0.0209 1680 LEU A CB  
428 C CG  . LEU A 55  ? 1.2834 0.8162 0.8012 0.1015  0.0816  -0.0156 1680 LEU A CG  
429 C CD1 . LEU A 55  ? 1.2975 0.8000 0.7876 0.1056  0.0865  -0.0096 1680 LEU A CD1 
430 C CD2 . LEU A 55  ? 1.2254 0.7615 0.7555 0.0843  0.0884  -0.0182 1680 LEU A CD2 
431 N N   . LEU A 56  ? 1.3387 0.9301 0.9114 0.0884  0.0745  -0.0276 1681 LEU A N   
432 C CA  . LEU A 56  ? 1.3001 0.8960 0.8788 0.0839  0.0757  -0.0286 1681 LEU A CA  
433 C C   . LEU A 56  ? 1.3437 0.9530 0.9294 0.0872  0.0734  -0.0329 1681 LEU A C   
434 O O   . LEU A 56  ? 1.3081 0.9180 0.8940 0.0872  0.0740  -0.0334 1681 LEU A O   
435 C CB  . LEU A 56  ? 1.1997 0.8006 0.7871 0.0761  0.0770  -0.0297 1681 LEU A CB  
436 C CG  . LEU A 56  ? 1.2040 0.8004 0.7906 0.0698  0.0807  -0.0317 1681 LEU A CG  
437 C CD1 . LEU A 56  ? 1.1121 0.7221 0.7095 0.0670  0.0792  -0.0373 1681 LEU A CD1 
438 C CD2 . LEU A 56  ? 1.2783 0.8641 0.8570 0.0667  0.0860  -0.0329 1681 LEU A CD2 
439 N N   . GLN A 57  ? 1.4165 1.0378 1.0082 0.0883  0.0723  -0.0383 1682 GLN A N   
440 C CA  . GLN A 57  ? 1.4915 1.1298 1.0914 0.0882  0.0732  -0.0476 1682 GLN A CA  
441 C C   . GLN A 57  ? 1.4899 1.1358 1.0865 0.0989  0.0695  -0.0523 1682 GLN A C   
442 O O   . GLN A 57  ? 1.5714 1.2299 1.1739 0.0978  0.0707  -0.0594 1682 GLN A O   
443 C CB  . GLN A 57  ? 1.6038 1.2579 1.2122 0.0848  0.0750  -0.0570 1682 GLN A CB  
444 C CG  . GLN A 57  ? 1.7383 1.4142 1.3567 0.0792  0.0797  -0.0719 1682 GLN A CG  
445 C CD  . GLN A 57  ? 1.8301 1.4934 1.4455 0.0701  0.0859  -0.0676 1682 GLN A CD  
446 O OE1 . GLN A 57  ? 1.8821 1.5247 1.4895 0.0660  0.0880  -0.0567 1682 GLN A OE1 
447 N NE2 . GLN A 57  ? 1.8313 1.5079 1.4513 0.0687  0.0884  -0.0769 1682 GLN A NE2 
448 N N   . ALA A 58  ? 1.4178 1.0534 1.0016 0.1100  0.0655  -0.0483 1683 ALA A N   
449 C CA  . ALA A 58  ? 1.3070 0.9430 0.8802 0.1243  0.0612  -0.0504 1683 ALA A CA  
450 C C   . ALA A 58  ? 1.3063 0.9194 0.8670 0.1229  0.0638  -0.0409 1683 ALA A C   
451 O O   . ALA A 58  ? 1.4012 1.0152 0.9548 0.1328  0.0611  -0.0428 1683 ALA A O   
452 C CB  . ALA A 58  ? 1.1903 0.8182 0.7468 0.1402  0.0563  -0.0489 1683 ALA A CB  
453 N N   . GLU A 59  ? 1.2019 0.7982 0.7611 0.1110  0.0691  -0.0330 1684 GLU A N   
454 C CA  . GLU A 59  ? 1.1757 0.7561 0.7265 0.1066  0.0733  -0.0280 1684 GLU A CA  
455 C C   . GLU A 59  ? 1.2537 0.8484 0.8171 0.1034  0.0726  -0.0317 1684 GLU A C   
456 O O   . GLU A 59  ? 1.3728 0.9651 0.9297 0.1095  0.0716  -0.0319 1684 GLU A O   
457 C CB  . GLU A 59  ? 1.2669 0.8364 0.8181 0.0938  0.0796  -0.0250 1684 GLU A CB  
458 C CG  . GLU A 59  ? 1.5397 1.0871 1.0729 0.0939  0.0841  -0.0209 1684 GLU A CG  
459 C CD  . GLU A 59  ? 1.7282 1.2683 1.2633 0.0785  0.0932  -0.0231 1684 GLU A CD  
460 O OE1 . GLU A 59  ? 1.7677 1.3174 1.3137 0.0712  0.0952  -0.0279 1684 GLU A OE1 
461 O OE2 . GLU A 59  ? 1.7923 1.3198 1.3191 0.0740  0.0983  -0.0223 1684 GLU A OE2 
462 N N   . LEU A 60  ? 1.2080 0.8147 0.7858 0.0949  0.0736  -0.0340 1685 LEU A N   
463 C CA  . LEU A 60  ? 1.2854 0.8997 0.8703 0.0916  0.0743  -0.0364 1685 LEU A CA  
464 C C   . LEU A 60  ? 1.3132 0.9437 0.9033 0.0961  0.0730  -0.0448 1685 LEU A C   
465 O O   . LEU A 60  ? 1.4636 1.0978 1.0554 0.0962  0.0737  -0.0468 1685 LEU A O   
466 C CB  . LEU A 60  ? 1.3079 0.9234 0.8986 0.0842  0.0764  -0.0355 1685 LEU A CB  
467 C CG  . LEU A 60  ? 1.3216 0.9410 0.9157 0.0809  0.0777  -0.0375 1685 LEU A CG  
468 C CD1 . LEU A 60  ? 1.2962 0.9255 0.8947 0.0777  0.0814  -0.0452 1685 LEU A CD1 
469 C CD2 . LEU A 60  ? 1.3500 0.9623 0.9416 0.0780  0.0784  -0.0336 1685 LEU A CD2 
470 N N   . GLU A 61  ? 1.2503 0.8949 0.8451 0.0993  0.0715  -0.0524 1686 GLU A N   
471 C CA  . GLU A 61  ? 1.3551 1.0257 0.9582 0.1034  0.0706  -0.0669 1686 GLU A CA  
472 C C   . GLU A 61  ? 1.3997 1.0699 0.9937 0.1175  0.0653  -0.0669 1686 GLU A C   
473 O O   . GLU A 61  ? 1.4215 1.1116 1.0222 0.1197  0.0649  -0.0776 1686 GLU A O   
474 C CB  . GLU A 61  ? 1.4739 1.1658 1.0849 0.1051  0.0698  -0.0787 1686 GLU A CB  
475 C CG  . GLU A 61  ? 1.5784 1.3090 1.2032 0.1063  0.0706  -0.1010 1686 GLU A CG  
476 C CD  . GLU A 61  ? 1.7166 1.4740 1.3507 0.1074  0.0701  -0.1161 1686 GLU A CD  
477 O OE1 . GLU A 61  ? 1.7497 1.4927 1.3804 0.1049  0.0703  -0.1077 1686 GLU A OE1 
478 O OE2 . GLU A 61  ? 1.7678 1.5633 1.4134 0.1100  0.0702  -0.1378 1686 GLU A OE2 
479 N N   . GLU A 62  ? 1.3750 1.0207 0.9510 0.1263  0.0624  -0.0555 1687 GLU A N   
480 C CA  . GLU A 62  ? 1.3892 1.0217 0.9480 0.1391  0.0594  -0.0513 1687 GLU A CA  
481 C C   . GLU A 62  ? 1.3263 0.9410 0.8817 0.1300  0.0641  -0.0429 1687 GLU A C   
482 O O   . GLU A 62  ? 1.4177 1.0292 0.9655 0.1369  0.0628  -0.0427 1687 GLU A O   
483 C CB  . GLU A 62  ? 1.4670 1.0736 1.0005 0.1519  0.0572  -0.0428 1687 GLU A CB  
484 C CG  . GLU A 62  ? 1.6129 1.1971 1.1192 0.1680  0.0550  -0.0371 1687 GLU A CG  
485 C CD  . GLU A 62  ? 1.7622 1.3079 1.2496 0.1576  0.0643  -0.0243 1687 GLU A CD  
486 O OE1 . GLU A 62  ? 1.7771 1.3133 1.2690 0.1417  0.0712  -0.0204 1687 GLU A OE1 
487 O OE2 . GLU A 62  ? 1.8197 1.3473 1.2883 0.1646  0.0655  -0.0202 1687 GLU A OE2 
488 N N   . LEU A 63  ? 1.2659 0.8720 0.8271 0.1157  0.0691  -0.0376 1688 LEU A N   
489 C CA  . LEU A 63  ? 1.1285 0.7248 0.6893 0.1079  0.0731  -0.0333 1688 LEU A CA  
490 C C   . LEU A 63  ? 1.1613 0.7736 0.7343 0.1054  0.0725  -0.0382 1688 LEU A C   
491 O O   . LEU A 63  ? 1.1873 0.7944 0.7572 0.1051  0.0735  -0.0364 1688 LEU A O   
492 C CB  . LEU A 63  ? 0.9966 0.5874 0.5617 0.0963  0.0771  -0.0306 1688 LEU A CB  
493 C CG  . LEU A 63  ? 0.9472 0.5340 0.5138 0.0889  0.0811  -0.0307 1688 LEU A CG  
494 C CD1 . LEU A 63  ? 0.9488 0.5148 0.4982 0.0892  0.0863  -0.0281 1688 LEU A CD1 
495 C CD2 . LEU A 63  ? 1.0114 0.6051 0.5878 0.0806  0.0829  -0.0340 1688 LEU A CD2 
496 N N   . ARG A 64  ? 1.1097 0.7393 0.6948 0.1021  0.0726  -0.0453 1689 ARG A N   
497 C CA  . ARG A 64  ? 1.1392 0.7802 0.7322 0.0979  0.0749  -0.0511 1689 ARG A CA  
498 C C   . ARG A 64  ? 1.1760 0.8317 0.7698 0.1066  0.0721  -0.0594 1689 ARG A C   
499 O O   . ARG A 64  ? 1.2969 0.9578 0.8941 0.1042  0.0738  -0.0624 1689 ARG A O   
500 C CB  . ARG A 64  ? 1.2040 0.8550 0.8054 0.0890  0.0798  -0.0580 1689 ARG A CB  
501 C CG  . ARG A 64  ? 1.2942 0.9697 0.9043 0.0907  0.0796  -0.0724 1689 ARG A CG  
502 C CD  . ARG A 64  ? 1.4502 1.1353 1.0675 0.0773  0.0885  -0.0825 1689 ARG A CD  
503 N NE  . ARG A 64  ? 1.5440 1.2058 1.1538 0.0706  0.0922  -0.0713 1689 ARG A NE  
504 C CZ  . ARG A 64  ? 1.5244 1.1873 1.1356 0.0677  0.0934  -0.0727 1689 ARG A CZ  
505 N NH1 . ARG A 64  ? 1.4927 1.1806 1.1138 0.0705  0.0913  -0.0856 1689 ARG A NH1 
506 N NH2 . ARG A 64  ? 1.4667 1.1075 1.0685 0.0636  0.0961  -0.0623 1689 ARG A NH2 
507 N N   . ALA A 65  ? 1.1515 0.8145 0.7405 0.1187  0.0670  -0.0635 1690 ALA A N   
508 C CA  . ALA A 65  ? 1.1367 0.8129 0.7223 0.1320  0.0622  -0.0709 1690 ALA A CA  
509 C C   . ALA A 65  ? 1.1583 0.8088 0.7276 0.1370  0.0615  -0.0590 1690 ALA A C   
510 O O   . ALA A 65  ? 1.3141 0.9731 0.8831 0.1431  0.0595  -0.0634 1690 ALA A O   
511 C CB  . ALA A 65  ? 1.0547 0.7413 0.6334 0.1483  0.0555  -0.0768 1690 ALA A CB  
512 N N   . VAL A 66  ? 0.9605 0.5815 0.5170 0.1329  0.0645  -0.0458 1691 VAL A N   
513 C CA  . VAL A 66  ? 0.8880 0.4853 0.4300 0.1323  0.0674  -0.0372 1691 VAL A CA  
514 C C   . VAL A 66  ? 0.8912 0.4977 0.4472 0.1222  0.0699  -0.0387 1691 VAL A C   
515 O O   . VAL A 66  ? 1.0188 0.6201 0.5688 0.1253  0.0700  -0.0374 1691 VAL A O   
516 C CB  . VAL A 66  ? 0.8314 0.4016 0.3602 0.1250  0.0734  -0.0284 1691 VAL A CB  
517 C CG1 . VAL A 66  ? 0.7184 0.2679 0.2353 0.1194  0.0799  -0.0237 1691 VAL A CG1 
518 C CG2 . VAL A 66  ? 0.8371 0.3911 0.3455 0.1366  0.0719  -0.0251 1691 VAL A CG2 
519 N N   . VAL A 67  ? 0.9567 0.5736 0.5275 0.1113  0.0721  -0.0410 1692 VAL A N   
520 C CA  . VAL A 67  ? 0.9462 0.5681 0.5254 0.1044  0.0744  -0.0420 1692 VAL A CA  
521 C C   . VAL A 67  ? 0.9473 0.5851 0.5312 0.1086  0.0732  -0.0501 1692 VAL A C   
522 O O   . VAL A 67  ? 1.0251 0.6602 0.6073 0.1090  0.0736  -0.0488 1692 VAL A O   
523 C CB  . VAL A 67  ? 1.0229 0.6477 0.6095 0.0958  0.0771  -0.0424 1692 VAL A CB  
524 C CG1 . VAL A 67  ? 1.0286 0.6529 0.6169 0.0915  0.0799  -0.0425 1692 VAL A CG1 
525 C CG2 . VAL A 67  ? 1.0873 0.7023 0.6713 0.0928  0.0774  -0.0372 1692 VAL A CG2 
526 N N   . GLU A 68  ? 0.9240 0.5826 0.5156 0.1109  0.0724  -0.0613 1693 GLU A N   
527 C CA  . GLU A 68  ? 1.0322 0.7156 0.6324 0.1130  0.0725  -0.0752 1693 GLU A CA  
528 C C   . GLU A 68  ? 0.9729 0.6547 0.5633 0.1275  0.0665  -0.0739 1693 GLU A C   
529 O O   . GLU A 68  ? 0.8856 0.5804 0.4806 0.1283  0.0668  -0.0810 1693 GLU A O   
530 C CB  . GLU A 68  ? 1.1680 0.8817 0.7805 0.1116  0.0736  -0.0927 1693 GLU A CB  
531 C CG  . GLU A 68  ? 1.3835 1.0956 1.0025 0.0962  0.0815  -0.0946 1693 GLU A CG  
532 C CD  . GLU A 68  ? 1.5906 1.3274 1.2190 0.0952  0.0822  -0.1091 1693 GLU A CD  
533 O OE1 . GLU A 68  ? 1.6619 1.4243 1.2946 0.1064  0.0767  -0.1215 1693 GLU A OE1 
534 O OE2 . GLU A 68  ? 1.6300 1.3597 1.2599 0.0843  0.0881  -0.1081 1693 GLU A OE2 
535 N N   . GLN A 69  ? 0.9381 0.6006 0.5114 0.1394  0.0620  -0.0646 1694 GLN A N   
536 C CA  . GLN A 69  ? 0.9061 0.5563 0.4615 0.1544  0.0576  -0.0603 1694 GLN A CA  
537 C C   . GLN A 69  ? 0.8976 0.5246 0.4461 0.1468  0.0620  -0.0497 1694 GLN A C   
538 O O   . GLN A 69  ? 1.0175 0.6441 0.5603 0.1536  0.0603  -0.0502 1694 GLN A O   
539 C CB  . GLN A 69  ? 1.0311 0.6588 0.5621 0.1694  0.0538  -0.0528 1694 GLN A CB  
540 C CG  . GLN A 69  ? 1.2473 0.8560 0.7515 0.1888  0.0496  -0.0477 1694 GLN A CG  
541 C CD  . GLN A 69  ? 1.4713 1.0413 0.9407 0.2013  0.0498  -0.0360 1694 GLN A CD  
542 O OE1 . GLN A 69  ? 1.4678 1.0268 0.9360 0.1936  0.0535  -0.0320 1694 GLN A OE1 
543 N NE2 . GLN A 69  ? 1.6165 1.1623 1.0539 0.2213  0.0466  -0.0303 1694 GLN A NE2 
544 N N   . THR A 70  ? 0.8746 0.4860 0.4247 0.1332  0.0676  -0.0419 1695 THR A N   
545 C CA  . THR A 70  ? 0.7999 0.3965 0.3468 0.1253  0.0720  -0.0358 1695 THR A CA  
546 C C   . THR A 70  ? 0.7696 0.3829 0.3314 0.1200  0.0722  -0.0406 1695 THR A C   
547 O O   . THR A 70  ? 0.8762 0.4836 0.4345 0.1199  0.0732  -0.0383 1695 THR A O   
548 C CB  . THR A 70  ? 0.7677 0.3532 0.3160 0.1134  0.0771  -0.0316 1695 THR A CB  
549 O OG1 . THR A 70  ? 0.7821 0.3513 0.3160 0.1164  0.0786  -0.0281 1695 THR A OG1 
550 C CG2 . THR A 70  ? 0.7899 0.3650 0.3352 0.1059  0.0822  -0.0298 1695 THR A CG2 
551 N N   . GLU A 71  ? 0.6856 0.3166 0.2616 0.1148  0.0727  -0.0473 1696 GLU A N   
552 C CA  . GLU A 71  ? 0.6501 0.2919 0.2350 0.1092  0.0753  -0.0523 1696 GLU A CA  
553 C C   . GLU A 71  ? 0.6988 0.3578 0.2861 0.1166  0.0729  -0.0618 1696 GLU A C   
554 O O   . GLU A 71  ? 0.7029 0.3644 0.2925 0.1144  0.0746  -0.0633 1696 GLU A O   
555 C CB  . GLU A 71  ? 0.6959 0.3453 0.2890 0.0998  0.0800  -0.0576 1696 GLU A CB  
556 C CG  . GLU A 71  ? 0.9810 0.6142 0.5701 0.0932  0.0832  -0.0496 1696 GLU A CG  
557 C CD  . GLU A 71  ? 1.2886 0.9169 0.8750 0.0925  0.0847  -0.0477 1696 GLU A CD  
558 O OE1 . GLU A 71  ? 1.3727 1.0115 0.9630 0.0918  0.0866  -0.0549 1696 GLU A OE1 
559 O OE2 . GLU A 71  ? 1.4000 1.0174 0.9814 0.0932  0.0837  -0.0411 1696 GLU A OE2 
560 N N   . ARG A 72  ? 0.7753 0.4490 0.3623 0.1268  0.0686  -0.0696 1697 ARG A N   
561 C CA  . ARG A 72  ? 0.6700 0.3635 0.2573 0.1384  0.0642  -0.0800 1697 ARG A CA  
562 C C   . ARG A 72  ? 0.6822 0.3528 0.2534 0.1467  0.0616  -0.0686 1697 ARG A C   
563 O O   . ARG A 72  ? 0.6814 0.3617 0.2563 0.1476  0.0616  -0.0734 1697 ARG A O   
564 C CB  . ARG A 72  ? 0.7610 0.4710 0.3453 0.1531  0.0577  -0.0884 1697 ARG A CB  
565 C CG  . ARG A 72  ? 0.8313 0.5851 0.4366 0.1478  0.0600  -0.1120 1697 ARG A CG  
566 C CD  . ARG A 72  ? 0.9908 0.7576 0.5930 0.1610  0.0537  -0.1179 1697 ARG A CD  
567 N NE  . ARG A 72  ? 1.2132 0.9675 0.7928 0.1876  0.0424  -0.1104 1697 ARG A NE  
568 C CZ  . ARG A 72  ? 1.1181 0.8634 0.6820 0.2049  0.0352  -0.1058 1697 ARG A CZ  
569 N NH1 . ARG A 72  ? 1.1176 0.8688 0.6899 0.1969  0.0377  -0.1086 1697 ARG A NH1 
570 N NH2 . ARG A 72  ? 1.0646 0.7913 0.6006 0.2311  0.0259  -0.0978 1697 ARG A NH2 
571 N N   . SER A 73  ? 0.6960 0.3354 0.2481 0.1508  0.0613  -0.0548 1698 SER A N   
572 C CA  . SER A 73  ? 0.7135 0.3270 0.2468 0.1557  0.0621  -0.0451 1698 SER A CA  
573 C C   . SER A 73  ? 0.7224 0.3340 0.2658 0.1419  0.0670  -0.0425 1698 SER A C   
574 O O   . SER A 73  ? 0.8187 0.4250 0.3559 0.1455  0.0668  -0.0409 1698 SER A O   
575 C CB  . SER A 73  ? 0.7361 0.3148 0.2459 0.1571  0.0656  -0.0337 1698 SER A CB  
576 O OG  . SER A 73  ? 0.9812 0.5593 0.4798 0.1707  0.0609  -0.0351 1698 SER A OG  
577 N N   . ARG A 74  ? 0.6798 0.2948 0.2363 0.1282  0.0708  -0.0420 1699 ARG A N   
578 C CA  . ARG A 74  ? 0.6695 0.2825 0.2325 0.1188  0.0742  -0.0397 1699 ARG A CA  
579 C C   . ARG A 74  ? 0.7015 0.3307 0.2738 0.1185  0.0738  -0.0463 1699 ARG A C   
580 O O   . ARG A 74  ? 0.7926 0.4179 0.3635 0.1179  0.0746  -0.0443 1699 ARG A O   
581 C CB  . ARG A 74  ? 0.6584 0.2709 0.2288 0.1091  0.0768  -0.0382 1699 ARG A CB  
582 C CG  . ARG A 74  ? 0.7052 0.3159 0.2789 0.1037  0.0786  -0.0368 1699 ARG A CG  
583 C CD  . ARG A 74  ? 0.8390 0.4525 0.4176 0.0997  0.0792  -0.0371 1699 ARG A CD  
584 N NE  . ARG A 74  ? 0.8331 0.4500 0.4131 0.0984  0.0810  -0.0391 1699 ARG A NE  
585 C CZ  . ARG A 74  ? 1.0660 0.6806 0.6438 0.0974  0.0832  -0.0394 1699 ARG A CZ  
586 N NH1 . ARG A 74  ? 0.9935 0.6057 0.5697 0.0998  0.0816  -0.0374 1699 ARG A NH1 
587 N NH2 . ARG A 74  ? 1.1455 0.7595 0.7222 0.0928  0.0885  -0.0431 1699 ARG A NH2 
588 N N   . LYS A 75  ? 0.6577 0.3066 0.2400 0.1173  0.0743  -0.0563 1700 LYS A N   
589 C CA  . LYS A 75  ? 0.6883 0.3548 0.2797 0.1135  0.0771  -0.0665 1700 LYS A CA  
590 C C   . LYS A 75  ? 0.6859 0.3624 0.2750 0.1244  0.0727  -0.0713 1700 LYS A C   
591 O O   . LYS A 75  ? 0.7341 0.4183 0.3278 0.1214  0.0749  -0.0760 1700 LYS A O   
592 C CB  . LYS A 75  ? 0.7125 0.4015 0.3156 0.1065  0.0815  -0.0812 1700 LYS A CB  
593 C CG  . LYS A 75  ? 1.0447 0.7436 0.6547 0.0950  0.0898  -0.0914 1700 LYS A CG  
594 C CD  . LYS A 75  ? 1.2159 0.8847 0.8157 0.0880  0.0944  -0.0772 1700 LYS A CD  
595 C CE  . LYS A 75  ? 1.0131 0.6809 0.6120 0.0797  0.1023  -0.0825 1700 LYS A CE  
596 N NZ  . LYS A 75  ? 0.6975 0.3709 0.2977 0.0868  0.0976  -0.0821 1700 LYS A NZ  
597 N N   . LEU A 76  ? 0.6738 0.3481 0.2525 0.1383  0.0665  -0.0698 1701 LEU A N   
598 C CA  . LEU A 76  ? 0.6880 0.3650 0.2574 0.1528  0.0611  -0.0715 1701 LEU A CA  
599 C C   . LEU A 76  ? 0.7023 0.3521 0.2598 0.1512  0.0630  -0.0585 1701 LEU A C   
600 O O   . LEU A 76  ? 0.7150 0.3709 0.2733 0.1543  0.0620  -0.0612 1701 LEU A O   
601 C CB  . LEU A 76  ? 0.7099 0.3815 0.2624 0.1717  0.0541  -0.0700 1701 LEU A CB  
602 C CG  . LEU A 76  ? 0.7355 0.3992 0.2683 0.1918  0.0475  -0.0678 1701 LEU A CG  
603 C CD1 . LEU A 76  ? 0.7304 0.4368 0.2800 0.1979  0.0432  -0.0868 1701 LEU A CD1 
604 C CD2 . LEU A 76  ? 0.7684 0.4092 0.2726 0.2119  0.0419  -0.0604 1701 LEU A CD2 
605 N N   . ALA A 77  ? 0.7550 0.3780 0.3030 0.1449  0.0664  -0.0465 1702 ALA A N   
606 C CA  . ALA A 77  ? 0.7019 0.3034 0.2403 0.1407  0.0701  -0.0380 1702 ALA A CA  
607 C C   . ALA A 77  ? 0.7045 0.3172 0.2577 0.1313  0.0722  -0.0404 1702 ALA A C   
608 O O   . ALA A 77  ? 0.6884 0.2953 0.2374 0.1322  0.0728  -0.0383 1702 ALA A O   
609 C CB  . ALA A 77  ? 0.7078 0.2879 0.2381 0.1322  0.0757  -0.0311 1702 ALA A CB  
610 N N   . GLU A 78  ? 0.7239 0.3488 0.2909 0.1229  0.0740  -0.0442 1703 GLU A N   
611 C CA  . GLU A 78  ? 0.6603 0.2899 0.2349 0.1162  0.0766  -0.0457 1703 GLU A CA  
612 C C   . GLU A 78  ? 0.6613 0.3071 0.2409 0.1190  0.0764  -0.0544 1703 GLU A C   
613 O O   . GLU A 78  ? 0.6608 0.3045 0.2404 0.1176  0.0775  -0.0534 1703 GLU A O   
614 C CB  . GLU A 78  ? 0.6544 0.2849 0.2342 0.1081  0.0801  -0.0465 1703 GLU A CB  
615 C CG  . GLU A 78  ? 0.7606 0.3810 0.3378 0.1062  0.0797  -0.0407 1703 GLU A CG  
616 C CD  . GLU A 78  ? 0.7567 0.3712 0.3323 0.1050  0.0796  -0.0375 1703 GLU A CD  
617 O OE1 . GLU A 78  ? 0.6731 0.2874 0.2480 0.1060  0.0798  -0.0374 1703 GLU A OE1 
618 O OE2 . GLU A 78  ? 0.8137 0.4273 0.3901 0.1036  0.0793  -0.0374 1703 GLU A OE2 
619 N N   . GLN A 79  ? 0.6629 0.3291 0.2482 0.1231  0.0748  -0.0656 1704 GLN A N   
620 C CA  . GLN A 79  ? 0.6641 0.3551 0.2575 0.1251  0.0750  -0.0797 1704 GLN A CA  
621 C C   . GLN A 79  ? 0.6738 0.3600 0.2573 0.1383  0.0691  -0.0756 1704 GLN A C   
622 O O   . GLN A 79  ? 0.6732 0.3703 0.2612 0.1380  0.0699  -0.0817 1704 GLN A O   
623 C CB  . GLN A 79  ? 0.6646 0.3872 0.2689 0.1265  0.0748  -0.0975 1704 GLN A CB  
624 C CG  . GLN A 79  ? 0.9430 0.7013 0.5618 0.1215  0.0791  -0.1195 1704 GLN A CG  
625 C CD  . GLN A 79  ? 1.0100 0.7640 0.6341 0.1033  0.0902  -0.1226 1704 GLN A CD  
626 O OE1 . GLN A 79  ? 0.9138 0.6709 0.5392 0.1008  0.0926  -0.1258 1704 GLN A OE1 
627 N NE2 . GLN A 79  ? 1.0600 0.8024 0.6835 0.0918  0.0970  -0.1203 1704 GLN A NE2 
628 N N   . GLU A 80  ? 0.7794 0.4458 0.3463 0.1497  0.0643  -0.0656 1705 GLU A N   
629 C CA  . GLU A 80  ? 0.7044 0.3556 0.2545 0.1618  0.0607  -0.0590 1705 GLU A CA  
630 C C   . GLU A 80  ? 0.6994 0.3315 0.2474 0.1520  0.0655  -0.0496 1705 GLU A C   
631 O O   . GLU A 80  ? 0.7065 0.3353 0.2487 0.1570  0.0643  -0.0485 1705 GLU A O   
632 C CB  . GLU A 80  ? 0.7301 0.3562 0.2555 0.1751  0.0576  -0.0501 1705 GLU A CB  
633 C CG  . GLU A 80  ? 0.8557 0.5014 0.3774 0.1936  0.0496  -0.0597 1705 GLU A CG  
634 C CD  . GLU A 80  ? 0.9842 0.6563 0.5096 0.2069  0.0432  -0.0713 1705 GLU A CD  
635 O OE1 . GLU A 80  ? 1.1080 0.7634 0.6209 0.2115  0.0431  -0.0644 1705 GLU A OE1 
636 O OE2 . GLU A 80  ? 1.0810 0.7936 0.6231 0.2117  0.0391  -0.0891 1705 GLU A OE2 
637 N N   . LEU A 81  ? 0.6883 0.3105 0.2411 0.1392  0.0702  -0.0442 1706 LEU A N   
638 C CA  . LEU A 81  ? 0.6835 0.2951 0.2370 0.1311  0.0738  -0.0389 1706 LEU A CA  
639 C C   . LEU A 81  ? 0.6733 0.2990 0.2377 0.1278  0.0743  -0.0439 1706 LEU A C   
640 O O   . LEU A 81  ? 0.6745 0.2952 0.2365 0.1276  0.0749  -0.0413 1706 LEU A O   
641 C CB  . LEU A 81  ? 0.6759 0.2813 0.2332 0.1213  0.0771  -0.0359 1706 LEU A CB  
642 C CG  . LEU A 81  ? 0.6730 0.2737 0.2321 0.1149  0.0799  -0.0345 1706 LEU A CG  
643 C CD1 . LEU A 81  ? 0.6875 0.2752 0.2353 0.1165  0.0822  -0.0324 1706 LEU A CD1 
644 C CD2 . LEU A 81  ? 0.6700 0.2703 0.2328 0.1084  0.0822  -0.0360 1706 LEU A CD2 
645 N N   . ILE A 82  ? 0.6662 0.3087 0.2412 0.1238  0.0758  -0.0523 1707 ILE A N   
646 C CA  . ILE A 82  ? 0.6630 0.3154 0.2452 0.1182  0.0796  -0.0586 1707 ILE A CA  
647 C C   . ILE A 82  ? 0.6671 0.3337 0.2505 0.1256  0.0768  -0.0657 1707 ILE A C   
648 O O   . ILE A 82  ? 0.6667 0.3319 0.2506 0.1236  0.0784  -0.0654 1707 ILE A O   
649 C CB  . ILE A 82  ? 0.6620 0.3259 0.2519 0.1089  0.0857  -0.0684 1707 ILE A CB  
650 C CG1 . ILE A 82  ? 0.6623 0.3071 0.2467 0.1034  0.0883  -0.0592 1707 ILE A CG1 
651 C CG2 . ILE A 82  ? 0.7103 0.3843 0.3052 0.1011  0.0925  -0.0786 1707 ILE A CG2 
652 C CD1 . ILE A 82  ? 0.6690 0.3148 0.2544 0.0932  0.0966  -0.0661 1707 ILE A CD1 
653 N N   . GLU A 83  ? 0.6737 0.3541 0.2559 0.1364  0.0717  -0.0725 1708 GLU A N   
654 C CA  . GLU A 83  ? 0.6815 0.3782 0.2631 0.1474  0.0673  -0.0805 1708 GLU A CA  
655 C C   . GLU A 83  ? 0.6915 0.3625 0.2569 0.1551  0.0644  -0.0668 1708 GLU A C   
656 O O   . GLU A 83  ? 0.7646 0.4413 0.3314 0.1566  0.0641  -0.0694 1708 GLU A O   
657 C CB  . GLU A 83  ? 0.6924 0.4091 0.2724 0.1618  0.0608  -0.0905 1708 GLU A CB  
658 C CG  . GLU A 83  ? 0.7373 0.4923 0.3375 0.1529  0.0650  -0.1121 1708 GLU A CG  
659 C CD  . GLU A 83  ? 1.0366 0.8167 0.6360 0.1698  0.0570  -0.1240 1708 GLU A CD  
660 O OE1 . GLU A 83  ? 1.1168 0.8866 0.6981 0.1920  0.0468  -0.1164 1708 GLU A OE1 
661 O OE2 . GLU A 83  ? 1.1040 0.9124 0.7182 0.1615  0.0612  -0.1408 1708 GLU A OE2 
662 N N   . THR A 84  ? 0.7018 0.3442 0.2510 0.1579  0.0640  -0.0536 1709 THR A N   
663 C CA  . THR A 84  ? 0.7156 0.3318 0.2480 0.1607  0.0651  -0.0429 1709 THR A CA  
664 C C   . THR A 84  ? 0.7008 0.3137 0.2425 0.1473  0.0699  -0.0399 1709 THR A C   
665 O O   . THR A 84  ? 0.7341 0.3365 0.2685 0.1484  0.0710  -0.0361 1709 THR A O   
666 C CB  . THR A 84  ? 0.7355 0.3217 0.2472 0.1623  0.0678  -0.0333 1709 THR A CB  
667 O OG1 . THR A 84  ? 1.1299 0.7154 0.6524 0.1483  0.0722  -0.0320 1709 THR A OG1 
668 C CG2 . THR A 84  ? 0.7570 0.3413 0.2536 0.1794  0.0621  -0.0346 1709 THR A CG2 
669 N N   . SER A 85  ? 0.6843 0.3043 0.2393 0.1363  0.0729  -0.0415 1710 SER A N   
670 C CA  . SER A 85  ? 0.6749 0.2933 0.2361 0.1282  0.0758  -0.0396 1710 SER A CA  
671 C C   . SER A 85  ? 0.6728 0.3024 0.2390 0.1292  0.0757  -0.0447 1710 SER A C   
672 O O   . SER A 85  ? 0.7981 0.4220 0.3622 0.1286  0.0763  -0.0415 1710 SER A O   
673 C CB  . SER A 85  ? 0.6663 0.2865 0.2341 0.1206  0.0781  -0.0398 1710 SER A CB  
674 O OG  . SER A 85  ? 0.6668 0.2794 0.2322 0.1187  0.0784  -0.0366 1710 SER A OG  
675 N N   . GLU A 86  ? 0.6711 0.3200 0.2453 0.1294  0.0761  -0.0552 1711 GLU A N   
676 C CA  . GLU A 86  ? 0.6707 0.3353 0.2515 0.1284  0.0778  -0.0643 1711 GLU A CA  
677 C C   . GLU A 86  ? 0.7186 0.3845 0.2926 0.1404  0.0722  -0.0635 1711 GLU A C   
678 O O   . GLU A 86  ? 0.7061 0.3794 0.2831 0.1401  0.0730  -0.0676 1711 GLU A O   
679 C CB  . GLU A 86  ? 0.7426 0.4346 0.3355 0.1232  0.0817  -0.0818 1711 GLU A CB  
680 C CG  . GLU A 86  ? 1.2226 0.9080 0.8180 0.1097  0.0898  -0.0827 1711 GLU A CG  
681 C CD  . GLU A 86  ? 1.4088 1.1232 1.0164 0.1010  0.0966  -0.1038 1711 GLU A CD  
682 O OE1 . GLU A 86  ? 1.4169 1.1635 1.0345 0.1066  0.0934  -0.1196 1711 GLU A OE1 
683 O OE2 . GLU A 86  ? 1.3953 1.1010 1.0014 0.0885  0.1058  -0.1056 1711 GLU A OE2 
684 N N   . ARG A 87  ? 0.7499 0.4047 0.3110 0.1516  0.0673  -0.0578 1712 ARG A N   
685 C CA  . ARG A 87  ? 0.7072 0.3524 0.2532 0.1648  0.0629  -0.0538 1712 ARG A CA  
686 C C   . ARG A 87  ? 0.7320 0.3529 0.2698 0.1588  0.0667  -0.0427 1712 ARG A C   
687 O O   . ARG A 87  ? 0.7160 0.3340 0.2481 0.1640  0.0654  -0.0418 1712 ARG A O   
688 C CB  . ARG A 87  ? 0.7299 0.3620 0.2565 0.1796  0.0583  -0.0498 1712 ARG A CB  
689 C CG  . ARG A 87  ? 0.8641 0.4742 0.3650 0.1955  0.0551  -0.0429 1712 ARG A CG  
690 C CD  . ARG A 87  ? 0.8592 0.4765 0.3452 0.2188  0.0462  -0.0476 1712 ARG A CD  
691 N NE  . ARG A 87  ? 1.0375 0.6256 0.4905 0.2374  0.0431  -0.0389 1712 ARG A NE  
692 C CZ  . ARG A 87  ? 1.1010 0.7006 0.5532 0.2477  0.0383  -0.0431 1712 ARG A CZ  
693 N NH1 . ARG A 87  ? 1.0539 0.6948 0.5380 0.2389  0.0373  -0.0570 1712 ARG A NH1 
694 N NH2 . ARG A 87  ? 1.1234 0.6899 0.5399 0.2661  0.0361  -0.0335 1712 ARG A NH2 
695 N N   . VAL A 88  ? 0.8152 0.4223 0.3536 0.1481  0.0713  -0.0366 1713 VAL A N   
696 C CA  . VAL A 88  ? 0.8452 0.4388 0.3809 0.1408  0.0754  -0.0315 1713 VAL A CA  
697 C C   . VAL A 88  ? 0.8300 0.4361 0.3774 0.1374  0.0751  -0.0343 1713 VAL A C   
698 O O   . VAL A 88  ? 0.8098 0.4103 0.3531 0.1381  0.0758  -0.0323 1713 VAL A O   
699 C CB  . VAL A 88  ? 0.6980 0.2858 0.2373 0.1306  0.0795  -0.0302 1713 VAL A CB  
700 C CG1 . VAL A 88  ? 0.6906 0.2810 0.2369 0.1233  0.0822  -0.0317 1713 VAL A CG1 
701 C CG2 . VAL A 88  ? 0.7186 0.2859 0.2412 0.1307  0.0835  -0.0270 1713 VAL A CG2 
702 N N   . GLN A 89  ? 0.7450 0.3647 0.3041 0.1329  0.0756  -0.0390 1714 GLN A N   
703 C CA  . GLN A 89  ? 0.7706 0.3957 0.3357 0.1289  0.0777  -0.0413 1714 GLN A CA  
704 C C   . GLN A 89  ? 0.7753 0.4085 0.3403 0.1343  0.0760  -0.0454 1714 GLN A C   
705 O O   . GLN A 89  ? 0.7357 0.3648 0.2997 0.1335  0.0767  -0.0429 1714 GLN A O   
706 C CB  . GLN A 89  ? 0.7909 0.4234 0.3623 0.1225  0.0817  -0.0471 1714 GLN A CB  
707 C CG  . GLN A 89  ? 0.6703 0.2913 0.2385 0.1184  0.0836  -0.0419 1714 GLN A CG  
708 C CD  . GLN A 89  ? 0.6774 0.2962 0.2444 0.1115  0.0902  -0.0460 1714 GLN A CD  
709 O OE1 . GLN A 89  ? 0.7112 0.3404 0.2833 0.1074  0.0932  -0.0539 1714 GLN A OE1 
710 N NE2 . GLN A 89  ? 0.7444 0.3481 0.3019 0.1104  0.0936  -0.0416 1714 GLN A NE2 
711 N N   . LEU A 90  ? 0.7995 0.4472 0.3656 0.1414  0.0731  -0.0531 1715 LEU A N   
712 C CA  . LEU A 90  ? 0.8512 0.5127 0.4180 0.1489  0.0704  -0.0599 1715 LEU A CA  
713 C C   . LEU A 90  ? 0.8269 0.4680 0.3783 0.1571  0.0674  -0.0495 1715 LEU A C   
714 O O   . LEU A 90  ? 0.9555 0.5965 0.5072 0.1570  0.0678  -0.0491 1715 LEU A O   
715 C CB  . LEU A 90  ? 1.0210 0.7076 0.5917 0.1582  0.0662  -0.0730 1715 LEU A CB  
716 C CG  . LEU A 90  ? 1.2045 0.9252 0.7942 0.1485  0.0714  -0.0931 1715 LEU A CG  
717 C CD1 . LEU A 90  ? 1.2812 0.9922 0.8762 0.1316  0.0802  -0.0912 1715 LEU A CD1 
718 C CD2 . LEU A 90  ? 1.2073 0.9538 0.8004 0.1585  0.0664  -0.1061 1715 LEU A CD2 
719 N N   . LEU A 91  ? 0.8058 0.4266 0.3412 0.1630  0.0663  -0.0416 1716 LEU A N   
720 C CA  . LEU A 91  ? 0.7816 0.3769 0.2971 0.1681  0.0672  -0.0327 1716 LEU A CA  
721 C C   . LEU A 91  ? 0.7852 0.3726 0.3059 0.1556  0.0725  -0.0289 1716 LEU A C   
722 O O   . LEU A 91  ? 0.8782 0.4555 0.3904 0.1577  0.0737  -0.0260 1716 LEU A O   
723 C CB  . LEU A 91  ? 0.7548 0.3237 0.2488 0.1720  0.0694  -0.0258 1716 LEU A CB  
724 C CG  . LEU A 91  ? 0.7969 0.3638 0.2736 0.1917  0.0628  -0.0269 1716 LEU A CG  
725 C CD1 . LEU A 91  ? 0.8827 0.4133 0.3313 0.1943  0.0676  -0.0179 1716 LEU A CD1 
726 C CD2 . LEU A 91  ? 0.8826 0.4504 0.3470 0.2082  0.0571  -0.0280 1716 LEU A CD2 
727 N N   . HIS A 92  ? 0.7410 0.3344 0.2750 0.1443  0.0753  -0.0299 1717 HIS A N   
728 C CA  . HIS A 92  ? 0.8851 0.4775 0.4252 0.1361  0.0784  -0.0293 1717 HIS A CA  
729 C C   . HIS A 92  ? 0.9449 0.5481 0.4925 0.1372  0.0766  -0.0313 1717 HIS A C   
730 O O   . HIS A 92  ? 0.9775 0.5778 0.5251 0.1351  0.0778  -0.0302 1717 HIS A O   
731 C CB  . HIS A 92  ? 1.0123 0.6100 0.5617 0.1287  0.0799  -0.0312 1717 HIS A CB  
732 C CG  . HIS A 92  ? 1.0729 0.6756 0.6289 0.1243  0.0811  -0.0340 1717 HIS A CG  
733 N ND1 . HIS A 92  ? 1.0037 0.6128 0.5642 0.1263  0.0790  -0.0341 1717 HIS A ND1 
734 C CD2 . HIS A 92  ? 1.0887 0.6928 0.6471 0.1187  0.0845  -0.0394 1717 HIS A CD2 
735 C CE1 . HIS A 92  ? 1.0354 0.6500 0.5999 0.1253  0.0790  -0.0381 1717 HIS A CE1 
736 N NE2 . HIS A 92  ? 1.0631 0.6789 0.6291 0.1200  0.0823  -0.0435 1717 HIS A NE2 
737 N N   . SER A 93  ? 0.9542 0.5710 0.5085 0.1390  0.0752  -0.0362 1718 SER A N   
738 C CA  . SER A 93  ? 0.9694 0.5954 0.5296 0.1377  0.0761  -0.0403 1718 SER A CA  
739 C C   . SER A 93  ? 1.0468 0.6786 0.6037 0.1459  0.0731  -0.0433 1718 SER A C   
740 O O   . SER A 93  ? 1.1310 0.7674 0.6911 0.1446  0.0740  -0.0453 1718 SER A O   
741 C CB  . SER A 93  ? 0.9901 0.6286 0.5587 0.1318  0.0798  -0.0487 1718 SER A CB  
742 O OG  . SER A 93  ? 1.1241 0.7517 0.6909 0.1258  0.0830  -0.0444 1718 SER A OG  
743 N N   . GLN A 94  ? 1.0271 0.6578 0.5751 0.1561  0.0691  -0.0433 1719 GLN A N   
744 C CA  . GLN A 94  ? 0.9557 0.5839 0.4928 0.1679  0.0652  -0.0428 1719 GLN A CA  
745 C C   . GLN A 94  ? 0.9917 0.5933 0.5150 0.1657  0.0682  -0.0322 1719 GLN A C   
746 O O   . GLN A 94  ? 0.9562 0.5558 0.4764 0.1683  0.0679  -0.0312 1719 GLN A O   
747 C CB  . GLN A 94  ? 0.9077 0.5371 0.4322 0.1836  0.0595  -0.0451 1719 GLN A CB  
748 C CG  . GLN A 94  ? 0.9596 0.6242 0.4999 0.1864  0.0564  -0.0607 1719 GLN A CG  
749 C CD  . GLN A 94  ? 1.2124 0.8809 0.7385 0.2067  0.0483  -0.0635 1719 GLN A CD  
750 O OE1 . GLN A 94  ? 1.3657 1.0068 0.8652 0.2213  0.0449  -0.0530 1719 GLN A OE1 
751 N NE2 . GLN A 94  ? 1.1860 0.8861 0.7262 0.2082  0.0462  -0.0782 1719 GLN A NE2 
752 N N   . ASN A 95  ? 1.1359 0.7197 0.6523 0.1592  0.0725  -0.0266 1720 ASN A N   
753 C CA  . ASN A 95  ? 1.2018 0.7670 0.7103 0.1518  0.0787  -0.0222 1720 ASN A CA  
754 C C   . ASN A 95  ? 1.2803 0.8581 0.8043 0.1442  0.0793  -0.0248 1720 ASN A C   
755 O O   . ASN A 95  ? 1.3197 0.8895 0.8397 0.1408  0.0827  -0.0240 1720 ASN A O   
756 C CB  . ASN A 95  ? 1.2184 0.7714 0.7228 0.1428  0.0849  -0.0217 1720 ASN A CB  
757 C CG  . ASN A 95  ? 1.2883 0.8098 0.7676 0.1415  0.0929  -0.0178 1720 ASN A CG  
758 O OD1 . ASN A 95  ? 1.2415 0.7424 0.6970 0.1530  0.0921  -0.0124 1720 ASN A OD1 
759 N ND2 . ASN A 95  ? 1.3134 0.8303 0.7957 0.1277  0.1017  -0.0222 1720 ASN A ND2 
760 N N   . THR A 96  ? 1.3375 0.9325 0.8766 0.1418  0.0770  -0.0280 1721 THR A N   
761 C CA  . THR A 96  ? 1.3390 0.9411 0.8868 0.1383  0.0772  -0.0292 1721 THR A CA  
762 C C   . THR A 96  ? 1.3255 0.9311 0.8722 0.1431  0.0756  -0.0298 1721 THR A C   
763 O O   . THR A 96  ? 1.2466 0.8493 0.7926 0.1421  0.0762  -0.0284 1721 THR A O   
764 C CB  . THR A 96  ? 1.3545 0.9640 0.9100 0.1352  0.0774  -0.0312 1721 THR A CB  
765 O OG1 . THR A 96  ? 1.4289 1.0372 0.9860 0.1321  0.0779  -0.0314 1721 THR A OG1 
766 C CG2 . THR A 96  ? 1.3403 0.9508 0.8972 0.1346  0.0783  -0.0315 1721 THR A CG2 
767 N N   . SER A 97  ? 1.3830 0.9993 0.9314 0.1482  0.0734  -0.0344 1722 SER A N   
768 C CA  . SER A 97  ? 1.3091 0.9362 0.8599 0.1524  0.0719  -0.0392 1722 SER A CA  
769 C C   . SER A 97  ? 1.4558 1.0723 0.9927 0.1624  0.0688  -0.0350 1722 SER A C   
770 O O   . SER A 97  ? 1.5469 1.1730 1.0840 0.1689  0.0661  -0.0392 1722 SER A O   
771 C CB  . SER A 97  ? 1.3062 0.9570 0.8668 0.1535  0.0715  -0.0519 1722 SER A CB  
772 O OG  . SER A 97  ? 1.4145 1.0695 0.9838 0.1420  0.0775  -0.0562 1722 SER A OG  
773 N N   . LEU A 98  ? 1.4318 1.0267 0.9545 0.1629  0.0705  -0.0276 1723 LEU A N   
774 C CA  . LEU A 98  ? 1.3658 0.9397 0.8677 0.1706  0.0711  -0.0221 1723 LEU A CA  
775 C C   . LEU A 98  ? 1.4234 0.9816 0.9216 0.1603  0.0778  -0.0184 1723 LEU A C   
776 O O   . LEU A 98  ? 1.5413 1.0839 1.0246 0.1644  0.0796  -0.0150 1723 LEU A O   
777 C CB  . LEU A 98  ? 1.3089 0.8633 0.7892 0.1794  0.0710  -0.0182 1723 LEU A CB  
778 C CG  . LEU A 98  ? 1.2254 0.7970 0.7045 0.1960  0.0623  -0.0239 1723 LEU A CG  
779 C CD1 . LEU A 98  ? 1.1413 0.6840 0.5874 0.2119  0.0610  -0.0172 1723 LEU A CD1 
780 C CD2 . LEU A 98  ? 1.1893 0.7862 0.6790 0.2039  0.0564  -0.0320 1723 LEU A CD2 
781 N N   . ILE A 99  ? 1.4017 0.9660 0.9132 0.1481  0.0816  -0.0210 1724 ILE A N   
782 C CA  . ILE A 99  ? 1.5173 1.0816 1.0340 0.1393  0.0862  -0.0236 1724 ILE A CA  
783 C C   . ILE A 99  ? 1.6618 1.2392 1.1883 0.1421  0.0819  -0.0241 1724 ILE A C   
784 O O   . ILE A 99  ? 1.7306 1.3079 1.2589 0.1384  0.0844  -0.0258 1724 ILE A O   
785 C CB  . ILE A 99  ? 1.5064 1.0814 1.0364 0.1293  0.0892  -0.0303 1724 ILE A CB  
786 C CG1 . ILE A 99  ? 1.4483 1.0110 0.9695 0.1253  0.0941  -0.0307 1724 ILE A CG1 
787 C CG2 . ILE A 99  ? 1.4595 1.0407 0.9962 0.1210  0.0942  -0.0386 1724 ILE A CG2 
788 C CD1 . ILE A 99  ? 1.4358 0.9729 0.9375 0.1194  0.1042  -0.0307 1724 ILE A CD1 
789 N N   . ASN A 100 ? 1.6884 1.2780 1.2214 0.1475  0.0770  -0.0243 1725 ASN A N   
790 C CA  . ASN A 100 ? 1.7335 1.3321 1.2720 0.1498  0.0749  -0.0256 1725 ASN A CA  
791 C C   . ASN A 100 ? 1.8221 1.4156 1.3506 0.1577  0.0731  -0.0241 1725 ASN A C   
792 O O   . ASN A 100 ? 1.7850 1.3881 1.3185 0.1599  0.0715  -0.0266 1725 ASN A O   
793 C CB  . ASN A 100 ? 1.6952 1.3081 1.2428 0.1494  0.0741  -0.0306 1725 ASN A CB  
794 C CG  . ASN A 100 ? 1.6745 1.2870 1.2270 0.1431  0.0763  -0.0305 1725 ASN A CG  
795 O OD1 . ASN A 100 ? 1.6270 1.2346 1.1791 0.1411  0.0767  -0.0282 1725 ASN A OD1 
796 N ND2 . ASN A 100 ? 1.6402 1.2597 1.1970 0.1404  0.0783  -0.0353 1725 ASN A ND2 
797 N N   . GLN A 101 ? 1.8805 1.4559 1.3914 0.1626  0.0743  -0.0202 1726 GLN A N   
798 C CA  . GLN A 101 ? 1.9401 1.5033 1.4343 0.1726  0.0729  -0.0170 1726 GLN A CA  
799 C C   . GLN A 101 ? 2.0397 1.5751 1.5164 0.1669  0.0809  -0.0121 1726 GLN A C   
800 O O   . GLN A 101 ? 2.1654 1.6891 1.6298 0.1717  0.0815  -0.0092 1726 GLN A O   
801 C CB  . GLN A 101 ? 1.9321 1.4929 1.4116 0.1887  0.0673  -0.0173 1726 GLN A CB  
802 C CG  . GLN A 101 ? 1.9046 1.4942 1.4021 0.1905  0.0624  -0.0261 1726 GLN A CG  
803 C CD  . GLN A 101 ? 1.8400 1.4596 1.3586 0.1882  0.0603  -0.0362 1726 GLN A CD  
804 O OE1 . GLN A 101 ? 1.7855 1.4064 1.3035 0.1904  0.0596  -0.0361 1726 GLN A OE1 
805 N NE2 . GLN A 101 ? 1.8249 1.4674 1.3608 0.1820  0.0611  -0.0458 1726 GLN A NE2 
806 N N   . LYS A 102 ? 2.0318 1.5574 1.5075 0.1554  0.0883  -0.0131 1727 LYS A N   
807 C CA  . LYS A 102 ? 1.9755 1.4781 1.4376 0.1449  0.0996  -0.0137 1727 LYS A CA  
808 C C   . LYS A 102 ? 1.9995 1.5213 1.4826 0.1340  0.1018  -0.0213 1727 LYS A C   
809 O O   . LYS A 102 ? 2.1032 1.6132 1.5780 0.1294  0.1081  -0.0225 1727 LYS A O   
810 C CB  . LYS A 102 ? 1.8202 1.3080 1.2743 0.1353  0.1085  -0.0159 1727 LYS A CB  
811 C CG  . LYS A 102 ? 1.6992 1.1730 1.1482 0.1176  0.1234  -0.0233 1727 LYS A CG  
812 C CD  . LYS A 102 ? 1.6453 1.0879 1.0710 0.1101  0.1355  -0.0226 1727 LYS A CD  
813 C CE  . LYS A 102 ? 1.6624 1.0594 1.0448 0.1247  0.1376  -0.0086 1727 LYS A CE  
814 N NZ  . LYS A 102 ? 1.6995 1.0553 1.0507 0.1168  0.1526  -0.0063 1727 LYS A NZ  
815 N N   . LYS A 103 ? 1.9479 1.4974 1.4553 0.1312  0.0967  -0.0269 1728 LYS A N   
816 C CA  . LYS A 103 ? 1.8910 1.4601 1.4155 0.1269  0.0957  -0.0339 1728 LYS A CA  
817 C C   . LYS A 103 ? 1.9985 1.5723 1.5246 0.1357  0.0889  -0.0283 1728 LYS A C   
818 O O   . LYS A 103 ? 1.9049 1.4890 1.4395 0.1341  0.0885  -0.0323 1728 LYS A O   
819 C CB  . LYS A 103 ? 1.7638 1.3559 1.3067 0.1245  0.0925  -0.0415 1728 LYS A CB  
820 C CG  . LYS A 103 ? 1.7348 1.3303 1.2812 0.1145  0.0992  -0.0515 1728 LYS A CG  
821 C CD  . LYS A 103 ? 1.6801 1.3017 1.2439 0.1157  0.0943  -0.0605 1728 LYS A CD  
822 C CE  . LYS A 103 ? 1.6130 1.2447 1.1835 0.1051  0.1013  -0.0745 1728 LYS A CE  
823 N NZ  . LYS A 103 ? 1.5613 1.2217 1.1479 0.1090  0.0953  -0.0854 1728 LYS A NZ  
824 N N   . LYS A 104 ? 2.0748 1.6447 1.5939 0.1451  0.0839  -0.0218 1729 LYS A N   
825 C CA  . LYS A 104 ? 2.0853 1.6622 1.6069 0.1518  0.0791  -0.0198 1729 LYS A CA  
826 C C   . LYS A 104 ? 2.1862 1.7495 1.6953 0.1541  0.0814  -0.0173 1729 LYS A C   
827 O O   . LYS A 104 ? 2.2231 1.7933 1.7379 0.1547  0.0797  -0.0176 1729 LYS A O   
828 C CB  . LYS A 104 ? 1.9808 1.5653 1.5021 0.1603  0.0740  -0.0200 1729 LYS A CB  
829 C CG  . LYS A 104 ? 1.8327 1.4254 1.3540 0.1681  0.0702  -0.0218 1729 LYS A CG  
830 C CD  . LYS A 104 ? 1.7001 1.3118 1.2277 0.1744  0.0663  -0.0292 1729 LYS A CD  
831 C CE  . LYS A 104 ? 1.5681 1.1924 1.0946 0.1847  0.0620  -0.0347 1729 LYS A CE  
832 N NZ  . LYS A 104 ? 1.5157 1.1206 1.0192 0.1984  0.0586  -0.0280 1729 LYS A NZ  
833 N N   . MET A 105 ? 2.2221 1.7621 1.7108 0.1553  0.0863  -0.0140 1730 MET A N   
834 C CA  . MET A 105 ? 2.2307 1.7502 1.7014 0.1572  0.0905  -0.0106 1730 MET A CA  
835 C C   . MET A 105 ? 2.2136 1.7354 1.6933 0.1426  0.0986  -0.0171 1730 MET A C   
836 O O   . MET A 105 ? 2.2404 1.7615 1.7238 0.1305  0.1064  -0.0242 1730 MET A O   
837 C CB  . MET A 105 ? 2.2664 1.7515 1.7047 0.1633  0.0956  -0.0044 1730 MET A CB  
838 C CG  . MET A 105 ? 2.3068 1.7946 1.7377 0.1793  0.0868  -0.0015 1730 MET A CG  
839 S SD  . MET A 105 ? 2.3159 1.8382 1.7644 0.1939  0.0731  -0.0056 1730 MET A SD  
840 C CE  . MET A 105 ? 2.3511 1.8779 1.7889 0.2120  0.0650  -0.0073 1730 MET A CE  
841 N N   . ASP A 106 ? 2.1726 1.7009 1.6572 0.1438  0.0968  -0.0175 1731 ASP A N   
842 C CA  . ASP A 106 ? 2.0271 1.5651 1.5236 0.1322  0.1027  -0.0266 1731 ASP A CA  
843 C C   . ASP A 106 ? 1.9600 1.5262 1.4806 0.1263  0.1005  -0.0370 1731 ASP A C   
844 O O   . ASP A 106 ? 1.9119 1.4946 1.4452 0.1180  0.1045  -0.0498 1731 ASP A O   
845 C CB  . ASP A 106 ? 1.9668 1.4794 1.4454 0.1207  0.1169  -0.0305 1731 ASP A CB  
846 C CG  . ASP A 106 ? 1.8984 1.3836 1.3530 0.1262  0.1199  -0.0222 1731 ASP A CG  
847 O OD1 . ASP A 106 ? 1.8446 1.3309 1.2949 0.1416  0.1095  -0.0132 1731 ASP A OD1 
848 O OD2 . ASP A 106 ? 1.8879 1.3515 1.3277 0.1145  0.1334  -0.0263 1731 ASP A OD2 
# 
loop_
_pdbx_poly_seq_scheme.asym_id 
_pdbx_poly_seq_scheme.entity_id 
_pdbx_poly_seq_scheme.seq_id 
_pdbx_poly_seq_scheme.mon_id 
_pdbx_poly_seq_scheme.ndb_seq_num 
_pdbx_poly_seq_scheme.pdb_seq_num 
_pdbx_poly_seq_scheme.auth_seq_num 
_pdbx_poly_seq_scheme.pdb_mon_id 
_pdbx_poly_seq_scheme.auth_mon_id 
_pdbx_poly_seq_scheme.pdb_strand_id 
_pdbx_poly_seq_scheme.pdb_ins_code 
_pdbx_poly_seq_scheme.hetero 
A 1 1   GLY 1   -2   ?    ?   ?   A . n 
A 1 2   GLY 2   -1   ?    ?   ?   A . n 
A 1 3   SER 3   0    0    SER SER A . n 
A 1 4   GLY 4   1    1    GLY GLY A . n 
A 1 5   PRO 5   2    2    PRO PRO A . n 
A 1 6   LEU 6   3    3    LEU LEU A . n 
A 1 7   LYS 7   4    4    LYS LYS A . n 
A 1 8   PRO 8   5    5    PRO PRO A . n 
A 1 9   GLU 9   6    6    GLU GLU A . n 
A 1 10  GLU 10  7    7    GLU GLU A . n 
A 1 11  HIS 11  8    8    HIS HIS A . n 
A 1 12  GLU 12  9    9    GLU GLU A . n 
A 1 13  ASP 13  10   10   ASP ASP A . n 
A 1 14  ILE 14  11   11   ILE ILE A . n 
A 1 15  LEU 15  12   12   LEU LEU A . n 
A 1 16  ASN 16  13   13   ASN ASN A . n 
A 1 17  LYS 17  14   14   LYS LYS A . n 
A 1 18  LEU 18  15   15   LEU LEU A . n 
A 1 19  LEU 19  16   16   LEU LEU A . n 
A 1 20  ASP 20  17   17   ASP ASP A . n 
A 1 21  PRO 21  18   18   PRO PRO A . n 
A 1 22  GLU 22  19   19   GLU GLU A . n 
A 1 23  LEU 23  20   20   LEU LEU A . n 
A 1 24  ALA 24  21   21   ALA ALA A . n 
A 1 25  GLN 25  22   22   GLN GLN A . n 
A 1 26  SER 26  23   23   SER SER A . n 
A 1 27  GLU 27  24   24   GLU GLU A . n 
A 1 28  ARG 28  25   25   ARG ARG A . n 
A 1 29  THR 29  26   26   THR THR A . n 
A 1 30  GLU 30  27   27   GLU GLU A . n 
A 1 31  ALA 31  28   28   ALA ALA A . n 
A 1 32  LEU 32  29   29   LEU LEU A . n 
A 1 33  GLN 33  30   30   GLN GLN A . n 
A 1 34  GLN 34  31   31   GLN GLN A . n 
A 1 35  LEU 35  32   32   LEU LEU A . n 
A 1 36  ARG 36  33   33   ARG ARG A . n 
A 1 37  VAL 37  34   34   VAL VAL A . n 
A 1 38  ASN 38  35   35   ASN ASN A . n 
A 1 39  TYR 39  36   36   TYR TYR A . n 
A 1 40  GLY 40  37   37   GLY GLY A . n 
A 1 41  SER 41  38   38   SER SER A . n 
A 1 42  PHE 42  39   39   PHE PHE A . n 
A 1 43  VAL 43  40   40   VAL VAL A . n 
A 1 44  SER 44  41   41   SER SER A . n 
A 1 45  GLU 45  42   42   GLU GLU A . n 
A 1 46  TYR 46  43   43   TYR TYR A . n 
A 1 47  ASN 47  44   44   ASN ASN A . n 
A 1 48  ASP 48  45   45   ASP ASP A . n 
A 1 49  LEU 49  46   46   LEU LEU A . n 
A 1 50  THR 50  47   47   THR THR A . n 
A 1 51  LYS 51  48   48   LYS LYS A . n 
A 1 52  ARG 52  1677 1677 ARG ARG A . n 
A 1 53  ASN 53  1678 1678 ASN ASN A . n 
A 1 54  ASN 54  1679 1679 ASN ASN A . n 
A 1 55  LEU 55  1680 1680 LEU LEU A . n 
A 1 56  LEU 56  1681 1681 LEU LEU A . n 
A 1 57  GLN 57  1682 1682 GLN GLN A . n 
A 1 58  ALA 58  1683 1683 ALA ALA A . n 
A 1 59  GLU 59  1684 1684 GLU GLU A . n 
A 1 60  LEU 60  1685 1685 LEU LEU A . n 
A 1 61  GLU 61  1686 1686 GLU GLU A . n 
A 1 62  GLU 62  1687 1687 GLU GLU A . n 
A 1 63  LEU 63  1688 1688 LEU LEU A . n 
A 1 64  ARG 64  1689 1689 ARG ARG A . n 
A 1 65  ALA 65  1690 1690 ALA ALA A . n 
A 1 66  VAL 66  1691 1691 VAL VAL A . n 
A 1 67  VAL 67  1692 1692 VAL VAL A . n 
A 1 68  GLU 68  1693 1693 GLU GLU A . n 
A 1 69  GLN 69  1694 1694 GLN GLN A . n 
A 1 70  THR 70  1695 1695 THR THR A . n 
A 1 71  GLU 71  1696 1696 GLU GLU A . n 
A 1 72  ARG 72  1697 1697 ARG ARG A . n 
A 1 73  SER 73  1698 1698 SER SER A . n 
A 1 74  ARG 74  1699 1699 ARG ARG A . n 
A 1 75  LYS 75  1700 1700 LYS LYS A . n 
A 1 76  LEU 76  1701 1701 LEU LEU A . n 
A 1 77  ALA 77  1702 1702 ALA ALA A . n 
A 1 78  GLU 78  1703 1703 GLU GLU A . n 
A 1 79  GLN 79  1704 1704 GLN GLN A . n 
A 1 80  GLU 80  1705 1705 GLU GLU A . n 
A 1 81  LEU 81  1706 1706 LEU LEU A . n 
A 1 82  ILE 82  1707 1707 ILE ILE A . n 
A 1 83  GLU 83  1708 1708 GLU GLU A . n 
A 1 84  THR 84  1709 1709 THR THR A . n 
A 1 85  SER 85  1710 1710 SER SER A . n 
A 1 86  GLU 86  1711 1711 GLU GLU A . n 
A 1 87  ARG 87  1712 1712 ARG ARG A . n 
A 1 88  VAL 88  1713 1713 VAL VAL A . n 
A 1 89  GLN 89  1714 1714 GLN GLN A . n 
A 1 90  LEU 90  1715 1715 LEU LEU A . n 
A 1 91  LEU 91  1716 1716 LEU LEU A . n 
A 1 92  HIS 92  1717 1717 HIS HIS A . n 
A 1 93  SER 93  1718 1718 SER SER A . n 
A 1 94  GLN 94  1719 1719 GLN GLN A . n 
A 1 95  ASN 95  1720 1720 ASN ASN A . n 
A 1 96  THR 96  1721 1721 THR THR A . n 
A 1 97  SER 97  1722 1722 SER SER A . n 
A 1 98  LEU 98  1723 1723 LEU LEU A . n 
A 1 99  ILE 99  1724 1724 ILE ILE A . n 
A 1 100 ASN 100 1725 1725 ASN ASN A . n 
A 1 101 GLN 101 1726 1726 GLN GLN A . n 
A 1 102 LYS 102 1727 1727 LYS LYS A . n 
A 1 103 LYS 103 1728 1728 LYS LYS A . n 
A 1 104 LYS 104 1729 1729 LYS LYS A . n 
A 1 105 MET 105 1730 1730 MET MET A . n 
A 1 106 ASP 106 1731 1731 ASP ASP A . n 
A 1 107 ALA 107 1732 ?    ?   ?   A . n 
A 1 108 ASP 108 1733 ?    ?   ?   A . n 
A 1 109 LEU 109 1734 ?    ?   ?   A . n 
A 1 110 SER 110 1735 ?    ?   ?   A . n 
A 1 111 GLN 111 1736 ?    ?   ?   A . n 
A 1 112 LEU 112 1737 ?    ?   ?   A . n 
A 1 113 GLN 113 1738 ?    ?   ?   A . n 
A 1 114 THR 114 1739 ?    ?   ?   A . n 
A 1 115 GLU 115 1740 ?    ?   ?   A . n 
A 1 116 VAL 116 1741 ?    ?   ?   A . n 
A 1 117 GLU 117 1742 ?    ?   ?   A . n 
A 1 118 GLU 118 1743 ?    ?   ?   A . n 
A 1 119 ALA 119 1744 ?    ?   ?   A . n 
A 1 120 VAL 120 1745 ?    ?   ?   A . n 
A 1 121 GLN 121 1746 ?    ?   ?   A . n 
A 1 122 GLU 122 1747 ?    ?   ?   A . n 
A 1 123 CYS 123 1748 ?    ?   ?   A . n 
A 1 124 ARG 124 1749 ?    ?   ?   A . n 
A 1 125 ASN 125 1750 ?    ?   ?   A . n 
A 1 126 ALA 126 1751 ?    ?   ?   A . n 
A 1 127 GLU 127 1752 ?    ?   ?   A . n 
A 1 128 GLU 128 1753 ?    ?   ?   A . n 
A 1 129 LYS 129 1754 ?    ?   ?   A . n 
A 1 130 ALA 130 1755 ?    ?   ?   A . n 
A 1 131 GLU 131 1756 ?    ?   ?   A . n 
A 1 132 ASP 132 1757 ?    ?   ?   A . n 
A 1 133 LEU 133 1758 ?    ?   ?   A . n 
A 1 134 GLU 134 1759 ?    ?   ?   A . n 
A 1 135 LYS 135 1760 ?    ?   ?   A . n 
A 1 136 GLU 136 1761 ?    ?   ?   A . n 
A 1 137 ARG 137 1762 ?    ?   ?   A . n 
A 1 138 ASP 138 1763 ?    ?   ?   A . n 
A 1 139 PHE 139 1764 ?    ?   ?   A . n 
A 1 140 TYR 140 1765 ?    ?   ?   A . n 
A 1 141 PHE 141 1766 ?    ?   ?   A . n 
A 1 142 GLY 142 1767 ?    ?   ?   A . n 
A 1 143 LYS 143 1768 ?    ?   ?   A . n 
A 1 144 LEU 144 1769 ?    ?   ?   A . n 
A 1 145 ARG 145 1770 ?    ?   ?   A . n 
A 1 146 ASN 146 1771 ?    ?   ?   A . n 
A 1 147 ILE 147 1772 ?    ?   ?   A . n 
A 1 148 GLU 148 1773 ?    ?   ?   A . n 
A 1 149 LEU 149 1774 ?    ?   ?   A . n 
A 1 150 ILE 150 1775 ?    ?   ?   A . n 
A 1 151 CYS 151 1776 ?    ?   ?   A . n 
A 1 152 GLN 152 1777 ?    ?   ?   A . n 
A 1 153 GLU 153 1778 ?    ?   ?   A . n 
A 1 154 ASN 154 1779 ?    ?   ?   A . n 
A 1 155 GLU 155 1780 ?    ?   ?   A . n 
A 1 156 GLY 156 1781 ?    ?   ?   A . n 
A 1 157 GLU 157 1782 ?    ?   ?   A . n 
A 1 158 ASN 158 1783 ?    ?   ?   A . n 
A 1 159 ASP 159 1784 ?    ?   ?   A . n 
A 1 160 PRO 160 1785 ?    ?   ?   A . n 
A 1 161 VAL 161 1786 ?    ?   ?   A . n 
A 1 162 LEU 162 1787 ?    ?   ?   A . n 
A 1 163 GLN 163 1788 ?    ?   ?   A . n 
A 1 164 ARG 164 1789 ?    ?   ?   A . n 
A 1 165 ILE 165 1790 ?    ?   ?   A . n 
A 1 166 VAL 166 1791 ?    ?   ?   A . n 
A 1 167 ASP 167 1792 ?    ?   ?   A . n 
A 1 168 ILE 168 1793 ?    ?   ?   A . n 
A 1 169 LEU 169 1794 ?    ?   ?   A . n 
A 1 170 TYR 170 1795 ?    ?   ?   A . n 
A 1 171 ALA 171 1796 ?    ?   ?   A . n 
A 1 172 THR 172 1797 ?    ?   ?   A . n 
A 1 173 ASP 173 1798 ?    ?   ?   A . n 
A 1 174 GLU 174 1799 ?    ?   ?   A . n 
A 1 175 GLY 175 1800 ?    ?   ?   A . n 
A 1 176 PHE 176 1801 ?    ?   ?   A . n 
A 1 177 VAL 177 1802 ?    ?   ?   A . n 
A 1 178 ILE 178 1803 ?    ?   ?   A . n 
A 1 179 PRO 179 1804 ?    ?   ?   A . n 
A 1 180 ASP 180 1805 ?    ?   ?   A . n 
# 
loop_
_pdbx_nonpoly_scheme.asym_id 
_pdbx_nonpoly_scheme.entity_id 
_pdbx_nonpoly_scheme.mon_id 
_pdbx_nonpoly_scheme.ndb_seq_num 
_pdbx_nonpoly_scheme.pdb_seq_num 
_pdbx_nonpoly_scheme.auth_seq_num 
_pdbx_nonpoly_scheme.pdb_mon_id 
_pdbx_nonpoly_scheme.auth_mon_id 
_pdbx_nonpoly_scheme.pdb_strand_id 
_pdbx_nonpoly_scheme.pdb_ins_code 
B 2 SO4 1 1901 1  SO4 SO4 A . 
C 3 TMO 1 1902 1  TMO TMO A . 
D 3 TMO 1 1903 2  TMO TMO A . 
E 3 TMO 1 1904 3  TMO TMO A . 
F 3 TMO 1 1905 4  TMO TMO A . 
G 4 HOH 1 2001 12 HOH HOH A . 
G 4 HOH 2 2002 11 HOH HOH A . 
G 4 HOH 3 2003 2  HOH HOH A . 
G 4 HOH 4 2004 6  HOH HOH A . 
G 4 HOH 5 2005 3  HOH HOH A . 
G 4 HOH 6 2006 5  HOH HOH A . 
G 4 HOH 7 2007 4  HOH HOH A . 
G 4 HOH 8 2008 13 HOH HOH A . 
# 
_pdbx_struct_assembly.id                   1 
_pdbx_struct_assembly.details              author_and_software_defined_assembly 
_pdbx_struct_assembly.method_details       PISA 
_pdbx_struct_assembly.oligomeric_details   dimeric 
_pdbx_struct_assembly.oligomeric_count     2 
# 
_pdbx_struct_assembly_gen.assembly_id       1 
_pdbx_struct_assembly_gen.oper_expression   1,2 
_pdbx_struct_assembly_gen.asym_id_list      A,B,C,D,E,F,G 
# 
loop_
_pdbx_struct_assembly_prop.biol_id 
_pdbx_struct_assembly_prop.type 
_pdbx_struct_assembly_prop.value 
_pdbx_struct_assembly_prop.details 
1 'ABSA (A^2)' 5630  ? 
1 MORE         -59   ? 
1 'SSA (A^2)'  13890 ? 
# 
loop_
_pdbx_struct_oper_list.id 
_pdbx_struct_oper_list.type 
_pdbx_struct_oper_list.name 
_pdbx_struct_oper_list.symmetry_operation 
_pdbx_struct_oper_list.matrix[1][1] 
_pdbx_struct_oper_list.matrix[1][2] 
_pdbx_struct_oper_list.matrix[1][3] 
_pdbx_struct_oper_list.vector[1] 
_pdbx_struct_oper_list.matrix[2][1] 
_pdbx_struct_oper_list.matrix[2][2] 
_pdbx_struct_oper_list.matrix[2][3] 
_pdbx_struct_oper_list.vector[2] 
_pdbx_struct_oper_list.matrix[3][1] 
_pdbx_struct_oper_list.matrix[3][2] 
_pdbx_struct_oper_list.matrix[3][3] 
_pdbx_struct_oper_list.vector[3] 
1 'identity operation'         1_555  x,y,z          1.0000000000  0.0000000000  0.0000000000  0.0000000000 0.0000000000  1.0000000000  0.0000000000 0.0000000000 0.0000000000  0.0000000000 1.0000000000 0.0000000000  
2 'crystal symmetry operation' 12_565 x,x-y+1,-z+1/6 -0.8107639237 -0.3679563631 -0.4552691237 0.7535080309 -0.3679563631 -0.2845344941 0.8852390844 1.6044504410 -0.4552691237 0.8852390844 0.0952984177 -0.9835431882 
# 
loop_
_pdbx_audit_revision_history.ordinal 
_pdbx_audit_revision_history.data_content_type 
_pdbx_audit_revision_history.major_revision 
_pdbx_audit_revision_history.minor_revision 
_pdbx_audit_revision_history.revision_date 
1 'Structure model' 1 0 2017-08-09 
2 'Structure model' 1 1 2017-09-27 
3 'Structure model' 1 2 2017-12-27 
4 'Structure model' 1 3 2019-12-04 
5 'Structure model' 1 4 2023-10-04 
# 
_pdbx_audit_revision_details.ordinal             1 
_pdbx_audit_revision_details.revision_ordinal    1 
_pdbx_audit_revision_details.data_content_type   'Structure model' 
_pdbx_audit_revision_details.provider            repository 
_pdbx_audit_revision_details.type                'Initial release' 
_pdbx_audit_revision_details.description         ? 
_pdbx_audit_revision_details.details             ? 
# 
loop_
_pdbx_audit_revision_group.ordinal 
_pdbx_audit_revision_group.revision_ordinal 
_pdbx_audit_revision_group.data_content_type 
_pdbx_audit_revision_group.group 
1 2 'Structure model' 'Author supporting evidence' 
2 3 'Structure model' 'Database references'        
3 4 'Structure model' 'Author supporting evidence' 
4 5 'Structure model' 'Data collection'            
5 5 'Structure model' 'Database references'        
6 5 'Structure model' 'Refinement description'     
# 
loop_
_pdbx_audit_revision_category.ordinal 
_pdbx_audit_revision_category.revision_ordinal 
_pdbx_audit_revision_category.data_content_type 
_pdbx_audit_revision_category.category 
1 2 'Structure model' pdbx_audit_support            
2 3 'Structure model' citation                      
3 4 'Structure model' pdbx_audit_support            
4 5 'Structure model' chem_comp_atom                
5 5 'Structure model' chem_comp_bond                
6 5 'Structure model' database_2                    
7 5 'Structure model' pdbx_initial_refinement_model 
# 
loop_
_pdbx_audit_revision_item.ordinal 
_pdbx_audit_revision_item.revision_ordinal 
_pdbx_audit_revision_item.data_content_type 
_pdbx_audit_revision_item.item 
1 2 'Structure model' '_pdbx_audit_support.funding_organization' 
2 3 'Structure model' '_citation.journal_volume'                 
3 3 'Structure model' '_citation.page_first'                     
4 3 'Structure model' '_citation.page_last'                      
5 3 'Structure model' '_citation.title'                          
6 4 'Structure model' '_pdbx_audit_support.funding_organization' 
7 5 'Structure model' '_database_2.pdbx_DOI'                     
8 5 'Structure model' '_database_2.pdbx_database_accession'      
# 
loop_
_pdbx_refine_tls.pdbx_refine_id 
_pdbx_refine_tls.id 
_pdbx_refine_tls.details 
_pdbx_refine_tls.method 
_pdbx_refine_tls.origin_x 
_pdbx_refine_tls.origin_y 
_pdbx_refine_tls.origin_z 
_pdbx_refine_tls.T[1][1] 
_pdbx_refine_tls.T[2][2] 
_pdbx_refine_tls.T[3][3] 
_pdbx_refine_tls.T[1][2] 
_pdbx_refine_tls.T[1][3] 
_pdbx_refine_tls.T[2][3] 
_pdbx_refine_tls.L[1][1] 
_pdbx_refine_tls.L[2][2] 
_pdbx_refine_tls.L[3][3] 
_pdbx_refine_tls.L[1][2] 
_pdbx_refine_tls.L[1][3] 
_pdbx_refine_tls.L[2][3] 
_pdbx_refine_tls.S[1][1] 
_pdbx_refine_tls.S[1][2] 
_pdbx_refine_tls.S[1][3] 
_pdbx_refine_tls.S[2][1] 
_pdbx_refine_tls.S[2][2] 
_pdbx_refine_tls.S[2][3] 
_pdbx_refine_tls.S[3][1] 
_pdbx_refine_tls.S[3][2] 
_pdbx_refine_tls.S[3][3] 
'X-RAY DIFFRACTION' 1 ? refined -18.2357 22.5192 25.5624 0.5456 0.1391 0.2219 0.0031 -0.1120 -0.0260 6.5855 5.0146 6.6978 0.7849  -0.2010 2.5705 0.0876  0.3921  -0.4524 -0.9027 -0.4310 0.4359  0.3850 -0.2893 0.3503 
'X-RAY DIFFRACTION' 2 ? refined 4.8579   -5.7067 -6.8889 0.7430 0.2211 0.1654 0.1360 0.1102  -0.0787 0.4772 1.7439 5.1362 -0.9803 -1.6433 3.0160 -0.0909 -0.0396 -0.0001 0.1642  0.1410  -0.0605 0.3814 0.2240  0.0285  
# 
loop_
_pdbx_refine_tls_group.pdbx_refine_id 
_pdbx_refine_tls_group.id 
_pdbx_refine_tls_group.refine_tls_id 
_pdbx_refine_tls_group.beg_auth_asym_id 
_pdbx_refine_tls_group.beg_auth_seq_id 
_pdbx_refine_tls_group.beg_label_asym_id 
_pdbx_refine_tls_group.beg_label_seq_id 
_pdbx_refine_tls_group.end_auth_asym_id 
_pdbx_refine_tls_group.end_auth_seq_id 
_pdbx_refine_tls_group.end_label_asym_id 
_pdbx_refine_tls_group.end_label_seq_id 
_pdbx_refine_tls_group.selection 
_pdbx_refine_tls_group.selection_details 
'X-RAY DIFFRACTION' 1 1 ? ? ? ? ? ? ? ? ? 
;chain 'A' and (resid 0 through 21 )
;
'X-RAY DIFFRACTION' 2 2 ? ? ? ? ? ? ? ? ? 
;chain 'A' and (resid 22 through 1731 )
;
# 
loop_
_software.citation_id 
_software.classification 
_software.compiler_name 
_software.compiler_version 
_software.contact_author 
_software.contact_author_email 
_software.date 
_software.description 
_software.dependencies 
_software.hardware 
_software.language 
_software.location 
_software.mods 
_software.name 
_software.os 
_software.os_version 
_software.type 
_software.version 
_software.pdbx_ordinal 
? refinement       ? ? ? ? ? ? ? ? ? ? ? PHENIX   ? ? ? '(1.11.1_2575)' 1 
? 'data reduction' ? ? ? ? ? ? ? ? ? ? ? HKL-2000 ? ? ? .               2 
? 'data scaling'   ? ? ? ? ? ? ? ? ? ? ? HKL-2000 ? ? ? .               3 
? phasing          ? ? ? ? ? ? ? ? ? ? ? PHASER   ? ? ? .               4 
# 
_pdbx_validate_torsion.id              1 
_pdbx_validate_torsion.PDB_model_num   1 
_pdbx_validate_torsion.auth_comp_id    ASN 
_pdbx_validate_torsion.auth_asym_id    A 
_pdbx_validate_torsion.auth_seq_id     1679 
_pdbx_validate_torsion.PDB_ins_code    ? 
_pdbx_validate_torsion.label_alt_id    ? 
_pdbx_validate_torsion.phi             -67.71 
_pdbx_validate_torsion.psi             4.90 
# 
loop_
_pdbx_unobs_or_zero_occ_residues.id 
_pdbx_unobs_or_zero_occ_residues.PDB_model_num 
_pdbx_unobs_or_zero_occ_residues.polymer_flag 
_pdbx_unobs_or_zero_occ_residues.occupancy_flag 
_pdbx_unobs_or_zero_occ_residues.auth_asym_id 
_pdbx_unobs_or_zero_occ_residues.auth_comp_id 
_pdbx_unobs_or_zero_occ_residues.auth_seq_id 
_pdbx_unobs_or_zero_occ_residues.PDB_ins_code 
_pdbx_unobs_or_zero_occ_residues.label_asym_id 
_pdbx_unobs_or_zero_occ_residues.label_comp_id 
_pdbx_unobs_or_zero_occ_residues.label_seq_id 
1  1 Y 1 A GLY -2   ? A GLY 1   
2  1 Y 1 A GLY -1   ? A GLY 2   
3  1 Y 1 A ALA 1732 ? A ALA 107 
4  1 Y 1 A ASP 1733 ? A ASP 108 
5  1 Y 1 A LEU 1734 ? A LEU 109 
6  1 Y 1 A SER 1735 ? A SER 110 
7  1 Y 1 A GLN 1736 ? A GLN 111 
8  1 Y 1 A LEU 1737 ? A LEU 112 
9  1 Y 1 A GLN 1738 ? A GLN 113 
10 1 Y 1 A THR 1739 ? A THR 114 
11 1 Y 1 A GLU 1740 ? A GLU 115 
12 1 Y 1 A VAL 1741 ? A VAL 116 
13 1 Y 1 A GLU 1742 ? A GLU 117 
14 1 Y 1 A GLU 1743 ? A GLU 118 
15 1 Y 1 A ALA 1744 ? A ALA 119 
16 1 Y 1 A VAL 1745 ? A VAL 120 
17 1 Y 1 A GLN 1746 ? A GLN 121 
18 1 Y 1 A GLU 1747 ? A GLU 122 
19 1 Y 1 A CYS 1748 ? A CYS 123 
20 1 Y 1 A ARG 1749 ? A ARG 124 
21 1 Y 1 A ASN 1750 ? A ASN 125 
22 1 Y 1 A ALA 1751 ? A ALA 126 
23 1 Y 1 A GLU 1752 ? A GLU 127 
24 1 Y 1 A GLU 1753 ? A GLU 128 
25 1 Y 1 A LYS 1754 ? A LYS 129 
26 1 Y 1 A ALA 1755 ? A ALA 130 
27 1 Y 1 A GLU 1756 ? A GLU 131 
28 1 Y 1 A ASP 1757 ? A ASP 132 
29 1 Y 1 A LEU 1758 ? A LEU 133 
30 1 Y 1 A GLU 1759 ? A GLU 134 
31 1 Y 1 A LYS 1760 ? A LYS 135 
32 1 Y 1 A GLU 1761 ? A GLU 136 
33 1 Y 1 A ARG 1762 ? A ARG 137 
34 1 Y 1 A ASP 1763 ? A ASP 138 
35 1 Y 1 A PHE 1764 ? A PHE 139 
36 1 Y 1 A TYR 1765 ? A TYR 140 
37 1 Y 1 A PHE 1766 ? A PHE 141 
38 1 Y 1 A GLY 1767 ? A GLY 142 
39 1 Y 1 A LYS 1768 ? A LYS 143 
40 1 Y 1 A LEU 1769 ? A LEU 144 
41 1 Y 1 A ARG 1770 ? A ARG 145 
42 1 Y 1 A ASN 1771 ? A ASN 146 
43 1 Y 1 A ILE 1772 ? A ILE 147 
44 1 Y 1 A GLU 1773 ? A GLU 148 
45 1 Y 1 A LEU 1774 ? A LEU 149 
46 1 Y 1 A ILE 1775 ? A ILE 150 
47 1 Y 1 A CYS 1776 ? A CYS 151 
48 1 Y 1 A GLN 1777 ? A GLN 152 
49 1 Y 1 A GLU 1778 ? A GLU 153 
50 1 Y 1 A ASN 1779 ? A ASN 154 
51 1 Y 1 A GLU 1780 ? A GLU 155 
52 1 Y 1 A GLY 1781 ? A GLY 156 
53 1 Y 1 A GLU 1782 ? A GLU 157 
54 1 Y 1 A ASN 1783 ? A ASN 158 
55 1 Y 1 A ASP 1784 ? A ASP 159 
56 1 Y 1 A PRO 1785 ? A PRO 160 
57 1 Y 1 A VAL 1786 ? A VAL 161 
58 1 Y 1 A LEU 1787 ? A LEU 162 
59 1 Y 1 A GLN 1788 ? A GLN 163 
60 1 Y 1 A ARG 1789 ? A ARG 164 
61 1 Y 1 A ILE 1790 ? A ILE 165 
62 1 Y 1 A VAL 1791 ? A VAL 166 
63 1 Y 1 A ASP 1792 ? A ASP 167 
64 1 Y 1 A ILE 1793 ? A ILE 168 
65 1 Y 1 A LEU 1794 ? A LEU 169 
66 1 Y 1 A TYR 1795 ? A TYR 170 
67 1 Y 1 A ALA 1796 ? A ALA 171 
68 1 Y 1 A THR 1797 ? A THR 172 
69 1 Y 1 A ASP 1798 ? A ASP 173 
70 1 Y 1 A GLU 1799 ? A GLU 174 
71 1 Y 1 A GLY 1800 ? A GLY 175 
72 1 Y 1 A PHE 1801 ? A PHE 176 
73 1 Y 1 A VAL 1802 ? A VAL 177 
74 1 Y 1 A ILE 1803 ? A ILE 178 
75 1 Y 1 A PRO 1804 ? A PRO 179 
76 1 Y 1 A ASP 1805 ? A ASP 180 
# 
loop_
_chem_comp_atom.comp_id 
_chem_comp_atom.atom_id 
_chem_comp_atom.type_symbol 
_chem_comp_atom.pdbx_aromatic_flag 
_chem_comp_atom.pdbx_stereo_config 
_chem_comp_atom.pdbx_ordinal 
ALA N    N N N 1   
ALA CA   C N S 2   
ALA C    C N N 3   
ALA O    O N N 4   
ALA CB   C N N 5   
ALA OXT  O N N 6   
ALA H    H N N 7   
ALA H2   H N N 8   
ALA HA   H N N 9   
ALA HB1  H N N 10  
ALA HB2  H N N 11  
ALA HB3  H N N 12  
ALA HXT  H N N 13  
ARG N    N N N 14  
ARG CA   C N S 15  
ARG C    C N N 16  
ARG O    O N N 17  
ARG CB   C N N 18  
ARG CG   C N N 19  
ARG CD   C N N 20  
ARG NE   N N N 21  
ARG CZ   C N N 22  
ARG NH1  N N N 23  
ARG NH2  N N N 24  
ARG OXT  O N N 25  
ARG H    H N N 26  
ARG H2   H N N 27  
ARG HA   H N N 28  
ARG HB2  H N N 29  
ARG HB3  H N N 30  
ARG HG2  H N N 31  
ARG HG3  H N N 32  
ARG HD2  H N N 33  
ARG HD3  H N N 34  
ARG HE   H N N 35  
ARG HH11 H N N 36  
ARG HH12 H N N 37  
ARG HH21 H N N 38  
ARG HH22 H N N 39  
ARG HXT  H N N 40  
ASN N    N N N 41  
ASN CA   C N S 42  
ASN C    C N N 43  
ASN O    O N N 44  
ASN CB   C N N 45  
ASN CG   C N N 46  
ASN OD1  O N N 47  
ASN ND2  N N N 48  
ASN OXT  O N N 49  
ASN H    H N N 50  
ASN H2   H N N 51  
ASN HA   H N N 52  
ASN HB2  H N N 53  
ASN HB3  H N N 54  
ASN HD21 H N N 55  
ASN HD22 H N N 56  
ASN HXT  H N N 57  
ASP N    N N N 58  
ASP CA   C N S 59  
ASP C    C N N 60  
ASP O    O N N 61  
ASP CB   C N N 62  
ASP CG   C N N 63  
ASP OD1  O N N 64  
ASP OD2  O N N 65  
ASP OXT  O N N 66  
ASP H    H N N 67  
ASP H2   H N N 68  
ASP HA   H N N 69  
ASP HB2  H N N 70  
ASP HB3  H N N 71  
ASP HD2  H N N 72  
ASP HXT  H N N 73  
CYS N    N N N 74  
CYS CA   C N R 75  
CYS C    C N N 76  
CYS O    O N N 77  
CYS CB   C N N 78  
CYS SG   S N N 79  
CYS OXT  O N N 80  
CYS H    H N N 81  
CYS H2   H N N 82  
CYS HA   H N N 83  
CYS HB2  H N N 84  
CYS HB3  H N N 85  
CYS HG   H N N 86  
CYS HXT  H N N 87  
GLN N    N N N 88  
GLN CA   C N S 89  
GLN C    C N N 90  
GLN O    O N N 91  
GLN CB   C N N 92  
GLN CG   C N N 93  
GLN CD   C N N 94  
GLN OE1  O N N 95  
GLN NE2  N N N 96  
GLN OXT  O N N 97  
GLN H    H N N 98  
GLN H2   H N N 99  
GLN HA   H N N 100 
GLN HB2  H N N 101 
GLN HB3  H N N 102 
GLN HG2  H N N 103 
GLN HG3  H N N 104 
GLN HE21 H N N 105 
GLN HE22 H N N 106 
GLN HXT  H N N 107 
GLU N    N N N 108 
GLU CA   C N S 109 
GLU C    C N N 110 
GLU O    O N N 111 
GLU CB   C N N 112 
GLU CG   C N N 113 
GLU CD   C N N 114 
GLU OE1  O N N 115 
GLU OE2  O N N 116 
GLU OXT  O N N 117 
GLU H    H N N 118 
GLU H2   H N N 119 
GLU HA   H N N 120 
GLU HB2  H N N 121 
GLU HB3  H N N 122 
GLU HG2  H N N 123 
GLU HG3  H N N 124 
GLU HE2  H N N 125 
GLU HXT  H N N 126 
GLY N    N N N 127 
GLY CA   C N N 128 
GLY C    C N N 129 
GLY O    O N N 130 
GLY OXT  O N N 131 
GLY H    H N N 132 
GLY H2   H N N 133 
GLY HA2  H N N 134 
GLY HA3  H N N 135 
GLY HXT  H N N 136 
HIS N    N N N 137 
HIS CA   C N S 138 
HIS C    C N N 139 
HIS O    O N N 140 
HIS CB   C N N 141 
HIS CG   C Y N 142 
HIS ND1  N Y N 143 
HIS CD2  C Y N 144 
HIS CE1  C Y N 145 
HIS NE2  N Y N 146 
HIS OXT  O N N 147 
HIS H    H N N 148 
HIS H2   H N N 149 
HIS HA   H N N 150 
HIS HB2  H N N 151 
HIS HB3  H N N 152 
HIS HD1  H N N 153 
HIS HD2  H N N 154 
HIS HE1  H N N 155 
HIS HE2  H N N 156 
HIS HXT  H N N 157 
HOH O    O N N 158 
HOH H1   H N N 159 
HOH H2   H N N 160 
ILE N    N N N 161 
ILE CA   C N S 162 
ILE C    C N N 163 
ILE O    O N N 164 
ILE CB   C N S 165 
ILE CG1  C N N 166 
ILE CG2  C N N 167 
ILE CD1  C N N 168 
ILE OXT  O N N 169 
ILE H    H N N 170 
ILE H2   H N N 171 
ILE HA   H N N 172 
ILE HB   H N N 173 
ILE HG12 H N N 174 
ILE HG13 H N N 175 
ILE HG21 H N N 176 
ILE HG22 H N N 177 
ILE HG23 H N N 178 
ILE HD11 H N N 179 
ILE HD12 H N N 180 
ILE HD13 H N N 181 
ILE HXT  H N N 182 
LEU N    N N N 183 
LEU CA   C N S 184 
LEU C    C N N 185 
LEU O    O N N 186 
LEU CB   C N N 187 
LEU CG   C N N 188 
LEU CD1  C N N 189 
LEU CD2  C N N 190 
LEU OXT  O N N 191 
LEU H    H N N 192 
LEU H2   H N N 193 
LEU HA   H N N 194 
LEU HB2  H N N 195 
LEU HB3  H N N 196 
LEU HG   H N N 197 
LEU HD11 H N N 198 
LEU HD12 H N N 199 
LEU HD13 H N N 200 
LEU HD21 H N N 201 
LEU HD22 H N N 202 
LEU HD23 H N N 203 
LEU HXT  H N N 204 
LYS N    N N N 205 
LYS CA   C N S 206 
LYS C    C N N 207 
LYS O    O N N 208 
LYS CB   C N N 209 
LYS CG   C N N 210 
LYS CD   C N N 211 
LYS CE   C N N 212 
LYS NZ   N N N 213 
LYS OXT  O N N 214 
LYS H    H N N 215 
LYS H2   H N N 216 
LYS HA   H N N 217 
LYS HB2  H N N 218 
LYS HB3  H N N 219 
LYS HG2  H N N 220 
LYS HG3  H N N 221 
LYS HD2  H N N 222 
LYS HD3  H N N 223 
LYS HE2  H N N 224 
LYS HE3  H N N 225 
LYS HZ1  H N N 226 
LYS HZ2  H N N 227 
LYS HZ3  H N N 228 
LYS HXT  H N N 229 
MET N    N N N 230 
MET CA   C N S 231 
MET C    C N N 232 
MET O    O N N 233 
MET CB   C N N 234 
MET CG   C N N 235 
MET SD   S N N 236 
MET CE   C N N 237 
MET OXT  O N N 238 
MET H    H N N 239 
MET H2   H N N 240 
MET HA   H N N 241 
MET HB2  H N N 242 
MET HB3  H N N 243 
MET HG2  H N N 244 
MET HG3  H N N 245 
MET HE1  H N N 246 
MET HE2  H N N 247 
MET HE3  H N N 248 
MET HXT  H N N 249 
PHE N    N N N 250 
PHE CA   C N S 251 
PHE C    C N N 252 
PHE O    O N N 253 
PHE CB   C N N 254 
PHE CG   C Y N 255 
PHE CD1  C Y N 256 
PHE CD2  C Y N 257 
PHE CE1  C Y N 258 
PHE CE2  C Y N 259 
PHE CZ   C Y N 260 
PHE OXT  O N N 261 
PHE H    H N N 262 
PHE H2   H N N 263 
PHE HA   H N N 264 
PHE HB2  H N N 265 
PHE HB3  H N N 266 
PHE HD1  H N N 267 
PHE HD2  H N N 268 
PHE HE1  H N N 269 
PHE HE2  H N N 270 
PHE HZ   H N N 271 
PHE HXT  H N N 272 
PRO N    N N N 273 
PRO CA   C N S 274 
PRO C    C N N 275 
PRO O    O N N 276 
PRO CB   C N N 277 
PRO CG   C N N 278 
PRO CD   C N N 279 
PRO OXT  O N N 280 
PRO H    H N N 281 
PRO HA   H N N 282 
PRO HB2  H N N 283 
PRO HB3  H N N 284 
PRO HG2  H N N 285 
PRO HG3  H N N 286 
PRO HD2  H N N 287 
PRO HD3  H N N 288 
PRO HXT  H N N 289 
SER N    N N N 290 
SER CA   C N S 291 
SER C    C N N 292 
SER O    O N N 293 
SER CB   C N N 294 
SER OG   O N N 295 
SER OXT  O N N 296 
SER H    H N N 297 
SER H2   H N N 298 
SER HA   H N N 299 
SER HB2  H N N 300 
SER HB3  H N N 301 
SER HG   H N N 302 
SER HXT  H N N 303 
SO4 S    S N N 304 
SO4 O1   O N N 305 
SO4 O2   O N N 306 
SO4 O3   O N N 307 
SO4 O4   O N N 308 
THR N    N N N 309 
THR CA   C N S 310 
THR C    C N N 311 
THR O    O N N 312 
THR CB   C N R 313 
THR OG1  O N N 314 
THR CG2  C N N 315 
THR OXT  O N N 316 
THR H    H N N 317 
THR H2   H N N 318 
THR HA   H N N 319 
THR HB   H N N 320 
THR HG1  H N N 321 
THR HG21 H N N 322 
THR HG22 H N N 323 
THR HG23 H N N 324 
THR HXT  H N N 325 
TMO CAA  C N N 326 
TMO NAC  N N N 327 
TMO CAD  C N N 328 
TMO CAB  C N N 329 
TMO OAE  O N N 330 
TMO HAA  H N N 331 
TMO HAAA H N N 332 
TMO HAAB H N N 333 
TMO HAD  H N N 334 
TMO HADA H N N 335 
TMO HADB H N N 336 
TMO HAB  H N N 337 
TMO HABA H N N 338 
TMO HABB H N N 339 
TYR N    N N N 340 
TYR CA   C N S 341 
TYR C    C N N 342 
TYR O    O N N 343 
TYR CB   C N N 344 
TYR CG   C Y N 345 
TYR CD1  C Y N 346 
TYR CD2  C Y N 347 
TYR CE1  C Y N 348 
TYR CE2  C Y N 349 
TYR CZ   C Y N 350 
TYR OH   O N N 351 
TYR OXT  O N N 352 
TYR H    H N N 353 
TYR H2   H N N 354 
TYR HA   H N N 355 
TYR HB2  H N N 356 
TYR HB3  H N N 357 
TYR HD1  H N N 358 
TYR HD2  H N N 359 
TYR HE1  H N N 360 
TYR HE2  H N N 361 
TYR HH   H N N 362 
TYR HXT  H N N 363 
VAL N    N N N 364 
VAL CA   C N S 365 
VAL C    C N N 366 
VAL O    O N N 367 
VAL CB   C N N 368 
VAL CG1  C N N 369 
VAL CG2  C N N 370 
VAL OXT  O N N 371 
VAL H    H N N 372 
VAL H2   H N N 373 
VAL HA   H N N 374 
VAL HB   H N N 375 
VAL HG11 H N N 376 
VAL HG12 H N N 377 
VAL HG13 H N N 378 
VAL HG21 H N N 379 
VAL HG22 H N N 380 
VAL HG23 H N N 381 
VAL HXT  H N N 382 
# 
loop_
_chem_comp_bond.comp_id 
_chem_comp_bond.atom_id_1 
_chem_comp_bond.atom_id_2 
_chem_comp_bond.value_order 
_chem_comp_bond.pdbx_aromatic_flag 
_chem_comp_bond.pdbx_stereo_config 
_chem_comp_bond.pdbx_ordinal 
ALA N   CA   sing N N 1   
ALA N   H    sing N N 2   
ALA N   H2   sing N N 3   
ALA CA  C    sing N N 4   
ALA CA  CB   sing N N 5   
ALA CA  HA   sing N N 6   
ALA C   O    doub N N 7   
ALA C   OXT  sing N N 8   
ALA CB  HB1  sing N N 9   
ALA CB  HB2  sing N N 10  
ALA CB  HB3  sing N N 11  
ALA OXT HXT  sing N N 12  
ARG N   CA   sing N N 13  
ARG N   H    sing N N 14  
ARG N   H2   sing N N 15  
ARG CA  C    sing N N 16  
ARG CA  CB   sing N N 17  
ARG CA  HA   sing N N 18  
ARG C   O    doub N N 19  
ARG C   OXT  sing N N 20  
ARG CB  CG   sing N N 21  
ARG CB  HB2  sing N N 22  
ARG CB  HB3  sing N N 23  
ARG CG  CD   sing N N 24  
ARG CG  HG2  sing N N 25  
ARG CG  HG3  sing N N 26  
ARG CD  NE   sing N N 27  
ARG CD  HD2  sing N N 28  
ARG CD  HD3  sing N N 29  
ARG NE  CZ   sing N N 30  
ARG NE  HE   sing N N 31  
ARG CZ  NH1  sing N N 32  
ARG CZ  NH2  doub N N 33  
ARG NH1 HH11 sing N N 34  
ARG NH1 HH12 sing N N 35  
ARG NH2 HH21 sing N N 36  
ARG NH2 HH22 sing N N 37  
ARG OXT HXT  sing N N 38  
ASN N   CA   sing N N 39  
ASN N   H    sing N N 40  
ASN N   H2   sing N N 41  
ASN CA  C    sing N N 42  
ASN CA  CB   sing N N 43  
ASN CA  HA   sing N N 44  
ASN C   O    doub N N 45  
ASN C   OXT  sing N N 46  
ASN CB  CG   sing N N 47  
ASN CB  HB2  sing N N 48  
ASN CB  HB3  sing N N 49  
ASN CG  OD1  doub N N 50  
ASN CG  ND2  sing N N 51  
ASN ND2 HD21 sing N N 52  
ASN ND2 HD22 sing N N 53  
ASN OXT HXT  sing N N 54  
ASP N   CA   sing N N 55  
ASP N   H    sing N N 56  
ASP N   H2   sing N N 57  
ASP CA  C    sing N N 58  
ASP CA  CB   sing N N 59  
ASP CA  HA   sing N N 60  
ASP C   O    doub N N 61  
ASP C   OXT  sing N N 62  
ASP CB  CG   sing N N 63  
ASP CB  HB2  sing N N 64  
ASP CB  HB3  sing N N 65  
ASP CG  OD1  doub N N 66  
ASP CG  OD2  sing N N 67  
ASP OD2 HD2  sing N N 68  
ASP OXT HXT  sing N N 69  
CYS N   CA   sing N N 70  
CYS N   H    sing N N 71  
CYS N   H2   sing N N 72  
CYS CA  C    sing N N 73  
CYS CA  CB   sing N N 74  
CYS CA  HA   sing N N 75  
CYS C   O    doub N N 76  
CYS C   OXT  sing N N 77  
CYS CB  SG   sing N N 78  
CYS CB  HB2  sing N N 79  
CYS CB  HB3  sing N N 80  
CYS SG  HG   sing N N 81  
CYS OXT HXT  sing N N 82  
GLN N   CA   sing N N 83  
GLN N   H    sing N N 84  
GLN N   H2   sing N N 85  
GLN CA  C    sing N N 86  
GLN CA  CB   sing N N 87  
GLN CA  HA   sing N N 88  
GLN C   O    doub N N 89  
GLN C   OXT  sing N N 90  
GLN CB  CG   sing N N 91  
GLN CB  HB2  sing N N 92  
GLN CB  HB3  sing N N 93  
GLN CG  CD   sing N N 94  
GLN CG  HG2  sing N N 95  
GLN CG  HG3  sing N N 96  
GLN CD  OE1  doub N N 97  
GLN CD  NE2  sing N N 98  
GLN NE2 HE21 sing N N 99  
GLN NE2 HE22 sing N N 100 
GLN OXT HXT  sing N N 101 
GLU N   CA   sing N N 102 
GLU N   H    sing N N 103 
GLU N   H2   sing N N 104 
GLU CA  C    sing N N 105 
GLU CA  CB   sing N N 106 
GLU CA  HA   sing N N 107 
GLU C   O    doub N N 108 
GLU C   OXT  sing N N 109 
GLU CB  CG   sing N N 110 
GLU CB  HB2  sing N N 111 
GLU CB  HB3  sing N N 112 
GLU CG  CD   sing N N 113 
GLU CG  HG2  sing N N 114 
GLU CG  HG3  sing N N 115 
GLU CD  OE1  doub N N 116 
GLU CD  OE2  sing N N 117 
GLU OE2 HE2  sing N N 118 
GLU OXT HXT  sing N N 119 
GLY N   CA   sing N N 120 
GLY N   H    sing N N 121 
GLY N   H2   sing N N 122 
GLY CA  C    sing N N 123 
GLY CA  HA2  sing N N 124 
GLY CA  HA3  sing N N 125 
GLY C   O    doub N N 126 
GLY C   OXT  sing N N 127 
GLY OXT HXT  sing N N 128 
HIS N   CA   sing N N 129 
HIS N   H    sing N N 130 
HIS N   H2   sing N N 131 
HIS CA  C    sing N N 132 
HIS CA  CB   sing N N 133 
HIS CA  HA   sing N N 134 
HIS C   O    doub N N 135 
HIS C   OXT  sing N N 136 
HIS CB  CG   sing N N 137 
HIS CB  HB2  sing N N 138 
HIS CB  HB3  sing N N 139 
HIS CG  ND1  sing Y N 140 
HIS CG  CD2  doub Y N 141 
HIS ND1 CE1  doub Y N 142 
HIS ND1 HD1  sing N N 143 
HIS CD2 NE2  sing Y N 144 
HIS CD2 HD2  sing N N 145 
HIS CE1 NE2  sing Y N 146 
HIS CE1 HE1  sing N N 147 
HIS NE2 HE2  sing N N 148 
HIS OXT HXT  sing N N 149 
HOH O   H1   sing N N 150 
HOH O   H2   sing N N 151 
ILE N   CA   sing N N 152 
ILE N   H    sing N N 153 
ILE N   H2   sing N N 154 
ILE CA  C    sing N N 155 
ILE CA  CB   sing N N 156 
ILE CA  HA   sing N N 157 
ILE C   O    doub N N 158 
ILE C   OXT  sing N N 159 
ILE CB  CG1  sing N N 160 
ILE CB  CG2  sing N N 161 
ILE CB  HB   sing N N 162 
ILE CG1 CD1  sing N N 163 
ILE CG1 HG12 sing N N 164 
ILE CG1 HG13 sing N N 165 
ILE CG2 HG21 sing N N 166 
ILE CG2 HG22 sing N N 167 
ILE CG2 HG23 sing N N 168 
ILE CD1 HD11 sing N N 169 
ILE CD1 HD12 sing N N 170 
ILE CD1 HD13 sing N N 171 
ILE OXT HXT  sing N N 172 
LEU N   CA   sing N N 173 
LEU N   H    sing N N 174 
LEU N   H2   sing N N 175 
LEU CA  C    sing N N 176 
LEU CA  CB   sing N N 177 
LEU CA  HA   sing N N 178 
LEU C   O    doub N N 179 
LEU C   OXT  sing N N 180 
LEU CB  CG   sing N N 181 
LEU CB  HB2  sing N N 182 
LEU CB  HB3  sing N N 183 
LEU CG  CD1  sing N N 184 
LEU CG  CD2  sing N N 185 
LEU CG  HG   sing N N 186 
LEU CD1 HD11 sing N N 187 
LEU CD1 HD12 sing N N 188 
LEU CD1 HD13 sing N N 189 
LEU CD2 HD21 sing N N 190 
LEU CD2 HD22 sing N N 191 
LEU CD2 HD23 sing N N 192 
LEU OXT HXT  sing N N 193 
LYS N   CA   sing N N 194 
LYS N   H    sing N N 195 
LYS N   H2   sing N N 196 
LYS CA  C    sing N N 197 
LYS CA  CB   sing N N 198 
LYS CA  HA   sing N N 199 
LYS C   O    doub N N 200 
LYS C   OXT  sing N N 201 
LYS CB  CG   sing N N 202 
LYS CB  HB2  sing N N 203 
LYS CB  HB3  sing N N 204 
LYS CG  CD   sing N N 205 
LYS CG  HG2  sing N N 206 
LYS CG  HG3  sing N N 207 
LYS CD  CE   sing N N 208 
LYS CD  HD2  sing N N 209 
LYS CD  HD3  sing N N 210 
LYS CE  NZ   sing N N 211 
LYS CE  HE2  sing N N 212 
LYS CE  HE3  sing N N 213 
LYS NZ  HZ1  sing N N 214 
LYS NZ  HZ2  sing N N 215 
LYS NZ  HZ3  sing N N 216 
LYS OXT HXT  sing N N 217 
MET N   CA   sing N N 218 
MET N   H    sing N N 219 
MET N   H2   sing N N 220 
MET CA  C    sing N N 221 
MET CA  CB   sing N N 222 
MET CA  HA   sing N N 223 
MET C   O    doub N N 224 
MET C   OXT  sing N N 225 
MET CB  CG   sing N N 226 
MET CB  HB2  sing N N 227 
MET CB  HB3  sing N N 228 
MET CG  SD   sing N N 229 
MET CG  HG2  sing N N 230 
MET CG  HG3  sing N N 231 
MET SD  CE   sing N N 232 
MET CE  HE1  sing N N 233 
MET CE  HE2  sing N N 234 
MET CE  HE3  sing N N 235 
MET OXT HXT  sing N N 236 
PHE N   CA   sing N N 237 
PHE N   H    sing N N 238 
PHE N   H2   sing N N 239 
PHE CA  C    sing N N 240 
PHE CA  CB   sing N N 241 
PHE CA  HA   sing N N 242 
PHE C   O    doub N N 243 
PHE C   OXT  sing N N 244 
PHE CB  CG   sing N N 245 
PHE CB  HB2  sing N N 246 
PHE CB  HB3  sing N N 247 
PHE CG  CD1  doub Y N 248 
PHE CG  CD2  sing Y N 249 
PHE CD1 CE1  sing Y N 250 
PHE CD1 HD1  sing N N 251 
PHE CD2 CE2  doub Y N 252 
PHE CD2 HD2  sing N N 253 
PHE CE1 CZ   doub Y N 254 
PHE CE1 HE1  sing N N 255 
PHE CE2 CZ   sing Y N 256 
PHE CE2 HE2  sing N N 257 
PHE CZ  HZ   sing N N 258 
PHE OXT HXT  sing N N 259 
PRO N   CA   sing N N 260 
PRO N   CD   sing N N 261 
PRO N   H    sing N N 262 
PRO CA  C    sing N N 263 
PRO CA  CB   sing N N 264 
PRO CA  HA   sing N N 265 
PRO C   O    doub N N 266 
PRO C   OXT  sing N N 267 
PRO CB  CG   sing N N 268 
PRO CB  HB2  sing N N 269 
PRO CB  HB3  sing N N 270 
PRO CG  CD   sing N N 271 
PRO CG  HG2  sing N N 272 
PRO CG  HG3  sing N N 273 
PRO CD  HD2  sing N N 274 
PRO CD  HD3  sing N N 275 
PRO OXT HXT  sing N N 276 
SER N   CA   sing N N 277 
SER N   H    sing N N 278 
SER N   H2   sing N N 279 
SER CA  C    sing N N 280 
SER CA  CB   sing N N 281 
SER CA  HA   sing N N 282 
SER C   O    doub N N 283 
SER C   OXT  sing N N 284 
SER CB  OG   sing N N 285 
SER CB  HB2  sing N N 286 
SER CB  HB3  sing N N 287 
SER OG  HG   sing N N 288 
SER OXT HXT  sing N N 289 
SO4 S   O1   doub N N 290 
SO4 S   O2   doub N N 291 
SO4 S   O3   sing N N 292 
SO4 S   O4   sing N N 293 
THR N   CA   sing N N 294 
THR N   H    sing N N 295 
THR N   H2   sing N N 296 
THR CA  C    sing N N 297 
THR CA  CB   sing N N 298 
THR CA  HA   sing N N 299 
THR C   O    doub N N 300 
THR C   OXT  sing N N 301 
THR CB  OG1  sing N N 302 
THR CB  CG2  sing N N 303 
THR CB  HB   sing N N 304 
THR OG1 HG1  sing N N 305 
THR CG2 HG21 sing N N 306 
THR CG2 HG22 sing N N 307 
THR CG2 HG23 sing N N 308 
THR OXT HXT  sing N N 309 
TMO CAA NAC  sing N N 310 
TMO CAA HAA  sing N N 311 
TMO CAA HAAA sing N N 312 
TMO CAA HAAB sing N N 313 
TMO NAC CAD  sing N N 314 
TMO NAC CAB  sing N N 315 
TMO NAC OAE  sing N N 316 
TMO CAD HAD  sing N N 317 
TMO CAD HADA sing N N 318 
TMO CAD HADB sing N N 319 
TMO CAB HAB  sing N N 320 
TMO CAB HABA sing N N 321 
TMO CAB HABB sing N N 322 
TYR N   CA   sing N N 323 
TYR N   H    sing N N 324 
TYR N   H2   sing N N 325 
TYR CA  C    sing N N 326 
TYR CA  CB   sing N N 327 
TYR CA  HA   sing N N 328 
TYR C   O    doub N N 329 
TYR C   OXT  sing N N 330 
TYR CB  CG   sing N N 331 
TYR CB  HB2  sing N N 332 
TYR CB  HB3  sing N N 333 
TYR CG  CD1  doub Y N 334 
TYR CG  CD2  sing Y N 335 
TYR CD1 CE1  sing Y N 336 
TYR CD1 HD1  sing N N 337 
TYR CD2 CE2  doub Y N 338 
TYR CD2 HD2  sing N N 339 
TYR CE1 CZ   doub Y N 340 
TYR CE1 HE1  sing N N 341 
TYR CE2 CZ   sing Y N 342 
TYR CE2 HE2  sing N N 343 
TYR CZ  OH   sing N N 344 
TYR OH  HH   sing N N 345 
TYR OXT HXT  sing N N 346 
VAL N   CA   sing N N 347 
VAL N   H    sing N N 348 
VAL N   H2   sing N N 349 
VAL CA  C    sing N N 350 
VAL CA  CB   sing N N 351 
VAL CA  HA   sing N N 352 
VAL C   O    doub N N 353 
VAL C   OXT  sing N N 354 
VAL CB  CG1  sing N N 355 
VAL CB  CG2  sing N N 356 
VAL CB  HB   sing N N 357 
VAL CG1 HG11 sing N N 358 
VAL CG1 HG12 sing N N 359 
VAL CG1 HG13 sing N N 360 
VAL CG2 HG21 sing N N 361 
VAL CG2 HG22 sing N N 362 
VAL CG2 HG23 sing N N 363 
VAL OXT HXT  sing N N 364 
# 
_pdbx_audit_support.funding_organization   'National Institutes of Health/National Heart, Lung, and Blood Institute (NIH/NHLBI)' 
_pdbx_audit_support.country                'United States' 
_pdbx_audit_support.grant_number           'R21 HL111237' 
_pdbx_audit_support.ordinal                1 
# 
loop_
_pdbx_entity_nonpoly.entity_id 
_pdbx_entity_nonpoly.name 
_pdbx_entity_nonpoly.comp_id 
2 'SULFATE ION'          SO4 
3 'trimethylamine oxide' TMO 
4 water                  HOH 
# 
_pdbx_initial_refinement_model.id               1 
_pdbx_initial_refinement_model.entity_id_list   ? 
_pdbx_initial_refinement_model.type             'experimental model' 
_pdbx_initial_refinement_model.source_name      PDB 
_pdbx_initial_refinement_model.accession_code   1IK9 
_pdbx_initial_refinement_model.details          ? 
# 
_pdbx_struct_assembly_auth_evidence.id                     1 
_pdbx_struct_assembly_auth_evidence.assembly_id            1 
_pdbx_struct_assembly_auth_evidence.experimental_support   none 
_pdbx_struct_assembly_auth_evidence.details                ? 
# 
